data_3S8N
# 
_entry.id   3S8N 
# 
_audit_conform.dict_name       mmcif_pdbx.dic 
_audit_conform.dict_version    5.398 
_audit_conform.dict_location   http://mmcif.pdb.org/dictionaries/ascii/mmcif_pdbx.dic 
# 
loop_
_database_2.database_id 
_database_2.database_code 
_database_2.pdbx_database_accession 
_database_2.pdbx_DOI 
PDB   3S8N         pdb_00003s8n 10.2210/pdb3s8n/pdb 
RCSB  RCSB065899   ?            ?                   
WWPDB D_1000065899 ?            ?                   
# 
loop_
_pdbx_audit_revision_history.ordinal 
_pdbx_audit_revision_history.data_content_type 
_pdbx_audit_revision_history.major_revision 
_pdbx_audit_revision_history.minor_revision 
_pdbx_audit_revision_history.revision_date 
1 'Structure model' 1 0 2011-11-02 
2 'Structure model' 1 1 2011-12-07 
3 'Structure model' 1 2 2023-09-13 
4 'Structure model' 1 3 2023-12-06 
5 'Structure model' 1 4 2024-11-06 
# 
_pdbx_audit_revision_details.ordinal             1 
_pdbx_audit_revision_details.revision_ordinal    1 
_pdbx_audit_revision_details.data_content_type   'Structure model' 
_pdbx_audit_revision_details.provider            repository 
_pdbx_audit_revision_details.type                'Initial release' 
_pdbx_audit_revision_details.description         ? 
_pdbx_audit_revision_details.details             ? 
# 
loop_
_pdbx_audit_revision_group.ordinal 
_pdbx_audit_revision_group.revision_ordinal 
_pdbx_audit_revision_group.data_content_type 
_pdbx_audit_revision_group.group 
1 2 'Structure model' 'Database references'    
2 3 'Structure model' 'Data collection'        
3 3 'Structure model' 'Database references'    
4 3 'Structure model' 'Derived calculations'   
5 3 'Structure model' 'Refinement description' 
6 4 'Structure model' 'Data collection'        
7 5 'Structure model' 'Structure summary'      
# 
loop_
_pdbx_audit_revision_category.ordinal 
_pdbx_audit_revision_category.revision_ordinal 
_pdbx_audit_revision_category.data_content_type 
_pdbx_audit_revision_category.category 
1  3 'Structure model' chem_comp_atom                
2  3 'Structure model' chem_comp_bond                
3  3 'Structure model' database_2                    
4  3 'Structure model' pdbx_initial_refinement_model 
5  3 'Structure model' struct_conn                   
6  3 'Structure model' struct_ref_seq_dif            
7  4 'Structure model' chem_comp_atom                
8  4 'Structure model' chem_comp_bond                
9  5 'Structure model' pdbx_entry_details            
10 5 'Structure model' pdbx_modification_feature     
# 
loop_
_pdbx_audit_revision_item.ordinal 
_pdbx_audit_revision_item.revision_ordinal 
_pdbx_audit_revision_item.data_content_type 
_pdbx_audit_revision_item.item 
1 3 'Structure model' '_database_2.pdbx_DOI'                
2 3 'Structure model' '_database_2.pdbx_database_accession' 
3 3 'Structure model' '_struct_conn.pdbx_leaving_atom_flag' 
4 3 'Structure model' '_struct_ref_seq_dif.details'         
5 4 'Structure model' '_chem_comp_atom.atom_id'             
6 4 'Structure model' '_chem_comp_bond.atom_id_2'           
# 
_pdbx_database_status.status_code                     REL 
_pdbx_database_status.entry_id                        3S8N 
_pdbx_database_status.recvd_initial_deposition_date   2011-05-29 
_pdbx_database_status.deposit_site                    RCSB 
_pdbx_database_status.process_site                    RCSB 
_pdbx_database_status.status_code_sf                  REL 
_pdbx_database_status.status_code_mr                  ? 
_pdbx_database_status.SG_entry                        ? 
_pdbx_database_status.status_code_cs                  ? 
_pdbx_database_status.pdb_format_compatible           Y 
_pdbx_database_status.status_code_nmr_data            ? 
_pdbx_database_status.methods_development_category    ? 
# 
loop_
_pdbx_database_related.db_name 
_pdbx_database_related.db_id 
_pdbx_database_related.details 
_pdbx_database_related.content_type 
PDB 3S8L . unspecified 
PDB 3OV1 . unspecified 
PDB 3OVE . unspecified 
PDB 3S8O . unspecified 
# 
loop_
_audit_author.name 
_audit_author.pdbx_ordinal 
'Clements, J.H.' 1 
'Stephen, F.M.'  2 
# 
_citation.id                        primary 
_citation.title                     
'Protein-ligand interactions: thermodynamic effects associated with increasing nonpolar surface area.' 
_citation.journal_abbrev            J.Am.Chem.Soc. 
_citation.journal_volume            133 
_citation.page_first                18518 
_citation.page_last                 18521 
_citation.year                      2011 
_citation.journal_id_ASTM           JACSAT 
_citation.country                   US 
_citation.journal_id_ISSN           0002-7863 
_citation.journal_id_CSD            0004 
_citation.book_publisher            ? 
_citation.pdbx_database_id_PubMed   22007755 
_citation.pdbx_database_id_DOI      10.1021/ja2068752 
# 
loop_
_citation_author.citation_id 
_citation_author.name 
_citation_author.ordinal 
_citation_author.identifier_ORCID 
primary 'Myslinski, J.M.' 1 ? 
primary 'Delorbe, J.E.'   2 ? 
primary 'Clements, J.H.'  3 ? 
primary 'Martin, S.F.'    4 ? 
# 
loop_
_entity.id 
_entity.type 
_entity.src_method 
_entity.pdbx_description 
_entity.formula_weight 
_entity.pdbx_number_of_molecules 
_entity.pdbx_ec 
_entity.pdbx_mutation 
_entity.pdbx_fragment 
_entity.details 
1 polymer     man 'Growth factor receptor-bound protein 2' 13758.543 1  ? ? 'unp residues 53-163' ? 
2 polymer     syn pYAc5cN                                  510.458   1  ? ? ?                     ? 
3 non-polymer syn GLYCEROL                                 92.094    3  ? ? ?                     ? 
4 non-polymer syn 'CHLORIDE ION'                           35.453    2  ? ? ?                     ? 
5 water       nat water                                    18.015    62 ? ? ?                     ? 
# 
_entity_name_com.entity_id   1 
_entity_name_com.name        'Adapter protein GRB2, Protein Ash, SH2/SH3 adapter GRB2' 
# 
loop_
_entity_poly.entity_id 
_entity_poly.type 
_entity_poly.nstd_linkage 
_entity_poly.nstd_monomer 
_entity_poly.pdbx_seq_one_letter_code 
_entity_poly.pdbx_seq_one_letter_code_can 
_entity_poly.pdbx_strand_id 
_entity_poly.pdbx_target_identifier 
1 'polypeptide(L)' no no  
;IEMKPHPWFFGKIPRAKAEEMLSKQRHDGAFLIRESESAPGDFSLSVKFGNDVQHFKVLRDGAGKYFLWVVKFNSLNELV
DYHRSTSVSRNQQIFLRDIEQVPQQPTYVQAHHHHHH
;
;IEMKPHPWFFGKIPRAKAEEMLSKQRHDGAFLIRESESAPGDFSLSVKFGNDVQHFKVLRDGAGKYFLWVVKFNSLNELV
DYHRSTSVSRNQQIFLRDIEQVPQQPTYVQAHHHHHH
;
A ? 
2 'polypeptide(L)' no yes '(ACE)(PTR)(AC5)N(NH2)' XYXNX B ? 
# 
loop_
_pdbx_entity_nonpoly.entity_id 
_pdbx_entity_nonpoly.name 
_pdbx_entity_nonpoly.comp_id 
3 GLYCEROL       GOL 
4 'CHLORIDE ION' CL  
5 water          HOH 
# 
loop_
_entity_poly_seq.entity_id 
_entity_poly_seq.num 
_entity_poly_seq.mon_id 
_entity_poly_seq.hetero 
1 1   ILE n 
1 2   GLU n 
1 3   MET n 
1 4   LYS n 
1 5   PRO n 
1 6   HIS n 
1 7   PRO n 
1 8   TRP n 
1 9   PHE n 
1 10  PHE n 
1 11  GLY n 
1 12  LYS n 
1 13  ILE n 
1 14  PRO n 
1 15  ARG n 
1 16  ALA n 
1 17  LYS n 
1 18  ALA n 
1 19  GLU n 
1 20  GLU n 
1 21  MET n 
1 22  LEU n 
1 23  SER n 
1 24  LYS n 
1 25  GLN n 
1 26  ARG n 
1 27  HIS n 
1 28  ASP n 
1 29  GLY n 
1 30  ALA n 
1 31  PHE n 
1 32  LEU n 
1 33  ILE n 
1 34  ARG n 
1 35  GLU n 
1 36  SER n 
1 37  GLU n 
1 38  SER n 
1 39  ALA n 
1 40  PRO n 
1 41  GLY n 
1 42  ASP n 
1 43  PHE n 
1 44  SER n 
1 45  LEU n 
1 46  SER n 
1 47  VAL n 
1 48  LYS n 
1 49  PHE n 
1 50  GLY n 
1 51  ASN n 
1 52  ASP n 
1 53  VAL n 
1 54  GLN n 
1 55  HIS n 
1 56  PHE n 
1 57  LYS n 
1 58  VAL n 
1 59  LEU n 
1 60  ARG n 
1 61  ASP n 
1 62  GLY n 
1 63  ALA n 
1 64  GLY n 
1 65  LYS n 
1 66  TYR n 
1 67  PHE n 
1 68  LEU n 
1 69  TRP n 
1 70  VAL n 
1 71  VAL n 
1 72  LYS n 
1 73  PHE n 
1 74  ASN n 
1 75  SER n 
1 76  LEU n 
1 77  ASN n 
1 78  GLU n 
1 79  LEU n 
1 80  VAL n 
1 81  ASP n 
1 82  TYR n 
1 83  HIS n 
1 84  ARG n 
1 85  SER n 
1 86  THR n 
1 87  SER n 
1 88  VAL n 
1 89  SER n 
1 90  ARG n 
1 91  ASN n 
1 92  GLN n 
1 93  GLN n 
1 94  ILE n 
1 95  PHE n 
1 96  LEU n 
1 97  ARG n 
1 98  ASP n 
1 99  ILE n 
1 100 GLU n 
1 101 GLN n 
1 102 VAL n 
1 103 PRO n 
1 104 GLN n 
1 105 GLN n 
1 106 PRO n 
1 107 THR n 
1 108 TYR n 
1 109 VAL n 
1 110 GLN n 
1 111 ALA n 
1 112 HIS n 
1 113 HIS n 
1 114 HIS n 
1 115 HIS n 
1 116 HIS n 
1 117 HIS n 
2 1   ACE n 
2 2   PTR n 
2 3   AC5 n 
2 4   ASN n 
2 5   NH2 n 
# 
_entity_src_gen.entity_id                          1 
_entity_src_gen.pdbx_src_id                        1 
_entity_src_gen.pdbx_alt_source_flag               sample 
_entity_src_gen.pdbx_seq_type                      ? 
_entity_src_gen.pdbx_beg_seq_num                   ? 
_entity_src_gen.pdbx_end_seq_num                   ? 
_entity_src_gen.gene_src_common_name               human 
_entity_src_gen.gene_src_genus                     ? 
_entity_src_gen.pdbx_gene_src_gene                 'GRB2, ASH' 
_entity_src_gen.gene_src_species                   ? 
_entity_src_gen.gene_src_strain                    ? 
_entity_src_gen.gene_src_tissue                    ? 
_entity_src_gen.gene_src_tissue_fraction           ? 
_entity_src_gen.gene_src_details                   ? 
_entity_src_gen.pdbx_gene_src_fragment             ? 
_entity_src_gen.pdbx_gene_src_scientific_name      'Homo sapiens' 
_entity_src_gen.pdbx_gene_src_ncbi_taxonomy_id     9606 
_entity_src_gen.pdbx_gene_src_variant              ? 
_entity_src_gen.pdbx_gene_src_cell_line            ? 
_entity_src_gen.pdbx_gene_src_atcc                 ? 
_entity_src_gen.pdbx_gene_src_organ                ? 
_entity_src_gen.pdbx_gene_src_organelle            ? 
_entity_src_gen.pdbx_gene_src_cell                 ? 
_entity_src_gen.pdbx_gene_src_cellular_location    ? 
_entity_src_gen.host_org_common_name               ? 
_entity_src_gen.pdbx_host_org_scientific_name      'Escherichia coli' 
_entity_src_gen.pdbx_host_org_ncbi_taxonomy_id     562 
_entity_src_gen.host_org_genus                     ? 
_entity_src_gen.pdbx_host_org_gene                 ? 
_entity_src_gen.pdbx_host_org_organ                ? 
_entity_src_gen.host_org_species                   ? 
_entity_src_gen.pdbx_host_org_tissue               ? 
_entity_src_gen.pdbx_host_org_tissue_fraction      ? 
_entity_src_gen.pdbx_host_org_strain               SG13009 
_entity_src_gen.pdbx_host_org_variant              ? 
_entity_src_gen.pdbx_host_org_cell_line            ? 
_entity_src_gen.pdbx_host_org_atcc                 ? 
_entity_src_gen.pdbx_host_org_culture_collection   ? 
_entity_src_gen.pdbx_host_org_cell                 ? 
_entity_src_gen.pdbx_host_org_organelle            ? 
_entity_src_gen.pdbx_host_org_cellular_location    ? 
_entity_src_gen.pdbx_host_org_vector_type          plasmid 
_entity_src_gen.pdbx_host_org_vector               ? 
_entity_src_gen.host_org_details                   ? 
_entity_src_gen.expression_system_id               ? 
_entity_src_gen.plasmid_name                       pQE-60 
_entity_src_gen.plasmid_details                    ? 
_entity_src_gen.pdbx_description                   ? 
# 
loop_
_chem_comp.id 
_chem_comp.type 
_chem_comp.mon_nstd_flag 
_chem_comp.name 
_chem_comp.pdbx_synonyms 
_chem_comp.formula 
_chem_comp.formula_weight 
AC5 'peptide linking'   . '1-AMINOCYCLOPENTANECARBOXYLIC ACID' CYCLO-LEUCINE                   'C6 H11 N O2'    129.157 
ACE non-polymer         . 'ACETYL GROUP'                       ?                               'C2 H4 O'        44.053  
ALA 'L-peptide linking' y ALANINE                              ?                               'C3 H7 N O2'     89.093  
ARG 'L-peptide linking' y ARGININE                             ?                               'C6 H15 N4 O2 1' 175.209 
ASN 'L-peptide linking' y ASPARAGINE                           ?                               'C4 H8 N2 O3'    132.118 
ASP 'L-peptide linking' y 'ASPARTIC ACID'                      ?                               'C4 H7 N O4'     133.103 
CL  non-polymer         . 'CHLORIDE ION'                       ?                               'Cl -1'          35.453  
GLN 'L-peptide linking' y GLUTAMINE                            ?                               'C5 H10 N2 O3'   146.144 
GLU 'L-peptide linking' y 'GLUTAMIC ACID'                      ?                               'C5 H9 N O4'     147.129 
GLY 'peptide linking'   y GLYCINE                              ?                               'C2 H5 N O2'     75.067  
GOL non-polymer         . GLYCEROL                             'GLYCERIN; PROPANE-1,2,3-TRIOL' 'C3 H8 O3'       92.094  
HIS 'L-peptide linking' y HISTIDINE                            ?                               'C6 H10 N3 O2 1' 156.162 
HOH non-polymer         . WATER                                ?                               'H2 O'           18.015  
ILE 'L-peptide linking' y ISOLEUCINE                           ?                               'C6 H13 N O2'    131.173 
LEU 'L-peptide linking' y LEUCINE                              ?                               'C6 H13 N O2'    131.173 
LYS 'L-peptide linking' y LYSINE                               ?                               'C6 H15 N2 O2 1' 147.195 
MET 'L-peptide linking' y METHIONINE                           ?                               'C5 H11 N O2 S'  149.211 
NH2 non-polymer         . 'AMINO GROUP'                        ?                               'H2 N'           16.023  
PHE 'L-peptide linking' y PHENYLALANINE                        ?                               'C9 H11 N O2'    165.189 
PRO 'L-peptide linking' y PROLINE                              ?                               'C5 H9 N O2'     115.130 
PTR 'L-peptide linking' n O-PHOSPHOTYROSINE                    PHOSPHONOTYROSINE               'C9 H12 N O6 P'  261.168 
SER 'L-peptide linking' y SERINE                               ?                               'C3 H7 N O3'     105.093 
THR 'L-peptide linking' y THREONINE                            ?                               'C4 H9 N O3'     119.119 
TRP 'L-peptide linking' y TRYPTOPHAN                           ?                               'C11 H12 N2 O2'  204.225 
TYR 'L-peptide linking' y TYROSINE                             ?                               'C9 H11 N O3'    181.189 
VAL 'L-peptide linking' y VALINE                               ?                               'C5 H11 N O2'    117.146 
# 
loop_
_pdbx_poly_seq_scheme.asym_id 
_pdbx_poly_seq_scheme.entity_id 
_pdbx_poly_seq_scheme.seq_id 
_pdbx_poly_seq_scheme.mon_id 
_pdbx_poly_seq_scheme.ndb_seq_num 
_pdbx_poly_seq_scheme.pdb_seq_num 
_pdbx_poly_seq_scheme.auth_seq_num 
_pdbx_poly_seq_scheme.pdb_mon_id 
_pdbx_poly_seq_scheme.auth_mon_id 
_pdbx_poly_seq_scheme.pdb_strand_id 
_pdbx_poly_seq_scheme.pdb_ins_code 
_pdbx_poly_seq_scheme.hetero 
A 1 1   ILE 1   53  ?   ?   ?   A . n 
A 1 2   GLU 2   54  54  GLU GLU A . n 
A 1 3   MET 3   55  55  MET MET A . n 
A 1 4   LYS 4   56  56  LYS LYS A . n 
A 1 5   PRO 5   57  57  PRO PRO A . n 
A 1 6   HIS 6   58  58  HIS HIS A . n 
A 1 7   PRO 7   59  59  PRO PRO A . n 
A 1 8   TRP 8   60  60  TRP TRP A . n 
A 1 9   PHE 9   61  61  PHE PHE A . n 
A 1 10  PHE 10  62  62  PHE PHE A . n 
A 1 11  GLY 11  63  63  GLY GLY A . n 
A 1 12  LYS 12  64  64  LYS LYS A . n 
A 1 13  ILE 13  65  65  ILE ILE A . n 
A 1 14  PRO 14  66  66  PRO PRO A . n 
A 1 15  ARG 15  67  67  ARG ARG A . n 
A 1 16  ALA 16  68  68  ALA ALA A . n 
A 1 17  LYS 17  69  69  LYS LYS A . n 
A 1 18  ALA 18  70  70  ALA ALA A . n 
A 1 19  GLU 19  71  71  GLU GLU A . n 
A 1 20  GLU 20  72  72  GLU GLU A . n 
A 1 21  MET 21  73  73  MET MET A . n 
A 1 22  LEU 22  74  74  LEU LEU A . n 
A 1 23  SER 23  75  75  SER SER A . n 
A 1 24  LYS 24  76  76  LYS LYS A . n 
A 1 25  GLN 25  77  77  GLN GLN A . n 
A 1 26  ARG 26  78  78  ARG ARG A . n 
A 1 27  HIS 27  79  79  HIS HIS A . n 
A 1 28  ASP 28  80  80  ASP ASP A . n 
A 1 29  GLY 29  81  81  GLY GLY A . n 
A 1 30  ALA 30  82  82  ALA ALA A . n 
A 1 31  PHE 31  83  83  PHE PHE A . n 
A 1 32  LEU 32  84  84  LEU LEU A . n 
A 1 33  ILE 33  85  85  ILE ILE A . n 
A 1 34  ARG 34  86  86  ARG ARG A . n 
A 1 35  GLU 35  87  87  GLU GLU A . n 
A 1 36  SER 36  88  88  SER SER A . n 
A 1 37  GLU 37  89  89  GLU GLU A . n 
A 1 38  SER 38  90  90  SER SER A . n 
A 1 39  ALA 39  91  91  ALA ALA A . n 
A 1 40  PRO 40  92  92  PRO PRO A . n 
A 1 41  GLY 41  93  93  GLY GLY A . n 
A 1 42  ASP 42  94  94  ASP ASP A . n 
A 1 43  PHE 43  95  95  PHE PHE A . n 
A 1 44  SER 44  96  96  SER SER A . n 
A 1 45  LEU 45  97  97  LEU LEU A . n 
A 1 46  SER 46  98  98  SER SER A . n 
A 1 47  VAL 47  99  99  VAL VAL A . n 
A 1 48  LYS 48  100 100 LYS LYS A . n 
A 1 49  PHE 49  101 101 PHE PHE A . n 
A 1 50  GLY 50  102 102 GLY GLY A . n 
A 1 51  ASN 51  103 103 ASN ASN A . n 
A 1 52  ASP 52  104 104 ASP ASP A . n 
A 1 53  VAL 53  105 105 VAL VAL A . n 
A 1 54  GLN 54  106 106 GLN GLN A . n 
A 1 55  HIS 55  107 107 HIS HIS A . n 
A 1 56  PHE 56  108 108 PHE PHE A . n 
A 1 57  LYS 57  109 109 LYS LYS A . n 
A 1 58  VAL 58  110 110 VAL VAL A . n 
A 1 59  LEU 59  111 111 LEU LEU A . n 
A 1 60  ARG 60  112 112 ARG ARG A . n 
A 1 61  ASP 61  113 113 ASP ASP A . n 
A 1 62  GLY 62  114 114 GLY GLY A . n 
A 1 63  ALA 63  115 115 ALA ALA A . n 
A 1 64  GLY 64  116 116 GLY GLY A . n 
A 1 65  LYS 65  117 117 LYS LYS A . n 
A 1 66  TYR 66  118 118 TYR TYR A . n 
A 1 67  PHE 67  119 119 PHE PHE A . n 
A 1 68  LEU 68  120 120 LEU LEU A . n 
A 1 69  TRP 69  121 121 TRP TRP A . n 
A 1 70  VAL 70  122 122 VAL VAL A . n 
A 1 71  VAL 71  123 123 VAL VAL A . n 
A 1 72  LYS 72  124 124 LYS LYS A . n 
A 1 73  PHE 73  125 125 PHE PHE A . n 
A 1 74  ASN 74  126 126 ASN ASN A . n 
A 1 75  SER 75  127 127 SER SER A . n 
A 1 76  LEU 76  128 128 LEU LEU A . n 
A 1 77  ASN 77  129 129 ASN ASN A . n 
A 1 78  GLU 78  130 130 GLU GLU A . n 
A 1 79  LEU 79  131 131 LEU LEU A . n 
A 1 80  VAL 80  132 132 VAL VAL A . n 
A 1 81  ASP 81  133 133 ASP ASP A . n 
A 1 82  TYR 82  134 134 TYR TYR A . n 
A 1 83  HIS 83  135 135 HIS HIS A . n 
A 1 84  ARG 84  136 136 ARG ARG A . n 
A 1 85  SER 85  137 137 SER SER A . n 
A 1 86  THR 86  138 138 THR THR A . n 
A 1 87  SER 87  139 139 SER SER A . n 
A 1 88  VAL 88  140 140 VAL VAL A . n 
A 1 89  SER 89  141 141 SER SER A . n 
A 1 90  ARG 90  142 142 ARG ARG A . n 
A 1 91  ASN 91  143 143 ASN ASN A . n 
A 1 92  GLN 92  144 144 GLN GLN A . n 
A 1 93  GLN 93  145 145 GLN GLN A . n 
A 1 94  ILE 94  146 146 ILE ILE A . n 
A 1 95  PHE 95  147 147 PHE PHE A . n 
A 1 96  LEU 96  148 148 LEU LEU A . n 
A 1 97  ARG 97  149 149 ARG ARG A . n 
A 1 98  ASP 98  150 150 ASP ASP A . n 
A 1 99  ILE 99  151 151 ILE ILE A . n 
A 1 100 GLU 100 152 152 GLU GLU A . n 
A 1 101 GLN 101 153 153 GLN GLN A . n 
A 1 102 VAL 102 154 154 VAL VAL A . n 
A 1 103 PRO 103 155 ?   ?   ?   A . n 
A 1 104 GLN 104 156 ?   ?   ?   A . n 
A 1 105 GLN 105 157 ?   ?   ?   A . n 
A 1 106 PRO 106 158 ?   ?   ?   A . n 
A 1 107 THR 107 159 ?   ?   ?   A . n 
A 1 108 TYR 108 160 ?   ?   ?   A . n 
A 1 109 VAL 109 161 ?   ?   ?   A . n 
A 1 110 GLN 110 162 ?   ?   ?   A . n 
A 1 111 ALA 111 163 ?   ?   ?   A . n 
A 1 112 HIS 112 164 ?   ?   ?   A . n 
A 1 113 HIS 113 165 ?   ?   ?   A . n 
A 1 114 HIS 114 166 ?   ?   ?   A . n 
A 1 115 HIS 115 167 ?   ?   ?   A . n 
A 1 116 HIS 116 168 ?   ?   ?   A . n 
A 1 117 HIS 117 169 ?   ?   ?   A . n 
B 2 1   ACE 1   1   1   ACE ACY B . n 
B 2 2   PTR 2   2   2   PTR PTR B . n 
B 2 3   AC5 3   3   3   AC5 AC5 B . n 
B 2 4   ASN 4   4   4   ASN ASN B . n 
B 2 5   NH2 5   5   5   NH2 NH2 B . n 
# 
loop_
_pdbx_nonpoly_scheme.asym_id 
_pdbx_nonpoly_scheme.entity_id 
_pdbx_nonpoly_scheme.mon_id 
_pdbx_nonpoly_scheme.ndb_seq_num 
_pdbx_nonpoly_scheme.pdb_seq_num 
_pdbx_nonpoly_scheme.auth_seq_num 
_pdbx_nonpoly_scheme.pdb_mon_id 
_pdbx_nonpoly_scheme.auth_mon_id 
_pdbx_nonpoly_scheme.pdb_strand_id 
_pdbx_nonpoly_scheme.pdb_ins_code 
C 3 GOL 1  1   1  GOL GOL A . 
D 3 GOL 1  3   3  GOL GOL A . 
E 4 CL  1  4   4  CL  CL  A . 
F 4 CL  1  5   5  CL  CL  A . 
G 3 GOL 1  6   2  GOL GOL B . 
H 5 HOH 1  6   6  HOH HOH A . 
H 5 HOH 2  7   7  HOH HOH A . 
H 5 HOH 3  9   9  HOH HOH A . 
H 5 HOH 4  10  10 HOH HOH A . 
H 5 HOH 5  11  11 HOH HOH A . 
H 5 HOH 6  12  12 HOH HOH A . 
H 5 HOH 7  13  13 HOH HOH A . 
H 5 HOH 8  14  14 HOH HOH A . 
H 5 HOH 9  15  15 HOH HOH A . 
H 5 HOH 10 16  16 HOH HOH A . 
H 5 HOH 11 17  17 HOH HOH A . 
H 5 HOH 12 18  18 HOH HOH A . 
H 5 HOH 13 19  19 HOH HOH A . 
H 5 HOH 14 20  20 HOH HOH A . 
H 5 HOH 15 21  21 HOH HOH A . 
H 5 HOH 16 22  22 HOH HOH A . 
H 5 HOH 17 23  23 HOH HOH A . 
H 5 HOH 18 24  24 HOH HOH A . 
H 5 HOH 19 25  25 HOH HOH A . 
H 5 HOH 20 26  26 HOH HOH A . 
H 5 HOH 21 27  27 HOH HOH A . 
H 5 HOH 22 28  28 HOH HOH A . 
H 5 HOH 23 29  29 HOH HOH A . 
H 5 HOH 24 30  30 HOH HOH A . 
H 5 HOH 25 31  31 HOH HOH A . 
H 5 HOH 26 32  32 HOH HOH A . 
H 5 HOH 27 33  33 HOH HOH A . 
H 5 HOH 28 34  34 HOH HOH A . 
H 5 HOH 29 35  35 HOH HOH A . 
H 5 HOH 30 36  36 HOH HOH A . 
H 5 HOH 31 37  37 HOH HOH A . 
H 5 HOH 32 38  38 HOH HOH A . 
H 5 HOH 33 39  39 HOH HOH A . 
H 5 HOH 34 40  40 HOH HOH A . 
H 5 HOH 35 41  41 HOH HOH A . 
H 5 HOH 36 42  42 HOH HOH A . 
H 5 HOH 37 43  43 HOH HOH A . 
H 5 HOH 38 44  44 HOH HOH A . 
H 5 HOH 39 45  45 HOH HOH A . 
H 5 HOH 40 48  48 HOH HOH A . 
H 5 HOH 41 49  49 HOH HOH A . 
H 5 HOH 42 50  50 HOH HOH A . 
H 5 HOH 43 51  51 HOH HOH A . 
H 5 HOH 44 52  52 HOH HOH A . 
H 5 HOH 45 170 3  HOH HOH A . 
H 5 HOH 46 171 4  HOH HOH A . 
H 5 HOH 47 172 5  HOH HOH A . 
H 5 HOH 48 173 53 HOH HOH A . 
H 5 HOH 49 174 54 HOH HOH A . 
H 5 HOH 50 175 55 HOH HOH A . 
H 5 HOH 51 176 56 HOH HOH A . 
H 5 HOH 52 177 57 HOH HOH A . 
H 5 HOH 53 178 58 HOH HOH A . 
H 5 HOH 54 179 60 HOH HOH A . 
H 5 HOH 55 180 61 HOH HOH A . 
H 5 HOH 56 181 62 HOH HOH A . 
I 5 HOH 1  7   1  HOH HOH B . 
I 5 HOH 2  8   8  HOH HOH B . 
I 5 HOH 3  9   2  HOH HOH B . 
I 5 HOH 4  46  46 HOH HOH B . 
I 5 HOH 5  47  47 HOH HOH B . 
I 5 HOH 6  59  59 HOH HOH B . 
# 
loop_
_pdbx_unobs_or_zero_occ_atoms.id 
_pdbx_unobs_or_zero_occ_atoms.PDB_model_num 
_pdbx_unobs_or_zero_occ_atoms.polymer_flag 
_pdbx_unobs_or_zero_occ_atoms.occupancy_flag 
_pdbx_unobs_or_zero_occ_atoms.auth_asym_id 
_pdbx_unobs_or_zero_occ_atoms.auth_comp_id 
_pdbx_unobs_or_zero_occ_atoms.auth_seq_id 
_pdbx_unobs_or_zero_occ_atoms.PDB_ins_code 
_pdbx_unobs_or_zero_occ_atoms.auth_atom_id 
_pdbx_unobs_or_zero_occ_atoms.label_alt_id 
_pdbx_unobs_or_zero_occ_atoms.label_asym_id 
_pdbx_unobs_or_zero_occ_atoms.label_comp_id 
_pdbx_unobs_or_zero_occ_atoms.label_seq_id 
_pdbx_unobs_or_zero_occ_atoms.label_atom_id 
1 1 Y 0 A GLU 54 ? CB  ? A GLU 2 CB  
2 1 Y 0 A GLU 54 ? CG  ? A GLU 2 CG  
3 1 Y 0 A GLU 54 ? CD  ? A GLU 2 CD  
4 1 Y 0 A GLU 54 ? OE1 ? A GLU 2 OE1 
5 1 Y 0 A GLU 54 ? OE2 ? A GLU 2 OE2 
6 1 Y 0 A LYS 56 ? CE  ? A LYS 4 CE  
7 1 Y 0 A LYS 56 ? NZ  ? A LYS 4 NZ  
# 
loop_
_software.name 
_software.classification 
_software.version 
_software.citation_id 
_software.pdbx_ordinal 
CrystalClear 'data collection' .        ? 1 
PHASER       phasing           .        ? 2 
REFMAC       refinement        5.5.0109 ? 3 
HKL-2000     'data reduction'  .        ? 4 
HKL-2000     'data scaling'    .        ? 5 
# 
_cell.entry_id           3S8N 
_cell.length_a           42.071 
_cell.length_b           42.071 
_cell.length_c           109.006 
_cell.angle_alpha        90.00 
_cell.angle_beta         90.00 
_cell.angle_gamma        90.00 
_cell.Z_PDB              8 
_cell.pdbx_unique_axis   ? 
_cell.length_a_esd       ? 
_cell.length_b_esd       ? 
_cell.length_c_esd       ? 
_cell.angle_alpha_esd    ? 
_cell.angle_beta_esd     ? 
_cell.angle_gamma_esd    ? 
# 
_symmetry.entry_id                         3S8N 
_symmetry.space_group_name_H-M             'P 43 21 2' 
_symmetry.pdbx_full_space_group_name_H-M   ? 
_symmetry.cell_setting                     ? 
_symmetry.Int_Tables_number                96 
_symmetry.space_group_name_Hall            ? 
# 
_exptl.entry_id          3S8N 
_exptl.method            'X-RAY DIFFRACTION' 
_exptl.crystals_number   1 
# 
_exptl_crystal.id                    1 
_exptl_crystal.density_meas          ? 
_exptl_crystal.density_Matthews      1.69 
_exptl_crystal.density_percent_sol   27.2 
_exptl_crystal.description           ? 
_exptl_crystal.F_000                 ? 
_exptl_crystal.preparation           ? 
# 
_exptl_crystal_grow.crystal_id      1 
_exptl_crystal_grow.method          'VAPOR DIFFUSION, HANGING DROP' 
_exptl_crystal_grow.temp            298 
_exptl_crystal_grow.temp_details    ? 
_exptl_crystal_grow.pH              7.5 
_exptl_crystal_grow.pdbx_pH_range   ? 
_exptl_crystal_grow.pdbx_details    '0.1 M HEPES, 4.3 M sodium chloride, pH 7.5, VAPOR DIFFUSION, HANGING DROP, temperature 298K' 
# 
_diffrn.id                     1 
_diffrn.ambient_temp           100 
_diffrn.ambient_temp_details   ? 
_diffrn.crystal_id             1 
# 
_diffrn_detector.diffrn_id              1 
_diffrn_detector.detector               'IMAGE PLATE' 
_diffrn_detector.type                   'RIGAKU RAXIS IV++' 
_diffrn_detector.pdbx_collection_date   2011-03-25 
_diffrn_detector.details                ? 
# 
_diffrn_radiation.diffrn_id                        1 
_diffrn_radiation.wavelength_id                    1 
_diffrn_radiation.pdbx_monochromatic_or_laue_m_l   M 
_diffrn_radiation.monochromator                    'Blue max-flux confocal' 
_diffrn_radiation.pdbx_diffrn_protocol             'SINGLE WAVELENGTH' 
_diffrn_radiation.pdbx_scattering_type             x-ray 
# 
_diffrn_radiation_wavelength.id           1 
_diffrn_radiation_wavelength.wavelength   1.5418 
_diffrn_radiation_wavelength.wt           1.0 
# 
_diffrn_source.diffrn_id                   1 
_diffrn_source.source                      'ROTATING ANODE' 
_diffrn_source.type                        'RIGAKU RU200' 
_diffrn_source.pdbx_synchrotron_site       ? 
_diffrn_source.pdbx_synchrotron_beamline   ? 
_diffrn_source.pdbx_wavelength             ? 
_diffrn_source.pdbx_wavelength_list        1.5418 
# 
_reflns.pdbx_diffrn_id               1 
_reflns.pdbx_ordinal                 1 
_reflns.entry_id                     3S8N 
_reflns.observed_criterion_sigma_I   ? 
_reflns.observed_criterion_sigma_F   ? 
_reflns.d_resolution_low             50.00 
_reflns.d_resolution_high            1.71 
_reflns.number_obs                   11119 
_reflns.number_all                   11311 
_reflns.percent_possible_obs         98.3 
_reflns.pdbx_Rmerge_I_obs            ? 
_reflns.pdbx_Rsym_value              0.066 
_reflns.pdbx_netI_over_sigmaI        28.2 
_reflns.B_iso_Wilson_estimate        ? 
_reflns.pdbx_redundancy              8.4 
_reflns.R_free_details               ? 
_reflns.limit_h_max                  ? 
_reflns.limit_h_min                  ? 
_reflns.limit_k_max                  ? 
_reflns.limit_k_min                  ? 
_reflns.limit_l_max                  ? 
_reflns.limit_l_min                  ? 
_reflns.observed_criterion_F_max     ? 
_reflns.observed_criterion_F_min     ? 
_reflns.pdbx_chi_squared             ? 
_reflns.pdbx_scaling_rejects         ? 
# 
_reflns_shell.pdbx_diffrn_id         1 
_reflns_shell.pdbx_ordinal           1 
_reflns_shell.d_res_high             1.71 
_reflns_shell.d_res_low              1.77 
_reflns_shell.percent_possible_all   ? 
_reflns_shell.Rmerge_I_obs           ? 
_reflns_shell.pdbx_Rsym_value        0.496 
_reflns_shell.meanI_over_sigI_obs    4.9 
_reflns_shell.pdbx_redundancy        7.9 
_reflns_shell.percent_possible_obs   ? 
_reflns_shell.number_unique_all      ? 
_reflns_shell.number_measured_all    ? 
_reflns_shell.number_measured_obs    ? 
_reflns_shell.number_unique_obs      ? 
_reflns_shell.pdbx_chi_squared       ? 
# 
_refine.pdbx_refine_id                           'X-RAY DIFFRACTION' 
_refine.entry_id                                 3S8N 
_refine.pdbx_diffrn_id                           1 
_refine.pdbx_TLS_residual_ADP_flag               ? 
_refine.ls_number_reflns_obs                     10475 
_refine.ls_number_reflns_all                     ? 
_refine.pdbx_ls_sigma_I                          ? 
_refine.pdbx_ls_sigma_F                          . 
_refine.pdbx_data_cutoff_high_absF               ? 
_refine.pdbx_data_cutoff_low_absF                ? 
_refine.pdbx_data_cutoff_high_rms_absF           ? 
_refine.ls_d_res_low                             39.25 
_refine.ls_d_res_high                            1.71 
_refine.ls_percent_reflns_obs                    97.63 
_refine.ls_R_factor_obs                          0.19391 
_refine.ls_R_factor_all                          ? 
_refine.ls_R_factor_R_work                       0.19124 
_refine.ls_R_factor_R_free                       0.24424 
_refine.ls_R_factor_R_free_error                 ? 
_refine.ls_R_factor_R_free_error_details         ? 
_refine.ls_percent_reflns_R_free                 4.8 
_refine.ls_number_reflns_R_free                  528 
_refine.ls_number_parameters                     ? 
_refine.ls_number_restraints                     ? 
_refine.occupancy_min                            ? 
_refine.occupancy_max                            ? 
_refine.correlation_coeff_Fo_to_Fc               0.963 
_refine.correlation_coeff_Fo_to_Fc_free          0.926 
_refine.B_iso_mean                               28.561 
_refine.aniso_B[1][1]                            -1.02 
_refine.aniso_B[2][2]                            -1.02 
_refine.aniso_B[3][3]                            2.03 
_refine.aniso_B[1][2]                            0.00 
_refine.aniso_B[1][3]                            0.00 
_refine.aniso_B[2][3]                            0.00 
_refine.solvent_model_details                    MASK 
_refine.solvent_model_param_ksol                 ? 
_refine.solvent_model_param_bsol                 ? 
_refine.pdbx_solvent_vdw_probe_radii             1.40 
_refine.pdbx_solvent_ion_probe_radii             0.80 
_refine.pdbx_solvent_shrinkage_radii             0.80 
_refine.pdbx_ls_cross_valid_method               THROUGHOUT 
_refine.details                                  'HYDROGENS HAVE BEEN ADDED IN THE RIDING POSITIONS' 
_refine.pdbx_starting_model                      3OV1 
_refine.pdbx_method_to_determine_struct          'MOLECULAR REPLACEMENT' 
_refine.pdbx_isotropic_thermal_model             ? 
_refine.pdbx_stereochemistry_target_values       'MAXIMUM LIKELIHOOD' 
_refine.pdbx_stereochem_target_val_spec_case     ? 
_refine.pdbx_R_Free_selection_details            RANDOM 
_refine.pdbx_overall_ESU_R                       0.103 
_refine.pdbx_overall_ESU_R_Free                  0.132 
_refine.overall_SU_ML                            0.000 
_refine.pdbx_overall_phase_error                 ? 
_refine.overall_SU_B                             0.007 
_refine.overall_SU_R_Cruickshank_DPI             ? 
_refine.pdbx_overall_SU_R_free_Cruickshank_DPI   ? 
_refine.pdbx_overall_SU_R_Blow_DPI               ? 
_refine.pdbx_overall_SU_R_free_Blow_DPI          ? 
_refine.ls_redundancy_reflns_obs                 ? 
_refine.B_iso_min                                ? 
_refine.B_iso_max                                ? 
_refine.overall_SU_R_free                        ? 
_refine.ls_wR_factor_R_free                      ? 
_refine.ls_wR_factor_R_work                      ? 
_refine.overall_FOM_free_R_set                   ? 
_refine.overall_FOM_work_R_set                   ? 
# 
_refine_hist.pdbx_refine_id                   'X-RAY DIFFRACTION' 
_refine_hist.cycle_id                         LAST 
_refine_hist.pdbx_number_atoms_protein        870 
_refine_hist.pdbx_number_atoms_nucleic_acid   0 
_refine_hist.pdbx_number_atoms_ligand         20 
_refine_hist.number_atoms_solvent             62 
_refine_hist.number_atoms_total               952 
_refine_hist.d_res_high                       1.71 
_refine_hist.d_res_low                        39.25 
# 
loop_
_refine_ls_restr.type 
_refine_ls_restr.dev_ideal 
_refine_ls_restr.dev_ideal_target 
_refine_ls_restr.weight 
_refine_ls_restr.number 
_refine_ls_restr.pdbx_refine_id 
_refine_ls_restr.pdbx_restraint_function 
r_bond_refined_d             0.022  0.022  ? 954  'X-RAY DIFFRACTION' ? 
r_bond_other_d               ?      ?      ? ?    'X-RAY DIFFRACTION' ? 
r_angle_refined_deg          1.966  1.980  ? 1291 'X-RAY DIFFRACTION' ? 
r_angle_other_deg            ?      ?      ? ?    'X-RAY DIFFRACTION' ? 
r_dihedral_angle_1_deg       8.017  5.000  ? 112  'X-RAY DIFFRACTION' ? 
r_dihedral_angle_2_deg       30.162 23.261 ? 46   'X-RAY DIFFRACTION' ? 
r_dihedral_angle_3_deg       14.608 15.000 ? 160  'X-RAY DIFFRACTION' ? 
r_dihedral_angle_4_deg       19.121 15.000 ? 7    'X-RAY DIFFRACTION' ? 
r_chiral_restr               0.155  0.200  ? 131  'X-RAY DIFFRACTION' ? 
r_gen_planes_refined         0.012  0.021  ? 745  'X-RAY DIFFRACTION' ? 
r_gen_planes_other           ?      ?      ? ?    'X-RAY DIFFRACTION' ? 
r_nbd_refined                ?      ?      ? ?    'X-RAY DIFFRACTION' ? 
r_nbd_other                  ?      ?      ? ?    'X-RAY DIFFRACTION' ? 
r_nbtor_refined              ?      ?      ? ?    'X-RAY DIFFRACTION' ? 
r_nbtor_other                ?      ?      ? ?    'X-RAY DIFFRACTION' ? 
r_xyhbond_nbd_refined        ?      ?      ? ?    'X-RAY DIFFRACTION' ? 
r_xyhbond_nbd_other          ?      ?      ? ?    'X-RAY DIFFRACTION' ? 
r_metal_ion_refined          ?      ?      ? ?    'X-RAY DIFFRACTION' ? 
r_metal_ion_other            ?      ?      ? ?    'X-RAY DIFFRACTION' ? 
r_symmetry_vdw_refined       ?      ?      ? ?    'X-RAY DIFFRACTION' ? 
r_symmetry_vdw_other         ?      ?      ? ?    'X-RAY DIFFRACTION' ? 
r_symmetry_hbond_refined     ?      ?      ? ?    'X-RAY DIFFRACTION' ? 
r_symmetry_hbond_other       ?      ?      ? ?    'X-RAY DIFFRACTION' ? 
r_symmetry_metal_ion_refined ?      ?      ? ?    'X-RAY DIFFRACTION' ? 
r_symmetry_metal_ion_other   ?      ?      ? ?    'X-RAY DIFFRACTION' ? 
r_mcbond_it                  1.296  1.500  ? 543  'X-RAY DIFFRACTION' ? 
r_mcbond_other               ?      ?      ? ?    'X-RAY DIFFRACTION' ? 
r_mcangle_it                 2.080  2.000  ? 883  'X-RAY DIFFRACTION' ? 
r_scbond_it                  2.963  3.000  ? 411  'X-RAY DIFFRACTION' ? 
r_scangle_it                 4.433  4.500  ? 408  'X-RAY DIFFRACTION' ? 
r_rigid_bond_restr           ?      ?      ? ?    'X-RAY DIFFRACTION' ? 
r_sphericity_free            ?      ?      ? ?    'X-RAY DIFFRACTION' ? 
r_sphericity_bonded          ?      ?      ? ?    'X-RAY DIFFRACTION' ? 
# 
_refine_ls_shell.pdbx_refine_id                   'X-RAY DIFFRACTION' 
_refine_ls_shell.pdbx_total_number_of_bins_used   20 
_refine_ls_shell.d_res_high                       1.709 
_refine_ls_shell.d_res_low                        1.753 
_refine_ls_shell.number_reflns_R_work             767 
_refine_ls_shell.R_factor_R_work                  0.336 
_refine_ls_shell.percent_reflns_obs               97.69 
_refine_ls_shell.R_factor_R_free                  0.408 
_refine_ls_shell.R_factor_R_free_error            ? 
_refine_ls_shell.percent_reflns_R_free            ? 
_refine_ls_shell.number_reflns_R_free             38 
_refine_ls_shell.number_reflns_all                ? 
_refine_ls_shell.R_factor_all                     ? 
_refine_ls_shell.redundancy_reflns_obs            ? 
_refine_ls_shell.number_reflns_obs                ? 
# 
_struct.entry_id                  3S8N 
_struct.title                     'Crystal Structure of the Grb2 SH2 Domain in Complex with a pYXN-Derived Tripeptide' 
_struct.pdbx_model_details        ? 
_struct.pdbx_CASP_flag            ? 
_struct.pdbx_model_type_details   ? 
# 
_struct_keywords.entry_id        3S8N 
_struct_keywords.pdbx_keywords   'SIGNALING PROTEIN/ANTAGONIST' 
_struct_keywords.text            'Grb2 SH2 domain, phosphotyrosine-containing tripeptide, SIGNALING PROTEIN-ANTAGONIST complex' 
# 
loop_
_struct_asym.id 
_struct_asym.pdbx_blank_PDB_chainid_flag 
_struct_asym.pdbx_modified 
_struct_asym.entity_id 
_struct_asym.details 
A N N 1 ? 
B N N 2 ? 
C N N 3 ? 
D N N 3 ? 
E N N 4 ? 
F N N 4 ? 
G N N 3 ? 
H N N 5 ? 
I N N 5 ? 
# 
loop_
_struct_ref.id 
_struct_ref.db_name 
_struct_ref.db_code 
_struct_ref.pdbx_db_accession 
_struct_ref.entity_id 
_struct_ref.pdbx_seq_one_letter_code 
_struct_ref.pdbx_align_begin 
_struct_ref.pdbx_db_isoform 
1 UNP GRB2_HUMAN P62993 1 
;IEMKPHPWFFGKIPRAKAEEMLSKQRHDGAFLIRESESAPGDFSLSVKFGNDVQHFKVLRDGAGKYFLWVVKFNSLNELV
DYHRSTSVSRNQQIFLRDIEQVPQQPTYVQA
;
53 ? 
2 PDB 3S8N       3S8N   2 ? ?  ? 
# 
loop_
_struct_ref_seq.align_id 
_struct_ref_seq.ref_id 
_struct_ref_seq.pdbx_PDB_id_code 
_struct_ref_seq.pdbx_strand_id 
_struct_ref_seq.seq_align_beg 
_struct_ref_seq.pdbx_seq_align_beg_ins_code 
_struct_ref_seq.seq_align_end 
_struct_ref_seq.pdbx_seq_align_end_ins_code 
_struct_ref_seq.pdbx_db_accession 
_struct_ref_seq.db_align_beg 
_struct_ref_seq.pdbx_db_align_beg_ins_code 
_struct_ref_seq.db_align_end 
_struct_ref_seq.pdbx_db_align_end_ins_code 
_struct_ref_seq.pdbx_auth_seq_align_beg 
_struct_ref_seq.pdbx_auth_seq_align_end 
1 1 3S8N A 1 ? 111 ? P62993 53 ? 163 ? 53 163 
2 2 3S8N B 1 ? 5   ? 3S8N   1  ? 5   ? 1  5   
# 
loop_
_struct_ref_seq_dif.align_id 
_struct_ref_seq_dif.pdbx_pdb_id_code 
_struct_ref_seq_dif.mon_id 
_struct_ref_seq_dif.pdbx_pdb_strand_id 
_struct_ref_seq_dif.seq_num 
_struct_ref_seq_dif.pdbx_pdb_ins_code 
_struct_ref_seq_dif.pdbx_seq_db_name 
_struct_ref_seq_dif.pdbx_seq_db_accession_code 
_struct_ref_seq_dif.db_mon_id 
_struct_ref_seq_dif.pdbx_seq_db_seq_num 
_struct_ref_seq_dif.details 
_struct_ref_seq_dif.pdbx_auth_seq_num 
_struct_ref_seq_dif.pdbx_ordinal 
1 3S8N HIS A 112 ? UNP P62993 ? ? 'expression tag' 164 1 
1 3S8N HIS A 113 ? UNP P62993 ? ? 'expression tag' 165 2 
1 3S8N HIS A 114 ? UNP P62993 ? ? 'expression tag' 166 3 
1 3S8N HIS A 115 ? UNP P62993 ? ? 'expression tag' 167 4 
1 3S8N HIS A 116 ? UNP P62993 ? ? 'expression tag' 168 5 
1 3S8N HIS A 117 ? UNP P62993 ? ? 'expression tag' 169 6 
# 
loop_
_pdbx_struct_assembly.id 
_pdbx_struct_assembly.details 
_pdbx_struct_assembly.method_details 
_pdbx_struct_assembly.oligomeric_details 
_pdbx_struct_assembly.oligomeric_count 
1 author_and_software_defined_assembly PISA dimeric    2 
2 software_defined_assembly            PISA tetrameric 4 
# 
loop_
_pdbx_struct_assembly_prop.biol_id 
_pdbx_struct_assembly_prop.type 
_pdbx_struct_assembly_prop.value 
_pdbx_struct_assembly_prop.details 
1 'ABSA (A^2)' 1780  ? 
1 MORE         -24   ? 
1 'SSA (A^2)'  6320  ? 
2 'ABSA (A^2)' 5900  ? 
2 MORE         -61   ? 
2 'SSA (A^2)'  10290 ? 
# 
loop_
_pdbx_struct_assembly_gen.assembly_id 
_pdbx_struct_assembly_gen.oper_expression 
_pdbx_struct_assembly_gen.asym_id_list 
1 1   A,B,C,D,E,F,G,H,I 
2 1,2 A,B,C,D,E,F,G,H,I 
# 
loop_
_pdbx_struct_oper_list.id 
_pdbx_struct_oper_list.type 
_pdbx_struct_oper_list.name 
_pdbx_struct_oper_list.symmetry_operation 
_pdbx_struct_oper_list.matrix[1][1] 
_pdbx_struct_oper_list.matrix[1][2] 
_pdbx_struct_oper_list.matrix[1][3] 
_pdbx_struct_oper_list.vector[1] 
_pdbx_struct_oper_list.matrix[2][1] 
_pdbx_struct_oper_list.matrix[2][2] 
_pdbx_struct_oper_list.matrix[2][3] 
_pdbx_struct_oper_list.vector[2] 
_pdbx_struct_oper_list.matrix[3][1] 
_pdbx_struct_oper_list.matrix[3][2] 
_pdbx_struct_oper_list.matrix[3][3] 
_pdbx_struct_oper_list.vector[3] 
1 'identity operation'         1_555 x,y,z  1.0000000000 0.0000000000 0.0000000000  0.0000000000   0.0000000000 1.0000000000  0.0000000000  0.0000000000  0.0000000000  0.0000000000  1.0000000000  0.0000000000   
2 'crystal symmetry operation' 7_555 y,x,-z 0.3882139617 0.9215247067 -0.0090628255 -10.2411805182 0.9215247067 -0.3882731275 -0.0060160882 15.3016730320 -0.0090628255 -0.0060160882 -0.9999408342 -12.8083705054 
# 
_struct_biol.id        1 
_struct_biol.details   ? 
# 
loop_
_struct_conf.conf_type_id 
_struct_conf.id 
_struct_conf.pdbx_PDB_helix_id 
_struct_conf.beg_label_comp_id 
_struct_conf.beg_label_asym_id 
_struct_conf.beg_label_seq_id 
_struct_conf.pdbx_beg_PDB_ins_code 
_struct_conf.end_label_comp_id 
_struct_conf.end_label_asym_id 
_struct_conf.end_label_seq_id 
_struct_conf.pdbx_end_PDB_ins_code 
_struct_conf.beg_auth_comp_id 
_struct_conf.beg_auth_asym_id 
_struct_conf.beg_auth_seq_id 
_struct_conf.end_auth_comp_id 
_struct_conf.end_auth_asym_id 
_struct_conf.end_auth_seq_id 
_struct_conf.pdbx_PDB_helix_class 
_struct_conf.details 
_struct_conf.pdbx_PDB_helix_length 
HELX_P HELX_P1 1 PRO A 14 ? SER A 23 ? PRO A 66  SER A 75  1 ? 10 
HELX_P HELX_P2 2 SER A 75 ? HIS A 83 ? SER A 127 HIS A 135 1 ? 9  
# 
_struct_conf_type.id          HELX_P 
_struct_conf_type.criteria    ? 
_struct_conf_type.reference   ? 
# 
loop_
_struct_conn.id 
_struct_conn.conn_type_id 
_struct_conn.pdbx_leaving_atom_flag 
_struct_conn.pdbx_PDB_id 
_struct_conn.ptnr1_label_asym_id 
_struct_conn.ptnr1_label_comp_id 
_struct_conn.ptnr1_label_seq_id 
_struct_conn.ptnr1_label_atom_id 
_struct_conn.pdbx_ptnr1_label_alt_id 
_struct_conn.pdbx_ptnr1_PDB_ins_code 
_struct_conn.pdbx_ptnr1_standard_comp_id 
_struct_conn.ptnr1_symmetry 
_struct_conn.ptnr2_label_asym_id 
_struct_conn.ptnr2_label_comp_id 
_struct_conn.ptnr2_label_seq_id 
_struct_conn.ptnr2_label_atom_id 
_struct_conn.pdbx_ptnr2_label_alt_id 
_struct_conn.pdbx_ptnr2_PDB_ins_code 
_struct_conn.ptnr1_auth_asym_id 
_struct_conn.ptnr1_auth_comp_id 
_struct_conn.ptnr1_auth_seq_id 
_struct_conn.ptnr2_auth_asym_id 
_struct_conn.ptnr2_auth_comp_id 
_struct_conn.ptnr2_auth_seq_id 
_struct_conn.ptnr2_symmetry 
_struct_conn.pdbx_ptnr3_label_atom_id 
_struct_conn.pdbx_ptnr3_label_seq_id 
_struct_conn.pdbx_ptnr3_label_comp_id 
_struct_conn.pdbx_ptnr3_label_asym_id 
_struct_conn.pdbx_ptnr3_label_alt_id 
_struct_conn.pdbx_ptnr3_PDB_ins_code 
_struct_conn.details 
_struct_conn.pdbx_dist_value 
_struct_conn.pdbx_value_order 
_struct_conn.pdbx_role 
covale1 covale both ? B ACE 1 C ? ? ? 1_555 B PTR 2 N ? ? B ACE 1 B PTR 2 1_555 ? ? ? ? ? ? ? 1.302 ? ? 
covale2 covale both ? B PTR 2 C ? ? ? 1_555 B AC5 3 N ? ? B PTR 2 B AC5 3 1_555 ? ? ? ? ? ? ? 1.297 ? ? 
covale3 covale both ? B AC5 3 C ? ? ? 1_555 B ASN 4 N ? ? B AC5 3 B ASN 4 1_555 ? ? ? ? ? ? ? 1.302 ? ? 
covale4 covale both ? B ASN 4 C ? ? ? 1_555 B NH2 5 N ? ? B ASN 4 B NH2 5 1_555 ? ? ? ? ? ? ? 1.290 ? ? 
# 
_struct_conn_type.id          covale 
_struct_conn_type.criteria    ? 
_struct_conn_type.reference   ? 
# 
loop_
_pdbx_modification_feature.ordinal 
_pdbx_modification_feature.label_comp_id 
_pdbx_modification_feature.label_asym_id 
_pdbx_modification_feature.label_seq_id 
_pdbx_modification_feature.label_alt_id 
_pdbx_modification_feature.modified_residue_label_comp_id 
_pdbx_modification_feature.modified_residue_label_asym_id 
_pdbx_modification_feature.modified_residue_label_seq_id 
_pdbx_modification_feature.modified_residue_label_alt_id 
_pdbx_modification_feature.auth_comp_id 
_pdbx_modification_feature.auth_asym_id 
_pdbx_modification_feature.auth_seq_id 
_pdbx_modification_feature.PDB_ins_code 
_pdbx_modification_feature.symmetry 
_pdbx_modification_feature.modified_residue_auth_comp_id 
_pdbx_modification_feature.modified_residue_auth_asym_id 
_pdbx_modification_feature.modified_residue_auth_seq_id 
_pdbx_modification_feature.modified_residue_PDB_ins_code 
_pdbx_modification_feature.modified_residue_symmetry 
_pdbx_modification_feature.comp_id_linking_atom 
_pdbx_modification_feature.modified_residue_id_linking_atom 
_pdbx_modification_feature.modified_residue_id 
_pdbx_modification_feature.ref_pcm_id 
_pdbx_modification_feature.ref_comp_id 
_pdbx_modification_feature.type 
_pdbx_modification_feature.category 
1 PTR B 2 ? .   . . . PTR B 2 ? 1_555 .   . . . .     . . TYR 1  PTR Phosphorylation 'Named protein modification' 
2 AC5 B 3 ? .   . . . AC5 B 3 ? 1_555 .   . . . .     . . ?   1  AC5 None            'Non-standard residue'       
3 ACE B 1 ? PTR B 2 ? ACE B 1 ? 1_555 PTR B 2 ? 1_555 . . PTR 42 ACE None            'Terminal acetylation'       
4 NH2 B 5 ? ASN B 4 ? NH2 B 5 ? 1_555 ASN B 4 ? 1_555 . . ASN 17 NH2 None            'Terminal amidation'         
# 
loop_
_struct_sheet.id 
_struct_sheet.type 
_struct_sheet.number_strands 
_struct_sheet.details 
A ? 4 ? 
B ? 3 ? 
# 
loop_
_struct_sheet_order.sheet_id 
_struct_sheet_order.range_id_1 
_struct_sheet_order.range_id_2 
_struct_sheet_order.offset 
_struct_sheet_order.sense 
A 1 2 ? anti-parallel 
A 2 3 ? anti-parallel 
A 3 4 ? parallel      
B 1 2 ? anti-parallel 
B 2 3 ? anti-parallel 
# 
loop_
_struct_sheet_range.sheet_id 
_struct_sheet_range.id 
_struct_sheet_range.beg_label_comp_id 
_struct_sheet_range.beg_label_asym_id 
_struct_sheet_range.beg_label_seq_id 
_struct_sheet_range.pdbx_beg_PDB_ins_code 
_struct_sheet_range.end_label_comp_id 
_struct_sheet_range.end_label_asym_id 
_struct_sheet_range.end_label_seq_id 
_struct_sheet_range.pdbx_end_PDB_ins_code 
_struct_sheet_range.beg_auth_comp_id 
_struct_sheet_range.beg_auth_asym_id 
_struct_sheet_range.beg_auth_seq_id 
_struct_sheet_range.end_auth_comp_id 
_struct_sheet_range.end_auth_asym_id 
_struct_sheet_range.end_auth_seq_id 
A 1 ASP A 52 ? LYS A 57 ? ASP A 104 LYS A 109 
A 2 PHE A 43 ? PHE A 49 ? PHE A 95  PHE A 101 
A 3 ALA A 30 ? GLU A 35 ? ALA A 82  GLU A 87  
A 4 ARG A 97 ? ASP A 98 ? ARG A 149 ASP A 150 
B 1 LEU A 59 ? ARG A 60 ? LEU A 111 ARG A 112 
B 2 TYR A 66 ? PHE A 67 ? TYR A 118 PHE A 119 
B 3 LYS A 72 ? PHE A 73 ? LYS A 124 PHE A 125 
# 
loop_
_pdbx_struct_sheet_hbond.sheet_id 
_pdbx_struct_sheet_hbond.range_id_1 
_pdbx_struct_sheet_hbond.range_id_2 
_pdbx_struct_sheet_hbond.range_1_label_atom_id 
_pdbx_struct_sheet_hbond.range_1_label_comp_id 
_pdbx_struct_sheet_hbond.range_1_label_asym_id 
_pdbx_struct_sheet_hbond.range_1_label_seq_id 
_pdbx_struct_sheet_hbond.range_1_PDB_ins_code 
_pdbx_struct_sheet_hbond.range_1_auth_atom_id 
_pdbx_struct_sheet_hbond.range_1_auth_comp_id 
_pdbx_struct_sheet_hbond.range_1_auth_asym_id 
_pdbx_struct_sheet_hbond.range_1_auth_seq_id 
_pdbx_struct_sheet_hbond.range_2_label_atom_id 
_pdbx_struct_sheet_hbond.range_2_label_comp_id 
_pdbx_struct_sheet_hbond.range_2_label_asym_id 
_pdbx_struct_sheet_hbond.range_2_label_seq_id 
_pdbx_struct_sheet_hbond.range_2_PDB_ins_code 
_pdbx_struct_sheet_hbond.range_2_auth_atom_id 
_pdbx_struct_sheet_hbond.range_2_auth_comp_id 
_pdbx_struct_sheet_hbond.range_2_auth_asym_id 
_pdbx_struct_sheet_hbond.range_2_auth_seq_id 
A 1 2 O GLN A 54 ? O GLN A 106 N VAL A 47 ? N VAL A 99  
A 2 3 O LYS A 48 ? O LYS A 100 N ALA A 30 ? N ALA A 82  
A 3 4 N PHE A 31 ? N PHE A 83  O ARG A 97 ? O ARG A 149 
B 1 2 N LEU A 59 ? N LEU A 111 O PHE A 67 ? O PHE A 119 
B 2 3 N TYR A 66 ? N TYR A 118 O PHE A 73 ? O PHE A 125 
# 
loop_
_struct_site.id 
_struct_site.pdbx_evidence_code 
_struct_site.pdbx_auth_asym_id 
_struct_site.pdbx_auth_comp_id 
_struct_site.pdbx_auth_seq_id 
_struct_site.pdbx_auth_ins_code 
_struct_site.pdbx_num_residues 
_struct_site.details 
AC1 Software A GOL 1 ? 7  'BINDING SITE FOR RESIDUE GOL A 1'    
AC2 Software A GOL 3 ? 3  'BINDING SITE FOR RESIDUE GOL A 3'    
AC3 Software A CL  4 ? 3  'BINDING SITE FOR RESIDUE CL A 4'     
AC4 Software A CL  5 ? 2  'BINDING SITE FOR RESIDUE CL A 5'     
AC5 Software B GOL 6 ? 3  'BINDING SITE FOR RESIDUE GOL B 6'    
AC6 Software ? ?   ? ? 18 'BINDING SITE FOR CHAIN B OF PYAC5CN' 
# 
loop_
_struct_site_gen.id 
_struct_site_gen.site_id 
_struct_site_gen.pdbx_num_res 
_struct_site_gen.label_comp_id 
_struct_site_gen.label_asym_id 
_struct_site_gen.label_seq_id 
_struct_site_gen.pdbx_auth_ins_code 
_struct_site_gen.auth_comp_id 
_struct_site_gen.auth_asym_id 
_struct_site_gen.auth_seq_id 
_struct_site_gen.label_atom_id 
_struct_site_gen.label_alt_id 
_struct_site_gen.symmetry 
_struct_site_gen.details 
1  AC1 7  HOH H .   ? HOH A 12  . ? 1_555 ? 
2  AC1 7  SER A 23  ? SER A 75  . ? 7_545 ? 
3  AC1 7  GLN A 25  ? GLN A 77  . ? 7_545 ? 
4  AC1 7  ARG A 26  ? ARG A 78  . ? 7_545 ? 
5  AC1 7  ASP A 42  ? ASP A 94  . ? 1_555 ? 
6  AC1 7  LEU A 59  ? LEU A 111 . ? 1_555 ? 
7  AC1 7  ARG A 60  ? ARG A 112 . ? 1_555 ? 
8  AC2 3  HOH H .   ? HOH A 180 . ? 1_555 ? 
9  AC2 3  HOH H .   ? HOH A 181 . ? 1_555 ? 
10 AC2 3  GOL G .   ? GOL B 6   . ? 4_555 ? 
11 AC3 3  HOH H .   ? HOH A 39  . ? 6_545 ? 
12 AC3 3  SER A 87  ? SER A 139 . ? 1_555 ? 
13 AC3 3  GLN A 93  ? GLN A 145 . ? 1_555 ? 
14 AC4 2  LYS A 17  ? LYS A 69  . ? 4_555 ? 
15 AC4 2  ARG A 84  ? ARG A 136 . ? 1_555 ? 
16 AC5 3  GOL D .   ? GOL A 3   . ? 3_544 ? 
17 AC5 3  ARG A 15  ? ARG A 67  . ? 1_555 ? 
18 AC5 3  PTR B 2   ? PTR B 2   . ? 1_555 ? 
19 AC6 18 ARG A 15  ? ARG A 67  . ? 1_555 ? 
20 AC6 18 ARG A 26  ? ARG A 78  . ? 7_545 ? 
21 AC6 18 ARG A 34  ? ARG A 86  . ? 1_555 ? 
22 AC6 18 SER A 36  ? SER A 88  . ? 1_555 ? 
23 AC6 18 SER A 38  ? SER A 90  . ? 1_555 ? 
24 AC6 18 SER A 44  ? SER A 96  . ? 1_555 ? 
25 AC6 18 HIS A 55  ? HIS A 107 . ? 1_555 ? 
26 AC6 18 PHE A 56  ? PHE A 108 . ? 1_555 ? 
27 AC6 18 LYS A 57  ? LYS A 109 . ? 1_555 ? 
28 AC6 18 LEU A 68  ? LEU A 120 . ? 1_555 ? 
29 AC6 18 TRP A 69  ? TRP A 121 . ? 1_555 ? 
30 AC6 18 GLU A 100 ? GLU A 152 . ? 7_545 ? 
31 AC6 18 GOL G .   ? GOL B 6   . ? 1_555 ? 
32 AC6 18 HOH I .   ? HOH B 7   . ? 1_555 ? 
33 AC6 18 HOH I .   ? HOH B 8   . ? 1_555 ? 
34 AC6 18 HOH I .   ? HOH B 9   . ? 1_555 ? 
35 AC6 18 HOH I .   ? HOH B 46  . ? 1_555 ? 
36 AC6 18 HOH I .   ? HOH B 47  . ? 1_555 ? 
# 
_pdbx_entry_details.entry_id                   3S8N 
_pdbx_entry_details.compound_details           ? 
_pdbx_entry_details.source_details             ? 
_pdbx_entry_details.nonpolymer_details         ? 
_pdbx_entry_details.sequence_details           ? 
_pdbx_entry_details.has_ligand_of_interest     ? 
_pdbx_entry_details.has_protein_modification   Y 
# 
loop_
_pdbx_validate_torsion.id 
_pdbx_validate_torsion.PDB_model_num 
_pdbx_validate_torsion.auth_comp_id 
_pdbx_validate_torsion.auth_asym_id 
_pdbx_validate_torsion.auth_seq_id 
_pdbx_validate_torsion.PDB_ins_code 
_pdbx_validate_torsion.label_alt_id 
_pdbx_validate_torsion.phi 
_pdbx_validate_torsion.psi 
1 1 TRP A 121 ? ? -127.71 -72.75 
2 1 VAL A 122 ? ? -129.40 -51.11 
# 
_pdbx_struct_mod_residue.id               1 
_pdbx_struct_mod_residue.label_asym_id    B 
_pdbx_struct_mod_residue.label_comp_id    PTR 
_pdbx_struct_mod_residue.label_seq_id     2 
_pdbx_struct_mod_residue.auth_asym_id     B 
_pdbx_struct_mod_residue.auth_comp_id     PTR 
_pdbx_struct_mod_residue.auth_seq_id      2 
_pdbx_struct_mod_residue.PDB_ins_code     ? 
_pdbx_struct_mod_residue.parent_comp_id   TYR 
_pdbx_struct_mod_residue.details          O-PHOSPHOTYROSINE 
# 
_pdbx_struct_special_symmetry.id              1 
_pdbx_struct_special_symmetry.PDB_model_num   1 
_pdbx_struct_special_symmetry.auth_asym_id    A 
_pdbx_struct_special_symmetry.auth_comp_id    HOH 
_pdbx_struct_special_symmetry.auth_seq_id     48 
_pdbx_struct_special_symmetry.PDB_ins_code    ? 
_pdbx_struct_special_symmetry.label_asym_id   H 
_pdbx_struct_special_symmetry.label_comp_id   HOH 
_pdbx_struct_special_symmetry.label_seq_id    . 
# 
loop_
_pdbx_unobs_or_zero_occ_residues.id 
_pdbx_unobs_or_zero_occ_residues.PDB_model_num 
_pdbx_unobs_or_zero_occ_residues.polymer_flag 
_pdbx_unobs_or_zero_occ_residues.occupancy_flag 
_pdbx_unobs_or_zero_occ_residues.auth_asym_id 
_pdbx_unobs_or_zero_occ_residues.auth_comp_id 
_pdbx_unobs_or_zero_occ_residues.auth_seq_id 
_pdbx_unobs_or_zero_occ_residues.PDB_ins_code 
_pdbx_unobs_or_zero_occ_residues.label_asym_id 
_pdbx_unobs_or_zero_occ_residues.label_comp_id 
_pdbx_unobs_or_zero_occ_residues.label_seq_id 
1  1 Y 1 A ILE 53  ? A ILE 1   
2  1 Y 1 A PRO 155 ? A PRO 103 
3  1 Y 1 A GLN 156 ? A GLN 104 
4  1 Y 1 A GLN 157 ? A GLN 105 
5  1 Y 1 A PRO 158 ? A PRO 106 
6  1 Y 1 A THR 159 ? A THR 107 
7  1 Y 1 A TYR 160 ? A TYR 108 
8  1 Y 1 A VAL 161 ? A VAL 109 
9  1 Y 1 A GLN 162 ? A GLN 110 
10 1 Y 1 A ALA 163 ? A ALA 111 
11 1 Y 1 A HIS 164 ? A HIS 112 
12 1 Y 1 A HIS 165 ? A HIS 113 
13 1 Y 1 A HIS 166 ? A HIS 114 
14 1 Y 1 A HIS 167 ? A HIS 115 
15 1 Y 1 A HIS 168 ? A HIS 116 
16 1 Y 1 A HIS 169 ? A HIS 117 
# 
loop_
_chem_comp_atom.comp_id 
_chem_comp_atom.atom_id 
_chem_comp_atom.type_symbol 
_chem_comp_atom.pdbx_aromatic_flag 
_chem_comp_atom.pdbx_stereo_config 
_chem_comp_atom.pdbx_ordinal 
AC5 N    N  N N 1   
AC5 O    O  N N 2   
AC5 CA   C  N N 3   
AC5 C    C  N N 4   
AC5 CB1  C  N N 5   
AC5 CB2  C  N N 6   
AC5 OXT  O  N N 7   
AC5 CG1  C  N N 8   
AC5 CG2  C  N N 9   
AC5 H    H  N N 10  
AC5 H2   H  N N 11  
AC5 HB11 H  N N 12  
AC5 HB12 H  N N 13  
AC5 HB21 H  N N 14  
AC5 HB22 H  N N 15  
AC5 HXT  H  N N 16  
AC5 HG11 H  N N 17  
AC5 HG12 H  N N 18  
AC5 HG21 H  N N 19  
AC5 HG22 H  N N 20  
ACE C    C  N N 21  
ACE O    O  N N 22  
ACE CH3  C  N N 23  
ACE H    H  N N 24  
ACE H1   H  N N 25  
ACE H2   H  N N 26  
ACE H3   H  N N 27  
ALA N    N  N N 28  
ALA CA   C  N S 29  
ALA C    C  N N 30  
ALA O    O  N N 31  
ALA CB   C  N N 32  
ALA OXT  O  N N 33  
ALA H    H  N N 34  
ALA H2   H  N N 35  
ALA HA   H  N N 36  
ALA HB1  H  N N 37  
ALA HB2  H  N N 38  
ALA HB3  H  N N 39  
ALA HXT  H  N N 40  
ARG N    N  N N 41  
ARG CA   C  N S 42  
ARG C    C  N N 43  
ARG O    O  N N 44  
ARG CB   C  N N 45  
ARG CG   C  N N 46  
ARG CD   C  N N 47  
ARG NE   N  N N 48  
ARG CZ   C  N N 49  
ARG NH1  N  N N 50  
ARG NH2  N  N N 51  
ARG OXT  O  N N 52  
ARG H    H  N N 53  
ARG H2   H  N N 54  
ARG HA   H  N N 55  
ARG HB2  H  N N 56  
ARG HB3  H  N N 57  
ARG HG2  H  N N 58  
ARG HG3  H  N N 59  
ARG HD2  H  N N 60  
ARG HD3  H  N N 61  
ARG HE   H  N N 62  
ARG HH11 H  N N 63  
ARG HH12 H  N N 64  
ARG HH21 H  N N 65  
ARG HH22 H  N N 66  
ARG HXT  H  N N 67  
ASN N    N  N N 68  
ASN CA   C  N S 69  
ASN C    C  N N 70  
ASN O    O  N N 71  
ASN CB   C  N N 72  
ASN CG   C  N N 73  
ASN OD1  O  N N 74  
ASN ND2  N  N N 75  
ASN OXT  O  N N 76  
ASN H    H  N N 77  
ASN H2   H  N N 78  
ASN HA   H  N N 79  
ASN HB2  H  N N 80  
ASN HB3  H  N N 81  
ASN HD21 H  N N 82  
ASN HD22 H  N N 83  
ASN HXT  H  N N 84  
ASP N    N  N N 85  
ASP CA   C  N S 86  
ASP C    C  N N 87  
ASP O    O  N N 88  
ASP CB   C  N N 89  
ASP CG   C  N N 90  
ASP OD1  O  N N 91  
ASP OD2  O  N N 92  
ASP OXT  O  N N 93  
ASP H    H  N N 94  
ASP H2   H  N N 95  
ASP HA   H  N N 96  
ASP HB2  H  N N 97  
ASP HB3  H  N N 98  
ASP HD2  H  N N 99  
ASP HXT  H  N N 100 
CL  CL   CL N N 101 
GLN N    N  N N 102 
GLN CA   C  N S 103 
GLN C    C  N N 104 
GLN O    O  N N 105 
GLN CB   C  N N 106 
GLN CG   C  N N 107 
GLN CD   C  N N 108 
GLN OE1  O  N N 109 
GLN NE2  N  N N 110 
GLN OXT  O  N N 111 
GLN H    H  N N 112 
GLN H2   H  N N 113 
GLN HA   H  N N 114 
GLN HB2  H  N N 115 
GLN HB3  H  N N 116 
GLN HG2  H  N N 117 
GLN HG3  H  N N 118 
GLN HE21 H  N N 119 
GLN HE22 H  N N 120 
GLN HXT  H  N N 121 
GLU N    N  N N 122 
GLU CA   C  N S 123 
GLU C    C  N N 124 
GLU O    O  N N 125 
GLU CB   C  N N 126 
GLU CG   C  N N 127 
GLU CD   C  N N 128 
GLU OE1  O  N N 129 
GLU OE2  O  N N 130 
GLU OXT  O  N N 131 
GLU H    H  N N 132 
GLU H2   H  N N 133 
GLU HA   H  N N 134 
GLU HB2  H  N N 135 
GLU HB3  H  N N 136 
GLU HG2  H  N N 137 
GLU HG3  H  N N 138 
GLU HE2  H  N N 139 
GLU HXT  H  N N 140 
GLY N    N  N N 141 
GLY CA   C  N N 142 
GLY C    C  N N 143 
GLY O    O  N N 144 
GLY OXT  O  N N 145 
GLY H    H  N N 146 
GLY H2   H  N N 147 
GLY HA2  H  N N 148 
GLY HA3  H  N N 149 
GLY HXT  H  N N 150 
GOL C1   C  N N 151 
GOL O1   O  N N 152 
GOL C2   C  N N 153 
GOL O2   O  N N 154 
GOL C3   C  N N 155 
GOL O3   O  N N 156 
GOL H11  H  N N 157 
GOL H12  H  N N 158 
GOL HO1  H  N N 159 
GOL H2   H  N N 160 
GOL HO2  H  N N 161 
GOL H31  H  N N 162 
GOL H32  H  N N 163 
GOL HO3  H  N N 164 
HIS N    N  N N 165 
HIS CA   C  N S 166 
HIS C    C  N N 167 
HIS O    O  N N 168 
HIS CB   C  N N 169 
HIS CG   C  Y N 170 
HIS ND1  N  Y N 171 
HIS CD2  C  Y N 172 
HIS CE1  C  Y N 173 
HIS NE2  N  Y N 174 
HIS OXT  O  N N 175 
HIS H    H  N N 176 
HIS H2   H  N N 177 
HIS HA   H  N N 178 
HIS HB2  H  N N 179 
HIS HB3  H  N N 180 
HIS HD1  H  N N 181 
HIS HD2  H  N N 182 
HIS HE1  H  N N 183 
HIS HE2  H  N N 184 
HIS HXT  H  N N 185 
HOH O    O  N N 186 
HOH H1   H  N N 187 
HOH H2   H  N N 188 
ILE N    N  N N 189 
ILE CA   C  N S 190 
ILE C    C  N N 191 
ILE O    O  N N 192 
ILE CB   C  N S 193 
ILE CG1  C  N N 194 
ILE CG2  C  N N 195 
ILE CD1  C  N N 196 
ILE OXT  O  N N 197 
ILE H    H  N N 198 
ILE H2   H  N N 199 
ILE HA   H  N N 200 
ILE HB   H  N N 201 
ILE HG12 H  N N 202 
ILE HG13 H  N N 203 
ILE HG21 H  N N 204 
ILE HG22 H  N N 205 
ILE HG23 H  N N 206 
ILE HD11 H  N N 207 
ILE HD12 H  N N 208 
ILE HD13 H  N N 209 
ILE HXT  H  N N 210 
LEU N    N  N N 211 
LEU CA   C  N S 212 
LEU C    C  N N 213 
LEU O    O  N N 214 
LEU CB   C  N N 215 
LEU CG   C  N N 216 
LEU CD1  C  N N 217 
LEU CD2  C  N N 218 
LEU OXT  O  N N 219 
LEU H    H  N N 220 
LEU H2   H  N N 221 
LEU HA   H  N N 222 
LEU HB2  H  N N 223 
LEU HB3  H  N N 224 
LEU HG   H  N N 225 
LEU HD11 H  N N 226 
LEU HD12 H  N N 227 
LEU HD13 H  N N 228 
LEU HD21 H  N N 229 
LEU HD22 H  N N 230 
LEU HD23 H  N N 231 
LEU HXT  H  N N 232 
LYS N    N  N N 233 
LYS CA   C  N S 234 
LYS C    C  N N 235 
LYS O    O  N N 236 
LYS CB   C  N N 237 
LYS CG   C  N N 238 
LYS CD   C  N N 239 
LYS CE   C  N N 240 
LYS NZ   N  N N 241 
LYS OXT  O  N N 242 
LYS H    H  N N 243 
LYS H2   H  N N 244 
LYS HA   H  N N 245 
LYS HB2  H  N N 246 
LYS HB3  H  N N 247 
LYS HG2  H  N N 248 
LYS HG3  H  N N 249 
LYS HD2  H  N N 250 
LYS HD3  H  N N 251 
LYS HE2  H  N N 252 
LYS HE3  H  N N 253 
LYS HZ1  H  N N 254 
LYS HZ2  H  N N 255 
LYS HZ3  H  N N 256 
LYS HXT  H  N N 257 
MET N    N  N N 258 
MET CA   C  N S 259 
MET C    C  N N 260 
MET O    O  N N 261 
MET CB   C  N N 262 
MET CG   C  N N 263 
MET SD   S  N N 264 
MET CE   C  N N 265 
MET OXT  O  N N 266 
MET H    H  N N 267 
MET H2   H  N N 268 
MET HA   H  N N 269 
MET HB2  H  N N 270 
MET HB3  H  N N 271 
MET HG2  H  N N 272 
MET HG3  H  N N 273 
MET HE1  H  N N 274 
MET HE2  H  N N 275 
MET HE3  H  N N 276 
MET HXT  H  N N 277 
NH2 N    N  N N 278 
NH2 HN1  H  N N 279 
NH2 HN2  H  N N 280 
PHE N    N  N N 281 
PHE CA   C  N S 282 
PHE C    C  N N 283 
PHE O    O  N N 284 
PHE CB   C  N N 285 
PHE CG   C  Y N 286 
PHE CD1  C  Y N 287 
PHE CD2  C  Y N 288 
PHE CE1  C  Y N 289 
PHE CE2  C  Y N 290 
PHE CZ   C  Y N 291 
PHE OXT  O  N N 292 
PHE H    H  N N 293 
PHE H2   H  N N 294 
PHE HA   H  N N 295 
PHE HB2  H  N N 296 
PHE HB3  H  N N 297 
PHE HD1  H  N N 298 
PHE HD2  H  N N 299 
PHE HE1  H  N N 300 
PHE HE2  H  N N 301 
PHE HZ   H  N N 302 
PHE HXT  H  N N 303 
PRO N    N  N N 304 
PRO CA   C  N S 305 
PRO C    C  N N 306 
PRO O    O  N N 307 
PRO CB   C  N N 308 
PRO CG   C  N N 309 
PRO CD   C  N N 310 
PRO OXT  O  N N 311 
PRO H    H  N N 312 
PRO HA   H  N N 313 
PRO HB2  H  N N 314 
PRO HB3  H  N N 315 
PRO HG2  H  N N 316 
PRO HG3  H  N N 317 
PRO HD2  H  N N 318 
PRO HD3  H  N N 319 
PRO HXT  H  N N 320 
PTR N    N  N N 321 
PTR CA   C  N S 322 
PTR C    C  N N 323 
PTR O    O  N N 324 
PTR OXT  O  N N 325 
PTR CB   C  N N 326 
PTR CG   C  Y N 327 
PTR CD1  C  Y N 328 
PTR CD2  C  Y N 329 
PTR CE1  C  Y N 330 
PTR CE2  C  Y N 331 
PTR CZ   C  Y N 332 
PTR OH   O  N N 333 
PTR P    P  N N 334 
PTR O1P  O  N N 335 
PTR O2P  O  N N 336 
PTR O3P  O  N N 337 
PTR H    H  N N 338 
PTR H2   H  N N 339 
PTR HA   H  N N 340 
PTR HXT  H  N N 341 
PTR HB2  H  N N 342 
PTR HB3  H  N N 343 
PTR HD1  H  N N 344 
PTR HD2  H  N N 345 
PTR HE1  H  N N 346 
PTR HE2  H  N N 347 
PTR HO2P H  N N 348 
PTR HO3P H  N N 349 
SER N    N  N N 350 
SER CA   C  N S 351 
SER C    C  N N 352 
SER O    O  N N 353 
SER CB   C  N N 354 
SER OG   O  N N 355 
SER OXT  O  N N 356 
SER H    H  N N 357 
SER H2   H  N N 358 
SER HA   H  N N 359 
SER HB2  H  N N 360 
SER HB3  H  N N 361 
SER HG   H  N N 362 
SER HXT  H  N N 363 
THR N    N  N N 364 
THR CA   C  N S 365 
THR C    C  N N 366 
THR O    O  N N 367 
THR CB   C  N R 368 
THR OG1  O  N N 369 
THR CG2  C  N N 370 
THR OXT  O  N N 371 
THR H    H  N N 372 
THR H2   H  N N 373 
THR HA   H  N N 374 
THR HB   H  N N 375 
THR HG1  H  N N 376 
THR HG21 H  N N 377 
THR HG22 H  N N 378 
THR HG23 H  N N 379 
THR HXT  H  N N 380 
TRP N    N  N N 381 
TRP CA   C  N S 382 
TRP C    C  N N 383 
TRP O    O  N N 384 
TRP CB   C  N N 385 
TRP CG   C  Y N 386 
TRP CD1  C  Y N 387 
TRP CD2  C  Y N 388 
TRP NE1  N  Y N 389 
TRP CE2  C  Y N 390 
TRP CE3  C  Y N 391 
TRP CZ2  C  Y N 392 
TRP CZ3  C  Y N 393 
TRP CH2  C  Y N 394 
TRP OXT  O  N N 395 
TRP H    H  N N 396 
TRP H2   H  N N 397 
TRP HA   H  N N 398 
TRP HB2  H  N N 399 
TRP HB3  H  N N 400 
TRP HD1  H  N N 401 
TRP HE1  H  N N 402 
TRP HE3  H  N N 403 
TRP HZ2  H  N N 404 
TRP HZ3  H  N N 405 
TRP HH2  H  N N 406 
TRP HXT  H  N N 407 
TYR N    N  N N 408 
TYR CA   C  N S 409 
TYR C    C  N N 410 
TYR O    O  N N 411 
TYR CB   C  N N 412 
TYR CG   C  Y N 413 
TYR CD1  C  Y N 414 
TYR CD2  C  Y N 415 
TYR CE1  C  Y N 416 
TYR CE2  C  Y N 417 
TYR CZ   C  Y N 418 
TYR OH   O  N N 419 
TYR OXT  O  N N 420 
TYR H    H  N N 421 
TYR H2   H  N N 422 
TYR HA   H  N N 423 
TYR HB2  H  N N 424 
TYR HB3  H  N N 425 
TYR HD1  H  N N 426 
TYR HD2  H  N N 427 
TYR HE1  H  N N 428 
TYR HE2  H  N N 429 
TYR HH   H  N N 430 
TYR HXT  H  N N 431 
VAL N    N  N N 432 
VAL CA   C  N S 433 
VAL C    C  N N 434 
VAL O    O  N N 435 
VAL CB   C  N N 436 
VAL CG1  C  N N 437 
VAL CG2  C  N N 438 
VAL OXT  O  N N 439 
VAL H    H  N N 440 
VAL H2   H  N N 441 
VAL HA   H  N N 442 
VAL HB   H  N N 443 
VAL HG11 H  N N 444 
VAL HG12 H  N N 445 
VAL HG13 H  N N 446 
VAL HG21 H  N N 447 
VAL HG22 H  N N 448 
VAL HG23 H  N N 449 
VAL HXT  H  N N 450 
# 
loop_
_chem_comp_bond.comp_id 
_chem_comp_bond.atom_id_1 
_chem_comp_bond.atom_id_2 
_chem_comp_bond.value_order 
_chem_comp_bond.pdbx_aromatic_flag 
_chem_comp_bond.pdbx_stereo_config 
_chem_comp_bond.pdbx_ordinal 
AC5 N   CA   sing N N 1   
AC5 N   H    sing N N 2   
AC5 N   H2   sing N N 3   
AC5 O   C    doub N N 4   
AC5 CA  C    sing N N 5   
AC5 CA  CB1  sing N N 6   
AC5 CA  CB2  sing N N 7   
AC5 C   OXT  sing N N 8   
AC5 CB1 CG1  sing N N 9   
AC5 CB1 HB11 sing N N 10  
AC5 CB1 HB12 sing N N 11  
AC5 CB2 CG2  sing N N 12  
AC5 CB2 HB21 sing N N 13  
AC5 CB2 HB22 sing N N 14  
AC5 OXT HXT  sing N N 15  
AC5 CG1 CG2  sing N N 16  
AC5 CG1 HG11 sing N N 17  
AC5 CG1 HG12 sing N N 18  
AC5 CG2 HG21 sing N N 19  
AC5 CG2 HG22 sing N N 20  
ACE C   O    doub N N 21  
ACE C   CH3  sing N N 22  
ACE C   H    sing N N 23  
ACE CH3 H1   sing N N 24  
ACE CH3 H2   sing N N 25  
ACE CH3 H3   sing N N 26  
ALA N   CA   sing N N 27  
ALA N   H    sing N N 28  
ALA N   H2   sing N N 29  
ALA CA  C    sing N N 30  
ALA CA  CB   sing N N 31  
ALA CA  HA   sing N N 32  
ALA C   O    doub N N 33  
ALA C   OXT  sing N N 34  
ALA CB  HB1  sing N N 35  
ALA CB  HB2  sing N N 36  
ALA CB  HB3  sing N N 37  
ALA OXT HXT  sing N N 38  
ARG N   CA   sing N N 39  
ARG N   H    sing N N 40  
ARG N   H2   sing N N 41  
ARG CA  C    sing N N 42  
ARG CA  CB   sing N N 43  
ARG CA  HA   sing N N 44  
ARG C   O    doub N N 45  
ARG C   OXT  sing N N 46  
ARG CB  CG   sing N N 47  
ARG CB  HB2  sing N N 48  
ARG CB  HB3  sing N N 49  
ARG CG  CD   sing N N 50  
ARG CG  HG2  sing N N 51  
ARG CG  HG3  sing N N 52  
ARG CD  NE   sing N N 53  
ARG CD  HD2  sing N N 54  
ARG CD  HD3  sing N N 55  
ARG NE  CZ   sing N N 56  
ARG NE  HE   sing N N 57  
ARG CZ  NH1  sing N N 58  
ARG CZ  NH2  doub N N 59  
ARG NH1 HH11 sing N N 60  
ARG NH1 HH12 sing N N 61  
ARG NH2 HH21 sing N N 62  
ARG NH2 HH22 sing N N 63  
ARG OXT HXT  sing N N 64  
ASN N   CA   sing N N 65  
ASN N   H    sing N N 66  
ASN N   H2   sing N N 67  
ASN CA  C    sing N N 68  
ASN CA  CB   sing N N 69  
ASN CA  HA   sing N N 70  
ASN C   O    doub N N 71  
ASN C   OXT  sing N N 72  
ASN CB  CG   sing N N 73  
ASN CB  HB2  sing N N 74  
ASN CB  HB3  sing N N 75  
ASN CG  OD1  doub N N 76  
ASN CG  ND2  sing N N 77  
ASN ND2 HD21 sing N N 78  
ASN ND2 HD22 sing N N 79  
ASN OXT HXT  sing N N 80  
ASP N   CA   sing N N 81  
ASP N   H    sing N N 82  
ASP N   H2   sing N N 83  
ASP CA  C    sing N N 84  
ASP CA  CB   sing N N 85  
ASP CA  HA   sing N N 86  
ASP C   O    doub N N 87  
ASP C   OXT  sing N N 88  
ASP CB  CG   sing N N 89  
ASP CB  HB2  sing N N 90  
ASP CB  HB3  sing N N 91  
ASP CG  OD1  doub N N 92  
ASP CG  OD2  sing N N 93  
ASP OD2 HD2  sing N N 94  
ASP OXT HXT  sing N N 95  
GLN N   CA   sing N N 96  
GLN N   H    sing N N 97  
GLN N   H2   sing N N 98  
GLN CA  C    sing N N 99  
GLN CA  CB   sing N N 100 
GLN CA  HA   sing N N 101 
GLN C   O    doub N N 102 
GLN C   OXT  sing N N 103 
GLN CB  CG   sing N N 104 
GLN CB  HB2  sing N N 105 
GLN CB  HB3  sing N N 106 
GLN CG  CD   sing N N 107 
GLN CG  HG2  sing N N 108 
GLN CG  HG3  sing N N 109 
GLN CD  OE1  doub N N 110 
GLN CD  NE2  sing N N 111 
GLN NE2 HE21 sing N N 112 
GLN NE2 HE22 sing N N 113 
GLN OXT HXT  sing N N 114 
GLU N   CA   sing N N 115 
GLU N   H    sing N N 116 
GLU N   H2   sing N N 117 
GLU CA  C    sing N N 118 
GLU CA  CB   sing N N 119 
GLU CA  HA   sing N N 120 
GLU C   O    doub N N 121 
GLU C   OXT  sing N N 122 
GLU CB  CG   sing N N 123 
GLU CB  HB2  sing N N 124 
GLU CB  HB3  sing N N 125 
GLU CG  CD   sing N N 126 
GLU CG  HG2  sing N N 127 
GLU CG  HG3  sing N N 128 
GLU CD  OE1  doub N N 129 
GLU CD  OE2  sing N N 130 
GLU OE2 HE2  sing N N 131 
GLU OXT HXT  sing N N 132 
GLY N   CA   sing N N 133 
GLY N   H    sing N N 134 
GLY N   H2   sing N N 135 
GLY CA  C    sing N N 136 
GLY CA  HA2  sing N N 137 
GLY CA  HA3  sing N N 138 
GLY C   O    doub N N 139 
GLY C   OXT  sing N N 140 
GLY OXT HXT  sing N N 141 
GOL C1  O1   sing N N 142 
GOL C1  C2   sing N N 143 
GOL C1  H11  sing N N 144 
GOL C1  H12  sing N N 145 
GOL O1  HO1  sing N N 146 
GOL C2  O2   sing N N 147 
GOL C2  C3   sing N N 148 
GOL C2  H2   sing N N 149 
GOL O2  HO2  sing N N 150 
GOL C3  O3   sing N N 151 
GOL C3  H31  sing N N 152 
GOL C3  H32  sing N N 153 
GOL O3  HO3  sing N N 154 
HIS N   CA   sing N N 155 
HIS N   H    sing N N 156 
HIS N   H2   sing N N 157 
HIS CA  C    sing N N 158 
HIS CA  CB   sing N N 159 
HIS CA  HA   sing N N 160 
HIS C   O    doub N N 161 
HIS C   OXT  sing N N 162 
HIS CB  CG   sing N N 163 
HIS CB  HB2  sing N N 164 
HIS CB  HB3  sing N N 165 
HIS CG  ND1  sing Y N 166 
HIS CG  CD2  doub Y N 167 
HIS ND1 CE1  doub Y N 168 
HIS ND1 HD1  sing N N 169 
HIS CD2 NE2  sing Y N 170 
HIS CD2 HD2  sing N N 171 
HIS CE1 NE2  sing Y N 172 
HIS CE1 HE1  sing N N 173 
HIS NE2 HE2  sing N N 174 
HIS OXT HXT  sing N N 175 
HOH O   H1   sing N N 176 
HOH O   H2   sing N N 177 
ILE N   CA   sing N N 178 
ILE N   H    sing N N 179 
ILE N   H2   sing N N 180 
ILE CA  C    sing N N 181 
ILE CA  CB   sing N N 182 
ILE CA  HA   sing N N 183 
ILE C   O    doub N N 184 
ILE C   OXT  sing N N 185 
ILE CB  CG1  sing N N 186 
ILE CB  CG2  sing N N 187 
ILE CB  HB   sing N N 188 
ILE CG1 CD1  sing N N 189 
ILE CG1 HG12 sing N N 190 
ILE CG1 HG13 sing N N 191 
ILE CG2 HG21 sing N N 192 
ILE CG2 HG22 sing N N 193 
ILE CG2 HG23 sing N N 194 
ILE CD1 HD11 sing N N 195 
ILE CD1 HD12 sing N N 196 
ILE CD1 HD13 sing N N 197 
ILE OXT HXT  sing N N 198 
LEU N   CA   sing N N 199 
LEU N   H    sing N N 200 
LEU N   H2   sing N N 201 
LEU CA  C    sing N N 202 
LEU CA  CB   sing N N 203 
LEU CA  HA   sing N N 204 
LEU C   O    doub N N 205 
LEU C   OXT  sing N N 206 
LEU CB  CG   sing N N 207 
LEU CB  HB2  sing N N 208 
LEU CB  HB3  sing N N 209 
LEU CG  CD1  sing N N 210 
LEU CG  CD2  sing N N 211 
LEU CG  HG   sing N N 212 
LEU CD1 HD11 sing N N 213 
LEU CD1 HD12 sing N N 214 
LEU CD1 HD13 sing N N 215 
LEU CD2 HD21 sing N N 216 
LEU CD2 HD22 sing N N 217 
LEU CD2 HD23 sing N N 218 
LEU OXT HXT  sing N N 219 
LYS N   CA   sing N N 220 
LYS N   H    sing N N 221 
LYS N   H2   sing N N 222 
LYS CA  C    sing N N 223 
LYS CA  CB   sing N N 224 
LYS CA  HA   sing N N 225 
LYS C   O    doub N N 226 
LYS C   OXT  sing N N 227 
LYS CB  CG   sing N N 228 
LYS CB  HB2  sing N N 229 
LYS CB  HB3  sing N N 230 
LYS CG  CD   sing N N 231 
LYS CG  HG2  sing N N 232 
LYS CG  HG3  sing N N 233 
LYS CD  CE   sing N N 234 
LYS CD  HD2  sing N N 235 
LYS CD  HD3  sing N N 236 
LYS CE  NZ   sing N N 237 
LYS CE  HE2  sing N N 238 
LYS CE  HE3  sing N N 239 
LYS NZ  HZ1  sing N N 240 
LYS NZ  HZ2  sing N N 241 
LYS NZ  HZ3  sing N N 242 
LYS OXT HXT  sing N N 243 
MET N   CA   sing N N 244 
MET N   H    sing N N 245 
MET N   H2   sing N N 246 
MET CA  C    sing N N 247 
MET CA  CB   sing N N 248 
MET CA  HA   sing N N 249 
MET C   O    doub N N 250 
MET C   OXT  sing N N 251 
MET CB  CG   sing N N 252 
MET CB  HB2  sing N N 253 
MET CB  HB3  sing N N 254 
MET CG  SD   sing N N 255 
MET CG  HG2  sing N N 256 
MET CG  HG3  sing N N 257 
MET SD  CE   sing N N 258 
MET CE  HE1  sing N N 259 
MET CE  HE2  sing N N 260 
MET CE  HE3  sing N N 261 
MET OXT HXT  sing N N 262 
NH2 N   HN1  sing N N 263 
NH2 N   HN2  sing N N 264 
PHE N   CA   sing N N 265 
PHE N   H    sing N N 266 
PHE N   H2   sing N N 267 
PHE CA  C    sing N N 268 
PHE CA  CB   sing N N 269 
PHE CA  HA   sing N N 270 
PHE C   O    doub N N 271 
PHE C   OXT  sing N N 272 
PHE CB  CG   sing N N 273 
PHE CB  HB2  sing N N 274 
PHE CB  HB3  sing N N 275 
PHE CG  CD1  doub Y N 276 
PHE CG  CD2  sing Y N 277 
PHE CD1 CE1  sing Y N 278 
PHE CD1 HD1  sing N N 279 
PHE CD2 CE2  doub Y N 280 
PHE CD2 HD2  sing N N 281 
PHE CE1 CZ   doub Y N 282 
PHE CE1 HE1  sing N N 283 
PHE CE2 CZ   sing Y N 284 
PHE CE2 HE2  sing N N 285 
PHE CZ  HZ   sing N N 286 
PHE OXT HXT  sing N N 287 
PRO N   CA   sing N N 288 
PRO N   CD   sing N N 289 
PRO N   H    sing N N 290 
PRO CA  C    sing N N 291 
PRO CA  CB   sing N N 292 
PRO CA  HA   sing N N 293 
PRO C   O    doub N N 294 
PRO C   OXT  sing N N 295 
PRO CB  CG   sing N N 296 
PRO CB  HB2  sing N N 297 
PRO CB  HB3  sing N N 298 
PRO CG  CD   sing N N 299 
PRO CG  HG2  sing N N 300 
PRO CG  HG3  sing N N 301 
PRO CD  HD2  sing N N 302 
PRO CD  HD3  sing N N 303 
PRO OXT HXT  sing N N 304 
PTR N   CA   sing N N 305 
PTR N   H    sing N N 306 
PTR N   H2   sing N N 307 
PTR CA  C    sing N N 308 
PTR CA  CB   sing N N 309 
PTR CA  HA   sing N N 310 
PTR C   O    doub N N 311 
PTR C   OXT  sing N N 312 
PTR OXT HXT  sing N N 313 
PTR CB  CG   sing N N 314 
PTR CB  HB2  sing N N 315 
PTR CB  HB3  sing N N 316 
PTR CG  CD1  doub Y N 317 
PTR CG  CD2  sing Y N 318 
PTR CD1 CE1  sing Y N 319 
PTR CD1 HD1  sing N N 320 
PTR CD2 CE2  doub Y N 321 
PTR CD2 HD2  sing N N 322 
PTR CE1 CZ   doub Y N 323 
PTR CE1 HE1  sing N N 324 
PTR CE2 CZ   sing Y N 325 
PTR CE2 HE2  sing N N 326 
PTR CZ  OH   sing N N 327 
PTR OH  P    sing N N 328 
PTR P   O1P  doub N N 329 
PTR P   O2P  sing N N 330 
PTR P   O3P  sing N N 331 
PTR O2P HO2P sing N N 332 
PTR O3P HO3P sing N N 333 
SER N   CA   sing N N 334 
SER N   H    sing N N 335 
SER N   H2   sing N N 336 
SER CA  C    sing N N 337 
SER CA  CB   sing N N 338 
SER CA  HA   sing N N 339 
SER C   O    doub N N 340 
SER C   OXT  sing N N 341 
SER CB  OG   sing N N 342 
SER CB  HB2  sing N N 343 
SER CB  HB3  sing N N 344 
SER OG  HG   sing N N 345 
SER OXT HXT  sing N N 346 
THR N   CA   sing N N 347 
THR N   H    sing N N 348 
THR N   H2   sing N N 349 
THR CA  C    sing N N 350 
THR CA  CB   sing N N 351 
THR CA  HA   sing N N 352 
THR C   O    doub N N 353 
THR C   OXT  sing N N 354 
THR CB  OG1  sing N N 355 
THR CB  CG2  sing N N 356 
THR CB  HB   sing N N 357 
THR OG1 HG1  sing N N 358 
THR CG2 HG21 sing N N 359 
THR CG2 HG22 sing N N 360 
THR CG2 HG23 sing N N 361 
THR OXT HXT  sing N N 362 
TRP N   CA   sing N N 363 
TRP N   H    sing N N 364 
TRP N   H2   sing N N 365 
TRP CA  C    sing N N 366 
TRP CA  CB   sing N N 367 
TRP CA  HA   sing N N 368 
TRP C   O    doub N N 369 
TRP C   OXT  sing N N 370 
TRP CB  CG   sing N N 371 
TRP CB  HB2  sing N N 372 
TRP CB  HB3  sing N N 373 
TRP CG  CD1  doub Y N 374 
TRP CG  CD2  sing Y N 375 
TRP CD1 NE1  sing Y N 376 
TRP CD1 HD1  sing N N 377 
TRP CD2 CE2  doub Y N 378 
TRP CD2 CE3  sing Y N 379 
TRP NE1 CE2  sing Y N 380 
TRP NE1 HE1  sing N N 381 
TRP CE2 CZ2  sing Y N 382 
TRP CE3 CZ3  doub Y N 383 
TRP CE3 HE3  sing N N 384 
TRP CZ2 CH2  doub Y N 385 
TRP CZ2 HZ2  sing N N 386 
TRP CZ3 CH2  sing Y N 387 
TRP CZ3 HZ3  sing N N 388 
TRP CH2 HH2  sing N N 389 
TRP OXT HXT  sing N N 390 
TYR N   CA   sing N N 391 
TYR N   H    sing N N 392 
TYR N   H2   sing N N 393 
TYR CA  C    sing N N 394 
TYR CA  CB   sing N N 395 
TYR CA  HA   sing N N 396 
TYR C   O    doub N N 397 
TYR C   OXT  sing N N 398 
TYR CB  CG   sing N N 399 
TYR CB  HB2  sing N N 400 
TYR CB  HB3  sing N N 401 
TYR CG  CD1  doub Y N 402 
TYR CG  CD2  sing Y N 403 
TYR CD1 CE1  sing Y N 404 
TYR CD1 HD1  sing N N 405 
TYR CD2 CE2  doub Y N 406 
TYR CD2 HD2  sing N N 407 
TYR CE1 CZ   doub Y N 408 
TYR CE1 HE1  sing N N 409 
TYR CE2 CZ   sing Y N 410 
TYR CE2 HE2  sing N N 411 
TYR CZ  OH   sing N N 412 
TYR OH  HH   sing N N 413 
TYR OXT HXT  sing N N 414 
VAL N   CA   sing N N 415 
VAL N   H    sing N N 416 
VAL N   H2   sing N N 417 
VAL CA  C    sing N N 418 
VAL CA  CB   sing N N 419 
VAL CA  HA   sing N N 420 
VAL C   O    doub N N 421 
VAL C   OXT  sing N N 422 
VAL CB  CG1  sing N N 423 
VAL CB  CG2  sing N N 424 
VAL CB  HB   sing N N 425 
VAL CG1 HG11 sing N N 426 
VAL CG1 HG12 sing N N 427 
VAL CG1 HG13 sing N N 428 
VAL CG2 HG21 sing N N 429 
VAL CG2 HG22 sing N N 430 
VAL CG2 HG23 sing N N 431 
VAL OXT HXT  sing N N 432 
# 
_pdbx_initial_refinement_model.id               1 
_pdbx_initial_refinement_model.entity_id_list   ? 
_pdbx_initial_refinement_model.type             'experimental model' 
_pdbx_initial_refinement_model.source_name      PDB 
_pdbx_initial_refinement_model.accession_code   3OV1 
_pdbx_initial_refinement_model.details          ? 
# 
_atom_sites.entry_id                    3S8N 
_atom_sites.fract_transf_matrix[1][1]   0.02287702 
_atom_sites.fract_transf_matrix[1][2]   -0.00402297 
_atom_sites.fract_transf_matrix[1][3]   0.00504214 
_atom_sites.fract_transf_matrix[2][1]   0.00512821 
_atom_sites.fract_transf_matrix[2][2]   0.02261341 
_atom_sites.fract_transf_matrix[2][3]   -0.00522497 
_atom_sites.fract_transf_matrix[3][1]   -0.00151015 
_atom_sites.fract_transf_matrix[3][2]   0.00236085 
_atom_sites.fract_transf_matrix[3][3]   0.00873545 
_atom_sites.fract_transf_vector[1]      0.304817 
_atom_sites.fract_transf_vector[2]      -0.055611 
_atom_sites.fract_transf_vector[3]      0.030148 
# 
loop_
_atom_type.symbol 
C  
CL 
N  
O  
P  
S  
# 
loop_
_atom_site.group_PDB 
_atom_site.id 
_atom_site.type_symbol 
_atom_site.label_atom_id 
_atom_site.label_alt_id 
_atom_site.label_comp_id 
_atom_site.label_asym_id 
_atom_site.label_entity_id 
_atom_site.label_seq_id 
_atom_site.pdbx_PDB_ins_code 
_atom_site.Cartn_x 
_atom_site.Cartn_y 
_atom_site.Cartn_z 
_atom_site.occupancy 
_atom_site.B_iso_or_equiv 
_atom_site.pdbx_formal_charge 
_atom_site.auth_seq_id 
_atom_site.auth_comp_id 
_atom_site.auth_asym_id 
_atom_site.auth_atom_id 
_atom_site.pdbx_PDB_model_num 
ATOM   1   N  N   . GLU A 1 2   ? 0.364   24.976  0.243   1.00 54.99 ? 54  GLU A N   1 
ATOM   2   C  CA  . GLU A 1 2   ? 1.036   23.783  0.745   1.00 55.00 ? 54  GLU A CA  1 
ATOM   3   C  C   . GLU A 1 2   ? 0.318   22.515  0.294   1.00 53.63 ? 54  GLU A C   1 
ATOM   4   O  O   . GLU A 1 2   ? 0.661   21.412  0.719   1.00 54.32 ? 54  GLU A O   1 
ATOM   5   C  CB  . GLU A 1 2   ? 1.125   23.821  2.272   0.00 20.00 ? 54  GLU A CB  1 
ATOM   6   C  CG  . GLU A 1 2   ? 1.980   22.716  2.872   0.00 20.00 ? 54  GLU A CG  1 
ATOM   7   C  CD  . GLU A 1 2   ? 2.145   22.857  4.373   0.00 20.00 ? 54  GLU A CD  1 
ATOM   8   O  OE1 . GLU A 1 2   ? 1.844   21.887  5.100   0.00 20.00 ? 54  GLU A OE1 1 
ATOM   9   O  OE2 . GLU A 1 2   ? 2.577   23.938  4.826   0.00 20.00 ? 54  GLU A OE2 1 
ATOM   10  N  N   . MET A 1 3   ? -0.678  22.681  -0.570  1.00 52.61 ? 55  MET A N   1 
ATOM   11  C  CA  . MET A 1 3   ? -1.446  21.549  -1.083  1.00 51.30 ? 55  MET A CA  1 
ATOM   12  C  C   . MET A 1 3   ? -0.670  20.752  -2.130  1.00 48.34 ? 55  MET A C   1 
ATOM   13  O  O   . MET A 1 3   ? -0.500  21.228  -3.248  1.00 49.03 ? 55  MET A O   1 
ATOM   14  C  CB  . MET A 1 3   ? -2.783  22.019  -1.663  1.00 51.48 ? 55  MET A CB  1 
ATOM   15  C  CG  . MET A 1 3   ? -3.802  20.934  -1.669  1.00 56.21 ? 55  MET A CG  1 
ATOM   16  S  SD  . MET A 1 3   ? -3.893  20.139  -0.039  1.00 68.41 ? 55  MET A SD  1 
ATOM   17  C  CE  . MET A 1 3   ? -3.108  18.511  -0.253  1.00 65.03 ? 55  MET A CE  1 
ATOM   18  N  N   . LYS A 1 4   ? -0.239  19.543  -1.786  1.00 45.15 ? 56  LYS A N   1 
ATOM   19  C  CA  . LYS A 1 4   ? 0.537   18.700  -2.684  1.00 40.84 ? 56  LYS A CA  1 
ATOM   20  C  C   . LYS A 1 4   ? -0.118  17.384  -3.045  1.00 37.55 ? 56  LYS A C   1 
ATOM   21  O  O   . LYS A 1 4   ? -0.855  16.854  -2.282  1.00 38.24 ? 56  LYS A O   1 
ATOM   22  C  CB  . LYS A 1 4   ? 1.858   18.383  -2.045  1.00 41.62 ? 56  LYS A CB  1 
ATOM   23  C  CG  . LYS A 1 4   ? 2.699   19.614  -1.789  1.00 42.32 ? 56  LYS A CG  1 
ATOM   24  C  CD  . LYS A 1 4   ? 3.599   19.427  -0.625  1.00 48.25 ? 56  LYS A CD  1 
ATOM   25  C  CE  . LYS A 1 4   ? 4.401   18.158  -0.747  0.00 54.98 ? 56  LYS A CE  1 
ATOM   26  N  NZ  . LYS A 1 4   ? 3.674   16.977  -0.225  0.00 57.48 ? 56  LYS A NZ  1 
ATOM   27  N  N   . PRO A 1 5   ? 0.177   16.833  -4.199  1.00 33.12 ? 57  PRO A N   1 
ATOM   28  C  CA  . PRO A 1 5   ? -0.407  15.507  -4.442  1.00 31.16 ? 57  PRO A CA  1 
ATOM   29  C  C   . PRO A 1 5   ? 0.269   14.487  -3.562  1.00 28.83 ? 57  PRO A C   1 
ATOM   30  O  O   . PRO A 1 5   ? 1.384   14.727  -3.090  1.00 30.54 ? 57  PRO A O   1 
ATOM   31  C  CB  . PRO A 1 5   ? -0.076  15.223  -5.934  1.00 29.90 ? 57  PRO A CB  1 
ATOM   32  C  CG  . PRO A 1 5   ? 1.072   16.154  -6.257  1.00 32.67 ? 57  PRO A CG  1 
ATOM   33  C  CD  . PRO A 1 5   ? 0.973   17.338  -5.329  1.00 34.22 ? 57  PRO A CD  1 
ATOM   34  N  N   . HIS A 1 6   ? -0.375  13.351  -3.335  1.00 25.79 ? 58  HIS A N   1 
ATOM   35  C  CA  . HIS A 1 6   ? 0.258   12.308  -2.501  1.00 25.42 ? 58  HIS A CA  1 
ATOM   36  C  C   . HIS A 1 6   ? 1.380   11.601  -3.201  1.00 26.97 ? 58  HIS A C   1 
ATOM   37  O  O   . HIS A 1 6   ? 1.187   11.203  -4.362  1.00 30.05 ? 58  HIS A O   1 
ATOM   38  C  CB  . HIS A 1 6   ? -0.804  11.295  -2.142  1.00 22.23 ? 58  HIS A CB  1 
ATOM   39  C  CG  . HIS A 1 6   ? -1.790  11.842  -1.207  1.00 23.56 ? 58  HIS A CG  1 
ATOM   40  N  ND1 . HIS A 1 6   ? -1.396  12.288  0.051   1.00 25.48 ? 58  HIS A ND1 1 
ATOM   41  C  CD2 . HIS A 1 6   ? -3.132  12.042  -1.285  1.00 24.08 ? 58  HIS A CD2 1 
ATOM   42  C  CE1 . HIS A 1 6   ? -2.473  12.706  0.710   1.00 26.12 ? 58  HIS A CE1 1 
ATOM   43  N  NE2 . HIS A 1 6   ? -3.521  12.601  -0.083  1.00 27.20 ? 58  HIS A NE2 1 
ATOM   44  N  N   . PRO A 1 7   ? 2.473   11.290  -2.475  1.00 27.47 ? 59  PRO A N   1 
ATOM   45  C  CA  . PRO A 1 7   ? 3.624   10.671  -3.106  1.00 27.01 ? 59  PRO A CA  1 
ATOM   46  C  C   . PRO A 1 7   ? 3.457   9.170   -3.330  1.00 27.77 ? 59  PRO A C   1 
ATOM   47  O  O   . PRO A 1 7   ? 4.355   8.532   -3.921  1.00 29.23 ? 59  PRO A O   1 
ATOM   48  C  CB  . PRO A 1 7   ? 4.735   10.946  -2.094  1.00 30.06 ? 59  PRO A CB  1 
ATOM   49  C  CG  . PRO A 1 7   ? 3.994   10.834  -0.764  1.00 29.42 ? 59  PRO A CG  1 
ATOM   50  C  CD  . PRO A 1 7   ? 2.742   11.644  -1.052  1.00 27.13 ? 59  PRO A CD  1 
ATOM   51  N  N   . TRP A 1 8   ? 2.282   8.635   -2.945  1.00 25.54 ? 60  TRP A N   1 
ATOM   52  C  CA  . TRP A 1 8   ? 2.104   7.206   -2.882  1.00 24.13 ? 60  TRP A CA  1 
ATOM   53  C  C   . TRP A 1 8   ? 1.173   6.674   -3.939  1.00 23.22 ? 60  TRP A C   1 
ATOM   54  O  O   . TRP A 1 8   ? 1.003   5.459   -4.024  1.00 22.53 ? 60  TRP A O   1 
ATOM   55  C  CB  . TRP A 1 8   ? 1.610   6.803   -1.462  1.00 24.05 ? 60  TRP A CB  1 
ATOM   56  C  CG  . TRP A 1 8   ? 0.528   7.616   -0.768  1.00 22.56 ? 60  TRP A CG  1 
ATOM   57  C  CD1 . TRP A 1 8   ? 0.699   8.580   0.181   1.00 23.26 ? 60  TRP A CD1 1 
ATOM   58  C  CD2 . TRP A 1 8   ? -0.861  7.544   -1.025  1.00 23.02 ? 60  TRP A CD2 1 
ATOM   59  N  NE1 . TRP A 1 8   ? -0.517  9.089   0.583   1.00 23.99 ? 60  TRP A NE1 1 
ATOM   60  C  CE2 . TRP A 1 8   ? -1.504  8.463   -0.146  1.00 22.04 ? 60  TRP A CE2 1 
ATOM   61  C  CE3 . TRP A 1 8   ? -1.645  6.728   -1.857  1.00 20.95 ? 60  TRP A CE3 1 
ATOM   62  C  CZ2 . TRP A 1 8   ? -2.889  8.634   -0.115  1.00 23.99 ? 60  TRP A CZ2 1 
ATOM   63  C  CZ3 . TRP A 1 8   ? -3.050  6.897   -1.844  1.00 21.85 ? 60  TRP A CZ3 1 
ATOM   64  C  CH2 . TRP A 1 8   ? -3.673  7.826   -0.972  1.00 22.78 ? 60  TRP A CH2 1 
ATOM   65  N  N   . PHE A 1 9   ? 0.534   7.565   -4.709  1.00 22.98 ? 61  PHE A N   1 
ATOM   66  C  CA  . PHE A 1 9   ? -0.370  7.023   -5.757  1.00 22.04 ? 61  PHE A CA  1 
ATOM   67  C  C   . PHE A 1 9   ? 0.281   6.825   -7.114  1.00 23.27 ? 61  PHE A C   1 
ATOM   68  O  O   . PHE A 1 9   ? 0.651   7.781   -7.768  1.00 24.50 ? 61  PHE A O   1 
ATOM   69  C  CB  . PHE A 1 9   ? -1.640  7.903   -5.924  1.00 22.55 ? 61  PHE A CB  1 
ATOM   70  C  CG  . PHE A 1 9   ? -2.661  7.253   -6.746  1.00 24.00 ? 61  PHE A CG  1 
ATOM   71  C  CD1 . PHE A 1 9   ? -3.605  6.367   -6.173  1.00 24.50 ? 61  PHE A CD1 1 
ATOM   72  C  CD2 . PHE A 1 9   ? -2.688  7.508   -8.142  1.00 23.56 ? 61  PHE A CD2 1 
ATOM   73  C  CE1 . PHE A 1 9   ? -4.546  5.733   -6.968  1.00 29.32 ? 61  PHE A CE1 1 
ATOM   74  C  CE2 . PHE A 1 9   ? -3.647  6.893   -8.926  1.00 25.03 ? 61  PHE A CE2 1 
ATOM   75  C  CZ  . PHE A 1 9   ? -4.569  6.017   -8.368  1.00 25.75 ? 61  PHE A CZ  1 
ATOM   76  N  N   . PHE A 1 10  ? 0.383   5.559   -7.520  1.00 22.27 ? 62  PHE A N   1 
ATOM   77  C  CA  . PHE A 1 10  ? 1.166   5.237   -8.742  1.00 23.04 ? 62  PHE A CA  1 
ATOM   78  C  C   . PHE A 1 10  ? 0.301   4.821   -9.891  1.00 22.15 ? 62  PHE A C   1 
ATOM   79  O  O   . PHE A 1 10  ? 0.847   4.452   -10.998 1.00 23.47 ? 62  PHE A O   1 
ATOM   80  C  CB  . PHE A 1 10  ? 2.240   4.220   -8.469  1.00 22.02 ? 62  PHE A CB  1 
ATOM   81  C  CG  . PHE A 1 10  ? 3.516   4.825   -7.862  1.00 25.92 ? 62  PHE A CG  1 
ATOM   82  C  CD1 . PHE A 1 10  ? 3.558   5.242   -6.533  1.00 25.73 ? 62  PHE A CD1 1 
ATOM   83  C  CD2 . PHE A 1 10  ? 4.650   4.935   -8.587  1.00 28.20 ? 62  PHE A CD2 1 
ATOM   84  C  CE1 . PHE A 1 10  ? 4.687   5.756   -5.996  1.00 27.61 ? 62  PHE A CE1 1 
ATOM   85  C  CE2 . PHE A 1 10  ? 5.825   5.452   -8.019  1.00 31.45 ? 62  PHE A CE2 1 
ATOM   86  C  CZ  . PHE A 1 10  ? 5.810   5.876   -6.714  1.00 27.10 ? 62  PHE A CZ  1 
ATOM   87  N  N   . GLY A 1 11  ? -1.017  4.940   -9.733  1.00 21.61 ? 63  GLY A N   1 
ATOM   88  C  CA  . GLY A 1 11  ? -1.896  4.503   -10.853 1.00 22.81 ? 63  GLY A CA  1 
ATOM   89  C  C   . GLY A 1 11  ? -1.715  3.033   -11.240 1.00 22.99 ? 63  GLY A C   1 
ATOM   90  O  O   . GLY A 1 11  ? -1.530  2.124   -10.410 1.00 22.21 ? 63  GLY A O   1 
ATOM   91  N  N   . LYS A 1 12  ? -1.729  2.773   -12.542 1.00 24.54 ? 64  LYS A N   1 
ATOM   92  C  CA  . LYS A 1 12  ? -1.742  1.419   -13.040 1.00 25.84 ? 64  LYS A CA  1 
ATOM   93  C  C   . LYS A 1 12  ? -0.313  0.922   -13.335 1.00 28.69 ? 64  LYS A C   1 
ATOM   94  O  O   . LYS A 1 12  ? 0.058   0.681   -14.476 1.00 33.06 ? 64  LYS A O   1 
ATOM   95  C  CB  . LYS A 1 12  ? -2.607  1.339   -14.302 1.00 25.29 ? 64  LYS A CB  1 
ATOM   96  C  CG  . LYS A 1 12  ? -2.949  -0.154  -14.610 1.00 27.22 ? 64  LYS A CG  1 
ATOM   97  C  CD  . LYS A 1 12  ? -3.796  -0.269  -15.881 1.00 31.03 ? 64  LYS A CD  1 
ATOM   98  C  CE  . LYS A 1 12  ? -4.271  -1.671  -16.141 0.50 30.96 ? 64  LYS A CE  1 
ATOM   99  N  NZ  . LYS A 1 12  ? -5.147  -1.647  -17.345 0.50 31.82 ? 64  LYS A NZ  1 
ATOM   100 N  N   A ILE A 1 13  ? 0.477   0.740   -12.315 0.50 28.57 ? 65  ILE A N   1 
ATOM   101 N  N   B ILE A 1 13  ? 0.473   0.744   -12.305 0.50 28.45 ? 65  ILE A N   1 
ATOM   102 C  CA  A ILE A 1 13  ? 1.744   0.099   -12.530 0.50 28.03 ? 65  ILE A CA  1 
ATOM   103 C  CA  B ILE A 1 13  ? 1.787   0.158   -12.438 0.50 27.82 ? 65  ILE A CA  1 
ATOM   104 C  C   A ILE A 1 13  ? 1.645   -1.375  -12.238 0.50 27.93 ? 65  ILE A C   1 
ATOM   105 C  C   B ILE A 1 13  ? 1.671   -1.358  -12.214 0.50 28.22 ? 65  ILE A C   1 
ATOM   106 O  O   A ILE A 1 13  ? 0.942   -1.783  -11.349 0.50 26.28 ? 65  ILE A O   1 
ATOM   107 O  O   B ILE A 1 13  ? 0.950   -1.777  -11.344 0.50 26.12 ? 65  ILE A O   1 
ATOM   108 C  CB  A ILE A 1 13  ? 2.819   0.750   -11.771 0.50 28.11 ? 65  ILE A CB  1 
ATOM   109 C  CB  B ILE A 1 13  ? 2.754   0.880   -11.510 0.50 28.58 ? 65  ILE A CB  1 
ATOM   110 C  CG1 A ILE A 1 13  ? 2.566   0.629   -10.302 0.50 28.96 ? 65  ILE A CG1 1 
ATOM   111 C  CG1 B ILE A 1 13  ? 4.171   0.418   -11.680 0.50 26.46 ? 65  ILE A CG1 1 
ATOM   112 C  CG2 A ILE A 1 13  ? 2.841   2.178   -12.123 0.50 27.11 ? 65  ILE A CG2 1 
ATOM   113 C  CG2 B ILE A 1 13  ? 2.475   0.627   -10.109 0.50 28.60 ? 65  ILE A CG2 1 
ATOM   114 C  CD1 A ILE A 1 13  ? 3.772   0.680   -9.579  0.50 23.11 ? 65  ILE A CD1 1 
ATOM   115 C  CD1 B ILE A 1 13  ? 5.057   0.990   -10.584 0.50 27.34 ? 65  ILE A CD1 1 
ATOM   116 N  N   . PRO A 1 14  ? 2.330   -2.174  -13.019 1.00 26.84 ? 66  PRO A N   1 
ATOM   117 C  CA  . PRO A 1 14  ? 2.195   -3.619  -12.789 1.00 27.15 ? 66  PRO A CA  1 
ATOM   118 C  C   . PRO A 1 14  ? 2.754   -4.017  -11.433 1.00 25.81 ? 66  PRO A C   1 
ATOM   119 O  O   . PRO A 1 14  ? 3.656   -3.328  -10.914 1.00 26.61 ? 66  PRO A O   1 
ATOM   120 C  CB  . PRO A 1 14  ? 2.998   -4.238  -13.922 1.00 27.79 ? 66  PRO A CB  1 
ATOM   121 C  CG  . PRO A 1 14  ? 3.053   -3.144  -14.968 1.00 28.74 ? 66  PRO A CG  1 
ATOM   122 C  CD  . PRO A 1 14  ? 3.074   -1.876  -14.289 1.00 26.51 ? 66  PRO A CD  1 
ATOM   123 N  N   . ARG A 1 15  ? 2.144   -5.045  -10.853 1.00 25.56 ? 67  ARG A N   1 
ATOM   124 C  CA  . ARG A 1 15  ? 2.627   -5.649  -9.599  1.00 23.99 ? 67  ARG A CA  1 
ATOM   125 C  C   . ARG A 1 15  ? 4.149   -5.818  -9.563  1.00 23.90 ? 67  ARG A C   1 
ATOM   126 O  O   . ARG A 1 15  ? 4.851   -5.462  -8.589  1.00 22.47 ? 67  ARG A O   1 
ATOM   127 C  CB  . ARG A 1 15  ? 1.976   -7.002  -9.449  1.00 22.82 ? 67  ARG A CB  1 
ATOM   128 C  CG  . ARG A 1 15  ? 2.347   -7.739  -8.154  1.00 21.45 ? 67  ARG A CG  1 
ATOM   129 C  CD  . ARG A 1 15  ? 1.682   -9.084  -8.189  1.00 25.48 ? 67  ARG A CD  1 
ATOM   130 N  NE  . ARG A 1 15  ? 2.164   -10.026 -7.180  1.00 25.87 ? 67  ARG A NE  1 
ATOM   131 C  CZ  . ARG A 1 15  ? 1.475   -10.341 -6.059  1.00 25.45 ? 67  ARG A CZ  1 
ATOM   132 N  NH1 . ARG A 1 15  ? 0.295   -9.829  -5.806  1.00 25.48 ? 67  ARG A NH1 1 
ATOM   133 N  NH2 . ARG A 1 15  ? 1.983   -11.251 -5.233  1.00 26.99 ? 67  ARG A NH2 1 
ATOM   134 N  N   . ALA A 1 16  ? 4.697   -6.371  -10.657 1.00 24.13 ? 68  ALA A N   1 
ATOM   135 C  CA  . ALA A 1 16  ? 6.140   -6.557  -10.742 1.00 24.72 ? 68  ALA A CA  1 
ATOM   136 C  C   . ALA A 1 16  ? 6.918   -5.237  -10.711 1.00 24.95 ? 68  ALA A C   1 
ATOM   137 O  O   . ALA A 1 16  ? 7.963   -5.176  -10.086 1.00 26.09 ? 68  ALA A O   1 
ATOM   138 C  CB  . ALA A 1 16  ? 6.513   -7.391  -12.010 1.00 23.77 ? 68  ALA A CB  1 
ATOM   139 N  N   . LYS A 1 17  ? 6.442   -4.177  -11.352 1.00 23.65 ? 69  LYS A N   1 
ATOM   140 C  CA  . LYS A 1 17  ? 7.171   -2.912  -11.324 1.00 26.62 ? 69  LYS A CA  1 
ATOM   141 C  C   . LYS A 1 17  ? 7.081   -2.303  -9.939  1.00 24.55 ? 69  LYS A C   1 
ATOM   142 O  O   . LYS A 1 17  ? 8.036   -1.702  -9.505  1.00 24.20 ? 69  LYS A O   1 
ATOM   143 C  CB  . LYS A 1 17  ? 6.650   -1.874  -12.291 1.00 28.17 ? 69  LYS A CB  1 
ATOM   144 C  CG  . LYS A 1 17  ? 6.611   -2.333  -13.742 1.00 34.34 ? 69  LYS A CG  1 
ATOM   145 C  CD  . LYS A 1 17  ? 7.894   -2.952  -14.314 1.00 40.73 ? 69  LYS A CD  1 
ATOM   146 C  CE  . LYS A 1 17  ? 7.537   -4.234  -15.112 1.00 44.07 ? 69  LYS A CE  1 
ATOM   147 N  NZ  . LYS A 1 17  ? 8.749   -5.077  -15.459 1.00 41.79 ? 69  LYS A NZ  1 
ATOM   148 N  N   . ALA A 1 18  ? 5.932   -2.454  -9.292  1.00 24.88 ? 70  ALA A N   1 
ATOM   149 C  CA  . ALA A 1 18  ? 5.854   -2.046  -7.852  1.00 24.24 ? 70  ALA A CA  1 
ATOM   150 C  C   . ALA A 1 18  ? 6.941   -2.766  -7.005  1.00 24.86 ? 70  ALA A C   1 
ATOM   151 O  O   . ALA A 1 18  ? 7.640   -2.117  -6.192  1.00 25.05 ? 70  ALA A O   1 
ATOM   152 C  CB  . ALA A 1 18  ? 4.441   -2.362  -7.298  1.00 25.92 ? 70  ALA A CB  1 
ATOM   153 N  N   . GLU A 1 19  ? 7.128   -4.079  -7.233  1.00 23.78 ? 71  GLU A N   1 
ATOM   154 C  CA  . GLU A 1 19  ? 8.205   -4.814  -6.562  1.00 24.29 ? 71  GLU A CA  1 
ATOM   155 C  C   . GLU A 1 19  ? 9.572   -4.298  -6.923  1.00 25.17 ? 71  GLU A C   1 
ATOM   156 O  O   . GLU A 1 19  ? 10.396  -4.098  -6.032  1.00 23.12 ? 71  GLU A O   1 
ATOM   157 C  CB  . GLU A 1 19  ? 8.124   -6.268  -6.873  1.00 24.52 ? 71  GLU A CB  1 
ATOM   158 C  CG  . GLU A 1 19  ? 6.914   -6.914  -6.227  1.00 26.21 ? 71  GLU A CG  1 
ATOM   159 C  CD  . GLU A 1 19  ? 6.757   -8.413  -6.514  1.00 35.15 ? 71  GLU A CD  1 
ATOM   160 O  OE1 . GLU A 1 19  ? 7.316   -8.960  -7.519  1.00 41.74 ? 71  GLU A OE1 1 
ATOM   161 O  OE2 . GLU A 1 19  ? 5.993   -9.067  -5.773  1.00 29.24 ? 71  GLU A OE2 1 
ATOM   162 N  N   . GLU A 1 20  ? 9.836   -4.090  -8.214  1.00 25.16 ? 72  GLU A N   1 
ATOM   163 C  CA  . GLU A 1 20  ? 11.052  -3.451  -8.628  1.00 25.97 ? 72  GLU A CA  1 
ATOM   164 C  C   . GLU A 1 20  ? 11.362  -2.148  -7.950  1.00 25.05 ? 72  GLU A C   1 
ATOM   165 O  O   . GLU A 1 20  ? 12.475  -2.003  -7.433  1.00 26.80 ? 72  GLU A O   1 
ATOM   166 C  CB  . GLU A 1 20  ? 11.113  -3.294  -10.154 1.00 25.11 ? 72  GLU A CB  1 
ATOM   167 C  CG  . GLU A 1 20  ? 12.285  -2.364  -10.589 1.00 27.68 ? 72  GLU A CG  1 
ATOM   168 C  CD  . GLU A 1 20  ? 12.326  -2.116  -12.099 1.00 30.69 ? 72  GLU A CD  1 
ATOM   169 O  OE1 . GLU A 1 20  ? 11.420  -2.590  -12.854 1.00 30.76 ? 72  GLU A OE1 1 
ATOM   170 O  OE2 . GLU A 1 20  ? 13.258  -1.402  -12.554 1.00 34.94 ? 72  GLU A OE2 1 
ATOM   171 N  N   . MET A 1 21  ? 10.386  -1.235  -7.864  1.00 24.82 ? 73  MET A N   1 
ATOM   172 C  CA  . MET A 1 21  ? 10.610  0.115   -7.377  1.00 25.38 ? 73  MET A CA  1 
ATOM   173 C  C   . MET A 1 21  ? 10.844  -0.017  -5.838  1.00 25.22 ? 73  MET A C   1 
ATOM   174 O  O   . MET A 1 21  ? 11.809  0.553   -5.240  1.00 24.20 ? 73  MET A O   1 
ATOM   175 C  CB  . MET A 1 21  ? 9.362   0.958   -7.671  1.00 24.54 ? 73  MET A CB  1 
ATOM   176 C  CG  . MET A 1 21  ? 9.524   2.424   -7.313  1.00 29.41 ? 73  MET A CG  1 
ATOM   177 S  SD  . MET A 1 21  ? 9.097   2.703   -5.563  0.50 30.76 ? 73  MET A SD  1 
ATOM   178 C  CE  . MET A 1 21  ? 7.410   3.190   -5.721  0.50 36.80 ? 73  MET A CE  1 
ATOM   179 N  N   . LEU A 1 22  ? 9.972   -0.775  -5.180  1.00 25.92 ? 74  LEU A N   1 
ATOM   180 C  CA  . LEU A 1 22  ? 10.086  -0.886  -3.703  1.00 26.05 ? 74  LEU A CA  1 
ATOM   181 C  C   . LEU A 1 22  ? 11.331  -1.596  -3.175  1.00 28.69 ? 74  LEU A C   1 
ATOM   182 O  O   . LEU A 1 22  ? 11.833  -1.287  -2.067  1.00 29.82 ? 74  LEU A O   1 
ATOM   183 C  CB  . LEU A 1 22  ? 8.762   -1.384  -3.066  1.00 26.34 ? 74  LEU A CB  1 
ATOM   184 C  CG  . LEU A 1 22  ? 7.633   -0.362  -3.214  1.00 24.03 ? 74  LEU A CG  1 
ATOM   185 C  CD1 . LEU A 1 22  ? 6.257   -1.004  -2.888  1.00 29.17 ? 74  LEU A CD1 1 
ATOM   186 C  CD2 . LEU A 1 22  ? 7.772   0.981   -2.392  1.00 25.67 ? 74  LEU A CD2 1 
ATOM   187 N  N   A SER A 1 23  ? 11.869  -2.470  -3.989  0.50 27.49 ? 75  SER A N   1 
ATOM   188 N  N   B SER A 1 23  ? 11.866  -2.476  -3.981  0.50 28.40 ? 75  SER A N   1 
ATOM   189 C  CA  A SER A 1 23  ? 13.065  -3.177  -3.634  0.50 28.11 ? 75  SER A CA  1 
ATOM   190 C  CA  B SER A 1 23  ? 13.032  -3.193  -3.575  0.50 29.94 ? 75  SER A CA  1 
ATOM   191 C  C   A SER A 1 23  ? 14.261  -2.294  -3.402  0.50 27.30 ? 75  SER A C   1 
ATOM   192 C  C   B SER A 1 23  ? 14.260  -2.304  -3.408  0.50 28.45 ? 75  SER A C   1 
ATOM   193 O  O   A SER A 1 23  ? 15.184  -2.690  -2.780  0.50 29.17 ? 75  SER A O   1 
ATOM   194 O  O   B SER A 1 23  ? 15.196  -2.702  -2.805  0.50 29.91 ? 75  SER A O   1 
ATOM   195 C  CB  A SER A 1 23  ? 13.400  -4.167  -4.716  0.50 27.41 ? 75  SER A CB  1 
ATOM   196 C  CB  B SER A 1 23  ? 13.292  -4.321  -4.549  0.50 29.67 ? 75  SER A CB  1 
ATOM   197 O  OG  A SER A 1 23  ? 12.537  -5.252  -4.614  0.50 26.35 ? 75  SER A OG  1 
ATOM   198 O  OG  B SER A 1 23  ? 13.757  -3.779  -5.745  0.50 35.22 ? 75  SER A OG  1 
ATOM   199 N  N   . LYS A 1 24  ? 14.222  -1.117  -3.972  1.00 28.39 ? 76  LYS A N   1 
ATOM   200 C  CA  . LYS A 1 24  ? 15.327  -0.133  -3.907  1.00 27.67 ? 76  LYS A CA  1 
ATOM   201 C  C   . LYS A 1 24  ? 15.163  0.784   -2.740  1.00 29.20 ? 76  LYS A C   1 
ATOM   202 O  O   . LYS A 1 24  ? 16.067  1.591   -2.442  1.00 30.26 ? 76  LYS A O   1 
ATOM   203 C  CB  . LYS A 1 24  ? 15.417  0.671   -5.172  1.00 27.00 ? 76  LYS A CB  1 
ATOM   204 C  CG  . LYS A 1 24  ? 15.781  -0.277  -6.372  1.00 26.45 ? 76  LYS A CG  1 
ATOM   205 C  CD  . LYS A 1 24  ? 15.961  0.493   -7.642  1.00 29.92 ? 76  LYS A CD  1 
ATOM   206 C  CE  . LYS A 1 24  ? 14.630  0.874   -8.182  1.00 33.01 ? 76  LYS A CE  1 
ATOM   207 N  NZ  . LYS A 1 24  ? 14.869  1.709   -9.402  1.00 37.93 ? 76  LYS A NZ  1 
ATOM   208 N  N   . GLN A 1 25  ? 14.016  0.678   -2.075  1.00 27.20 ? 77  GLN A N   1 
ATOM   209 C  CA  . GLN A 1 25  ? 13.777  1.557   -0.933  1.00 25.81 ? 77  GLN A CA  1 
ATOM   210 C  C   . GLN A 1 25  ? 14.567  0.984   0.238   1.00 27.51 ? 77  GLN A C   1 
ATOM   211 O  O   . GLN A 1 25  ? 14.649  -0.224  0.423   1.00 28.48 ? 77  GLN A O   1 
ATOM   212 C  CB  . GLN A 1 25  ? 12.274  1.653   -0.619  1.00 24.55 ? 77  GLN A CB  1 
ATOM   213 C  CG  . GLN A 1 25  ? 11.501  2.447   -1.636  1.00 25.26 ? 77  GLN A CG  1 
ATOM   214 C  CD  . GLN A 1 25  ? 11.849  3.905   -1.654  1.00 32.81 ? 77  GLN A CD  1 
ATOM   215 O  OE1 . GLN A 1 25  ? 11.686  4.605   -0.662  1.00 31.99 ? 77  GLN A OE1 1 
ATOM   216 N  NE2 . GLN A 1 25  ? 12.335  4.392   -2.801  1.00 33.24 ? 77  GLN A NE2 1 
ATOM   217 N  N   . ARG A 1 26  ? 15.142  1.859   1.072   1.00 27.24 ? 78  ARG A N   1 
ATOM   218 C  CA  . ARG A 1 26  ? 15.860  1.379   2.202   1.00 28.08 ? 78  ARG A CA  1 
ATOM   219 C  C   . ARG A 1 26  ? 15.037  1.031   3.422   1.00 27.93 ? 78  ARG A C   1 
ATOM   220 O  O   . ARG A 1 26  ? 15.508  0.226   4.232   1.00 29.10 ? 78  ARG A O   1 
ATOM   221 C  CB  . ARG A 1 26  ? 16.891  2.430   2.672   1.00 27.67 ? 78  ARG A CB  1 
ATOM   222 C  CG  . ARG A 1 26  ? 18.020  2.646   1.685   1.00 28.11 ? 78  ARG A CG  1 
ATOM   223 C  CD  . ARG A 1 26  ? 18.858  3.824   2.121   1.00 27.58 ? 78  ARG A CD  1 
ATOM   224 N  NE  . ARG A 1 26  ? 20.204  3.754   1.563   1.00 24.33 ? 78  ARG A NE  1 
ATOM   225 C  CZ  . ARG A 1 26  ? 21.147  4.631   1.869   1.00 26.21 ? 78  ARG A CZ  1 
ATOM   226 N  NH1 . ARG A 1 26  ? 20.876  5.649   2.721   1.00 24.42 ? 78  ARG A NH1 1 
ATOM   227 N  NH2 . ARG A 1 26  ? 22.348  4.484   1.382   1.00 22.82 ? 78  ARG A NH2 1 
ATOM   228 N  N   . HIS A 1 27  ? 13.861  1.642   3.604   1.00 26.99 ? 79  HIS A N   1 
ATOM   229 C  CA  . HIS A 1 27  ? 13.201  1.592   4.921   1.00 27.20 ? 79  HIS A CA  1 
ATOM   230 C  C   . HIS A 1 27  ? 11.900  0.782   4.885   1.00 27.53 ? 79  HIS A C   1 
ATOM   231 O  O   . HIS A 1 27  ? 11.071  1.018   4.036   1.00 27.83 ? 79  HIS A O   1 
ATOM   232 C  CB  . HIS A 1 27  ? 12.925  2.994   5.357   1.00 28.52 ? 79  HIS A CB  1 
ATOM   233 C  CG  . HIS A 1 27  ? 14.187  3.756   5.492   1.00 29.11 ? 79  HIS A CG  1 
ATOM   234 N  ND1 . HIS A 1 27  ? 15.103  3.455   6.472   1.00 29.77 ? 79  HIS A ND1 1 
ATOM   235 C  CD2 . HIS A 1 27  ? 14.743  4.712   4.723   1.00 30.55 ? 79  HIS A CD2 1 
ATOM   236 C  CE1 . HIS A 1 27  ? 16.165  4.234   6.327   1.00 31.60 ? 79  HIS A CE1 1 
ATOM   237 N  NE2 . HIS A 1 27  ? 15.955  5.024   5.287   1.00 31.01 ? 79  HIS A NE2 1 
ATOM   238 N  N   . ASP A 1 28  ? 11.752  -0.169  5.814   1.00 27.95 ? 80  ASP A N   1 
ATOM   239 C  CA  . ASP A 1 28  ? 10.549  -0.998  5.817   1.00 26.26 ? 80  ASP A CA  1 
ATOM   240 C  C   . ASP A 1 28  ? 9.367   -0.119  6.014   1.00 26.23 ? 80  ASP A C   1 
ATOM   241 O  O   . ASP A 1 28  ? 9.411   0.818   6.829   1.00 27.01 ? 80  ASP A O   1 
ATOM   242 C  CB  . ASP A 1 28  ? 10.620  -2.071  6.940   1.00 27.54 ? 80  ASP A CB  1 
ATOM   243 C  CG  . ASP A 1 28  ? 11.743  -3.079  6.696   1.00 27.45 ? 80  ASP A CG  1 
ATOM   244 O  OD1 . ASP A 1 28  ? 12.116  -3.773  7.626   1.00 34.05 ? 80  ASP A OD1 1 
ATOM   245 O  OD2 . ASP A 1 28  ? 12.239  -3.212  5.558   1.00 30.90 ? 80  ASP A OD2 1 
ATOM   246 N  N   . GLY A 1 29  ? 8.275   -0.458  5.332   1.00 23.88 ? 81  GLY A N   1 
ATOM   247 C  CA  . GLY A 1 29  ? 7.085   0.376   5.361   1.00 25.17 ? 81  GLY A CA  1 
ATOM   248 C  C   . GLY A 1 29  ? 6.938   1.262   4.139   1.00 24.08 ? 81  GLY A C   1 
ATOM   249 O  O   . GLY A 1 29  ? 5.861   1.745   3.852   1.00 23.10 ? 81  GLY A O   1 
ATOM   250 N  N   . ALA A 1 30  ? 8.020   1.457   3.378   1.00 22.88 ? 82  ALA A N   1 
ATOM   251 C  CA  . ALA A 1 30  ? 7.898   2.272   2.186   1.00 21.88 ? 82  ALA A CA  1 
ATOM   252 C  C   . ALA A 1 30  ? 6.857   1.624   1.303   1.00 21.25 ? 82  ALA A C   1 
ATOM   253 O  O   . ALA A 1 30  ? 6.874   0.389   1.139   1.00 22.62 ? 82  ALA A O   1 
ATOM   254 C  CB  . ALA A 1 30  ? 9.247   2.374   1.488   1.00 21.89 ? 82  ALA A CB  1 
ATOM   255 N  N   . PHE A 1 31  ? 5.958   2.398   0.721   1.00 21.42 ? 83  PHE A N   1 
ATOM   256 C  CA  . PHE A 1 31  ? 4.781   1.783   0.064   1.00 20.42 ? 83  PHE A CA  1 
ATOM   257 C  C   . PHE A 1 31  ? 4.261   2.619   -1.091  1.00 21.27 ? 83  PHE A C   1 
ATOM   258 O  O   . PHE A 1 31  ? 4.620   3.831   -1.274  1.00 21.84 ? 83  PHE A O   1 
ATOM   259 C  CB  . PHE A 1 31  ? 3.613   1.642   1.094   1.00 21.57 ? 83  PHE A CB  1 
ATOM   260 C  CG  . PHE A 1 31  ? 2.950   2.917   1.379   1.00 22.49 ? 83  PHE A CG  1 
ATOM   261 C  CD1 . PHE A 1 31  ? 1.755   3.252   0.768   1.00 22.37 ? 83  PHE A CD1 1 
ATOM   262 C  CD2 . PHE A 1 31  ? 3.549   3.875   2.225   1.00 21.28 ? 83  PHE A CD2 1 
ATOM   263 C  CE1 . PHE A 1 31  ? 1.153   4.500   1.002   1.00 21.72 ? 83  PHE A CE1 1 
ATOM   264 C  CE2 . PHE A 1 31  ? 3.004   5.129   2.414   1.00 23.53 ? 83  PHE A CE2 1 
ATOM   265 C  CZ  . PHE A 1 31  ? 1.781   5.441   1.848   1.00 22.46 ? 83  PHE A CZ  1 
ATOM   266 N  N   . LEU A 1 32  ? 3.369   1.979   -1.813  1.00 21.11 ? 84  LEU A N   1 
ATOM   267 C  CA  . LEU A 1 32  ? 2.557   2.675   -2.791  1.00 21.44 ? 84  LEU A CA  1 
ATOM   268 C  C   . LEU A 1 32  ? 1.177   2.006   -2.902  1.00 20.66 ? 84  LEU A C   1 
ATOM   269 O  O   . LEU A 1 32  ? 1.022   0.811   -2.571  1.00 21.76 ? 84  LEU A O   1 
ATOM   270 C  CB  . LEU A 1 32  ? 3.255   2.664   -4.154  1.00 21.84 ? 84  LEU A CB  1 
ATOM   271 C  CG  . LEU A 1 32  ? 3.571   1.301   -4.780  1.00 22.00 ? 84  LEU A CG  1 
ATOM   272 C  CD1 . LEU A 1 32  ? 2.439   0.725   -5.684  1.00 25.49 ? 84  LEU A CD1 1 
ATOM   273 C  CD2 . LEU A 1 32  ? 4.801   1.564   -5.576  1.00 25.37 ? 84  LEU A CD2 1 
ATOM   274 N  N   . ILE A 1 33  ? 0.225   2.775   -3.421  1.00 20.01 ? 85  ILE A N   1 
ATOM   275 C  CA  . ILE A 1 33  ? -1.105  2.289   -3.864  1.00 19.85 ? 85  ILE A CA  1 
ATOM   276 C  C   . ILE A 1 33  ? -1.073  2.210   -5.388  1.00 20.42 ? 85  ILE A C   1 
ATOM   277 O  O   . ILE A 1 33  ? -0.602  3.139   -6.028  1.00 23.66 ? 85  ILE A O   1 
ATOM   278 C  CB  . ILE A 1 33  ? -2.145  3.261   -3.435  1.00 20.67 ? 85  ILE A CB  1 
ATOM   279 C  CG1 . ILE A 1 33  ? -2.288  3.163   -1.896  1.00 22.20 ? 85  ILE A CG1 1 
ATOM   280 C  CG2 . ILE A 1 33  ? -3.498  2.831   -4.013  1.00 21.14 ? 85  ILE A CG2 1 
ATOM   281 C  CD1 . ILE A 1 33  ? -2.995  1.854   -1.395  1.00 24.39 ? 85  ILE A CD1 1 
ATOM   282 N  N   . ARG A 1 34  ? -1.530  1.106   -5.938  1.00 21.70 ? 86  ARG A N   1 
ATOM   283 C  CA  . ARG A 1 34  ? -1.625  0.966   -7.395  1.00 21.53 ? 86  ARG A CA  1 
ATOM   284 C  C   . ARG A 1 34  ? -2.986  0.435   -7.733  1.00 22.96 ? 86  ARG A C   1 
ATOM   285 O  O   . ARG A 1 34  ? -3.726  -0.099  -6.912  1.00 21.95 ? 86  ARG A O   1 
ATOM   286 C  CB  . ARG A 1 34  ? -0.541  0.046   -7.906  1.00 19.38 ? 86  ARG A CB  1 
ATOM   287 C  CG  . ARG A 1 34  ? -0.530  -1.429  -7.384  1.00 17.76 ? 86  ARG A CG  1 
ATOM   288 C  CD  . ARG A 1 34  ? 0.667   -2.250  -7.891  1.00 13.29 ? 86  ARG A CD  1 
ATOM   289 N  NE  . ARG A 1 34  ? 0.751   -3.421  -7.034  1.00 20.34 ? 86  ARG A NE  1 
ATOM   290 C  CZ  . ARG A 1 34  ? -0.012  -4.526  -7.165  1.00 22.10 ? 86  ARG A CZ  1 
ATOM   291 N  NH1 . ARG A 1 34  ? -0.828  -4.683  -8.256  1.00 24.51 ? 86  ARG A NH1 1 
ATOM   292 N  NH2 . ARG A 1 34  ? 0.059   -5.527  -6.310  1.00 21.37 ? 86  ARG A NH2 1 
ATOM   293 N  N   . GLU A 1 35  ? -3.324  0.542   -9.006  1.00 22.62 ? 87  GLU A N   1 
ATOM   294 C  CA  . GLU A 1 35  ? -4.602  0.068   -9.475  1.00 23.67 ? 87  GLU A CA  1 
ATOM   295 C  C   . GLU A 1 35  ? -4.314  -1.309  -10.029 1.00 25.14 ? 87  GLU A C   1 
ATOM   296 O  O   . GLU A 1 35  ? -3.495  -1.419  -10.970 1.00 23.85 ? 87  GLU A O   1 
ATOM   297 C  CB  . GLU A 1 35  ? -5.042  1.074   -10.578 1.00 22.91 ? 87  GLU A CB  1 
ATOM   298 C  CG  . GLU A 1 35  ? -5.201  2.466   -10.047 1.00 21.97 ? 87  GLU A CG  1 
ATOM   299 C  CD  . GLU A 1 35  ? -5.989  3.336   -10.951 1.00 24.07 ? 87  GLU A CD  1 
ATOM   300 O  OE1 . GLU A 1 35  ? -7.229  3.195   -10.957 1.00 25.84 ? 87  GLU A OE1 1 
ATOM   301 O  OE2 . GLU A 1 35  ? -5.342  4.143   -11.672 1.00 26.71 ? 87  GLU A OE2 1 
ATOM   302 N  N   . SER A 1 36  ? -4.968  -2.365  -9.515  1.00 22.90 ? 88  SER A N   1 
ATOM   303 C  CA  . SER A 1 36  ? -4.610  -3.759  -9.829  1.00 22.90 ? 88  SER A CA  1 
ATOM   304 C  C   . SER A 1 36  ? -4.861  -3.999  -11.304 1.00 23.60 ? 88  SER A C   1 
ATOM   305 O  O   . SER A 1 36  ? -5.811  -3.471  -11.839 1.00 23.86 ? 88  SER A O   1 
ATOM   306 C  CB  . SER A 1 36  ? -5.538  -4.715  -9.081  1.00 23.07 ? 88  SER A CB  1 
ATOM   307 O  OG  . SER A 1 36  ? -5.219  -6.078  -9.362  1.00 23.01 ? 88  SER A OG  1 
ATOM   308 N  N   . GLU A 1 37  ? -3.985  -4.758  -11.929 1.00 24.41 ? 89  GLU A N   1 
ATOM   309 C  CA  . GLU A 1 37  ? -4.229  -5.166  -13.302 1.00 27.07 ? 89  GLU A CA  1 
ATOM   310 C  C   . GLU A 1 37  ? -5.037  -6.480  -13.350 1.00 27.08 ? 89  GLU A C   1 
ATOM   311 O  O   . GLU A 1 37  ? -5.836  -6.662  -14.302 1.00 28.50 ? 89  GLU A O   1 
ATOM   312 C  CB  . GLU A 1 37  ? -2.915  -5.377  -14.000 1.00 25.45 ? 89  GLU A CB  1 
ATOM   313 C  CG  . GLU A 1 37  ? -2.090  -4.096  -14.127 1.00 25.86 ? 89  GLU A CG  1 
ATOM   314 C  CD  . GLU A 1 37  ? -0.935  -4.309  -15.068 1.00 32.05 ? 89  GLU A CD  1 
ATOM   315 O  OE1 . GLU A 1 37  ? -0.869  -3.586  -16.068 1.00 34.49 ? 89  GLU A OE1 1 
ATOM   316 O  OE2 . GLU A 1 37  ? -0.135  -5.226  -14.853 1.00 30.97 ? 89  GLU A OE2 1 
ATOM   317 N  N   . SER A 1 38  ? -4.830  -7.378  -12.378 1.00 28.17 ? 90  SER A N   1 
ATOM   318 C  CA  . SER A 1 38  ? -5.555  -8.682  -12.321 1.00 28.42 ? 90  SER A CA  1 
ATOM   319 C  C   . SER A 1 38  ? -7.007  -8.505  -11.891 1.00 30.25 ? 90  SER A C   1 
ATOM   320 O  O   . SER A 1 38  ? -7.891  -9.334  -12.207 1.00 29.04 ? 90  SER A O   1 
ATOM   321 C  CB  . SER A 1 38  ? -4.822  -9.665  -11.410 1.00 28.11 ? 90  SER A CB  1 
ATOM   322 O  OG  . SER A 1 38  ? -4.897  -9.243  -10.068 1.00 29.01 ? 90  SER A OG  1 
ATOM   323 N  N   . ALA A 1 39  ? -7.262  -7.437  -11.149 1.00 29.56 ? 91  ALA A N   1 
ATOM   324 C  CA  . ALA A 1 39  ? -8.612  -7.141  -10.705 1.00 29.73 ? 91  ALA A CA  1 
ATOM   325 C  C   . ALA A 1 39  ? -8.963  -5.684  -11.026 1.00 30.05 ? 91  ALA A C   1 
ATOM   326 O  O   . ALA A 1 39  ? -8.963  -4.829  -10.125 1.00 27.92 ? 91  ALA A O   1 
ATOM   327 C  CB  . ALA A 1 39  ? -8.743  -7.409  -9.209  1.00 29.37 ? 91  ALA A CB  1 
ATOM   328 N  N   . PRO A 1 40  ? -9.267  -5.368  -12.310 1.00 30.97 ? 92  PRO A N   1 
ATOM   329 C  CA  . PRO A 1 40  ? -9.512  -3.947  -12.695 1.00 30.48 ? 92  PRO A CA  1 
ATOM   330 C  C   . PRO A 1 40  ? -10.661 -3.328  -11.921 1.00 29.88 ? 92  PRO A C   1 
ATOM   331 O  O   . PRO A 1 40  ? -11.706 -3.960  -11.753 1.00 30.95 ? 92  PRO A O   1 
ATOM   332 C  CB  . PRO A 1 40  ? -9.843  -3.989  -14.208 1.00 31.84 ? 92  PRO A CB  1 
ATOM   333 C  CG  . PRO A 1 40  ? -9.636  -5.406  -14.587 1.00 31.62 ? 92  PRO A CG  1 
ATOM   334 C  CD  . PRO A 1 40  ? -9.194  -6.278  -13.476 1.00 30.31 ? 92  PRO A CD  1 
ATOM   335 N  N   . GLY A 1 41  ? -10.413 -2.127  -11.413 1.00 28.25 ? 93  GLY A N   1 
ATOM   336 C  CA  . GLY A 1 41  ? -11.324 -1.403  -10.568 1.00 28.43 ? 93  GLY A CA  1 
ATOM   337 C  C   . GLY A 1 41  ? -11.028 -1.600  -9.111  1.00 27.41 ? 93  GLY A C   1 
ATOM   338 O  O   . GLY A 1 41  ? -11.678 -0.957  -8.296  1.00 28.39 ? 93  GLY A O   1 
ATOM   339 N  N   . ASP A 1 42  ? -10.079 -2.479  -8.784  1.00 25.86 ? 94  ASP A N   1 
ATOM   340 C  CA  . ASP A 1 42  ? -9.640  -2.626  -7.379  1.00 24.55 ? 94  ASP A CA  1 
ATOM   341 C  C   . ASP A 1 42  ? -8.239  -2.071  -7.195  1.00 23.83 ? 94  ASP A C   1 
ATOM   342 O  O   . ASP A 1 42  ? -7.394  -2.090  -8.099  1.00 23.89 ? 94  ASP A O   1 
ATOM   343 C  CB  . ASP A 1 42  ? -9.611  -4.106  -6.907  1.00 25.41 ? 94  ASP A CB  1 
ATOM   344 C  CG  . ASP A 1 42  ? -11.019 -4.684  -6.607  1.00 30.09 ? 94  ASP A CG  1 
ATOM   345 O  OD1 . ASP A 1 42  ? -12.036 -4.136  -7.072  1.00 36.18 ? 94  ASP A OD1 1 
ATOM   346 O  OD2 . ASP A 1 42  ? -11.078 -5.689  -5.895  1.00 32.93 ? 94  ASP A OD2 1 
ATOM   347 N  N   . PHE A 1 43  ? -7.969  -1.626  -5.978  1.00 22.43 ? 95  PHE A N   1 
ATOM   348 C  CA  . PHE A 1 43  ? -6.643  -1.172  -5.668  1.00 21.21 ? 95  PHE A CA  1 
ATOM   349 C  C   . PHE A 1 43  ? -5.851  -2.209  -4.903  1.00 21.07 ? 95  PHE A C   1 
ATOM   350 O  O   . PHE A 1 43  ? -6.415  -3.089  -4.224  1.00 23.45 ? 95  PHE A O   1 
ATOM   351 C  CB  . PHE A 1 43  ? -6.715  0.119   -4.841  1.00 20.78 ? 95  PHE A CB  1 
ATOM   352 C  CG  . PHE A 1 43  ? -7.419  1.226   -5.544  1.00 20.06 ? 95  PHE A CG  1 
ATOM   353 C  CD1 . PHE A 1 43  ? -8.805  1.419   -5.363  1.00 24.99 ? 95  PHE A CD1 1 
ATOM   354 C  CD2 . PHE A 1 43  ? -6.716  2.058   -6.422  1.00 22.41 ? 95  PHE A CD2 1 
ATOM   355 C  CE1 . PHE A 1 43  ? -9.471  2.462   -6.027  1.00 24.77 ? 95  PHE A CE1 1 
ATOM   356 C  CE2 . PHE A 1 43  ? -7.379  3.065   -7.104  1.00 22.39 ? 95  PHE A CE2 1 
ATOM   357 C  CZ  . PHE A 1 43  ? -8.741  3.254   -6.952  1.00 24.54 ? 95  PHE A CZ  1 
ATOM   358 N  N   . SER A 1 44  ? -4.537  -2.083  -4.972  1.00 22.43 ? 96  SER A N   1 
ATOM   359 C  CA  . SER A 1 44  ? -3.639  -2.900  -4.155  1.00 22.39 ? 96  SER A CA  1 
ATOM   360 C  C   . SER A 1 44  ? -2.620  -1.988  -3.511  1.00 21.52 ? 96  SER A C   1 
ATOM   361 O  O   . SER A 1 44  ? -2.169  -0.993  -4.064  1.00 20.95 ? 96  SER A O   1 
ATOM   362 C  CB  . SER A 1 44  ? -2.913  -3.966  -5.009  1.00 22.36 ? 96  SER A CB  1 
ATOM   363 O  OG  . SER A 1 44  ? -3.865  -4.804  -5.722  1.00 22.93 ? 96  SER A OG  1 
ATOM   364 N  N   . LEU A 1 45  ? -2.157  -2.449  -2.376  1.00 21.97 ? 97  LEU A N   1 
ATOM   365 C  CA  . LEU A 1 45  ? -1.182  -1.720  -1.549  1.00 22.38 ? 97  LEU A CA  1 
ATOM   366 C  C   . LEU A 1 45  ? 0.067   -2.580  -1.540  1.00 22.29 ? 97  LEU A C   1 
ATOM   367 O  O   . LEU A 1 45  ? 0.017   -3.772  -1.181  1.00 23.40 ? 97  LEU A O   1 
ATOM   368 C  CB  . LEU A 1 45  ? -1.727  -1.547  -0.106  1.00 22.38 ? 97  LEU A CB  1 
ATOM   369 C  CG  . LEU A 1 45  ? -0.714  -1.104  0.966   1.00 23.62 ? 97  LEU A CG  1 
ATOM   370 C  CD1 . LEU A 1 45  ? -0.205  0.337   0.834   1.00 22.60 ? 97  LEU A CD1 1 
ATOM   371 C  CD2 . LEU A 1 45  ? -1.401  -1.271  2.354   1.00 22.47 ? 97  LEU A CD2 1 
ATOM   372 N  N   . SER A 1 46  ? 1.192   -2.027  -2.003  1.00 21.36 ? 98  SER A N   1 
ATOM   373 C  CA  . SER A 1 46  ? 2.454   -2.790  -2.020  1.00 21.32 ? 98  SER A CA  1 
ATOM   374 C  C   . SER A 1 46  ? 3.432   -2.124  -1.031  1.00 21.64 ? 98  SER A C   1 
ATOM   375 O  O   . SER A 1 46  ? 3.567   -0.907  -1.045  1.00 21.22 ? 98  SER A O   1 
ATOM   376 C  CB  . SER A 1 46  ? 3.060   -2.772  -3.451  1.00 21.42 ? 98  SER A CB  1 
ATOM   377 O  OG  . SER A 1 46  ? 2.170   -3.425  -4.336  1.00 20.78 ? 98  SER A OG  1 
ATOM   378 N  N   . VAL A 1 47  ? 4.121   -2.948  -0.231  1.00 21.60 ? 99  VAL A N   1 
ATOM   379 C  CA  . VAL A 1 47  ? 4.913   -2.472  0.913   1.00 23.30 ? 99  VAL A CA  1 
ATOM   380 C  C   . VAL A 1 47  ? 6.281   -3.190  1.023   1.00 23.36 ? 99  VAL A C   1 
ATOM   381 O  O   . VAL A 1 47  ? 6.333   -4.415  0.951   1.00 24.83 ? 99  VAL A O   1 
ATOM   382 C  CB  . VAL A 1 47  ? 4.123   -2.703  2.245   1.00 23.19 ? 99  VAL A CB  1 
ATOM   383 C  CG1 . VAL A 1 47  ? 4.859   -1.910  3.373   1.00 24.51 ? 99  VAL A CG1 1 
ATOM   384 C  CG2 . VAL A 1 47  ? 2.643   -2.229  2.129   1.00 25.73 ? 99  VAL A CG2 1 
ATOM   385 N  N   A LYS A 1 48  ? 7.347   -2.433  1.195   0.50 25.06 ? 100 LYS A N   1 
ATOM   386 N  N   B LYS A 1 48  ? 7.344   -2.436  1.199   0.50 24.40 ? 100 LYS A N   1 
ATOM   387 C  CA  A LYS A 1 48  ? 8.651   -3.013  1.420   0.50 25.90 ? 100 LYS A CA  1 
ATOM   388 C  CA  B LYS A 1 48  ? 8.654   -3.004  1.412   0.50 24.47 ? 100 LYS A CA  1 
ATOM   389 C  C   A LYS A 1 48  ? 8.759   -3.578  2.812   0.50 27.26 ? 100 LYS A C   1 
ATOM   390 C  C   B LYS A 1 48  ? 8.767   -3.572  2.809   0.50 26.53 ? 100 LYS A C   1 
ATOM   391 O  O   A LYS A 1 48  ? 8.484   -2.919  3.752   0.50 26.95 ? 100 LYS A O   1 
ATOM   392 O  O   B LYS A 1 48  ? 8.491   -2.915  3.749   0.50 26.09 ? 100 LYS A O   1 
ATOM   393 C  CB  A LYS A 1 48  ? 9.783   -2.000  1.244   0.50 26.00 ? 100 LYS A CB  1 
ATOM   394 C  CB  B LYS A 1 48  ? 9.741   -1.950  1.211   0.50 24.26 ? 100 LYS A CB  1 
ATOM   395 C  CG  A LYS A 1 48  ? 11.170  -2.640  1.279   0.50 27.12 ? 100 LYS A CG  1 
ATOM   396 C  CG  B LYS A 1 48  ? 11.141  -2.345  1.633   0.50 20.57 ? 100 LYS A CG  1 
ATOM   397 C  CD  A LYS A 1 48  ? 12.185  -1.807  1.895   0.50 26.71 ? 100 LYS A CD  1 
ATOM   398 C  CD  B LYS A 1 48  ? 11.796  -3.178  0.627   0.50 18.79 ? 100 LYS A CD  1 
ATOM   399 C  CE  A LYS A 1 48  ? 13.573  -2.469  2.002   0.50 27.53 ? 100 LYS A CE  1 
ATOM   400 C  CE  B LYS A 1 48  ? 13.192  -3.636  1.017   0.50 15.15 ? 100 LYS A CE  1 
ATOM   401 N  NZ  A LYS A 1 48  ? 13.586  -3.728  1.385   0.50 24.80 ? 100 LYS A NZ  1 
ATOM   402 N  NZ  B LYS A 1 48  ? 13.803  -2.772  1.984   0.50 11.85 ? 100 LYS A NZ  1 
ATOM   403 N  N   . PHE A 1 49  ? 9.189   -4.815  2.890   1.00 27.56 ? 101 PHE A N   1 
ATOM   404 C  CA  . PHE A 1 49  ? 9.635   -5.385  4.156   1.00 31.05 ? 101 PHE A CA  1 
ATOM   405 C  C   . PHE A 1 49  ? 10.895  -6.241  3.960   1.00 33.18 ? 101 PHE A C   1 
ATOM   406 O  O   . PHE A 1 49  ? 10.831  -7.298  3.313   1.00 32.76 ? 101 PHE A O   1 
ATOM   407 C  CB  . PHE A 1 49  ? 8.575   -6.247  4.791   1.00 32.19 ? 101 PHE A CB  1 
ATOM   408 C  CG  . PHE A 1 49  ? 9.023   -6.787  6.133   1.00 35.00 ? 101 PHE A CG  1 
ATOM   409 C  CD1 . PHE A 1 49  ? 9.259   -8.154  6.297   1.00 37.73 ? 101 PHE A CD1 1 
ATOM   410 C  CD2 . PHE A 1 49  ? 9.318   -5.898  7.175   1.00 37.85 ? 101 PHE A CD2 1 
ATOM   411 C  CE1 . PHE A 1 49  ? 9.723   -8.667  7.535   1.00 39.54 ? 101 PHE A CE1 1 
ATOM   412 C  CE2 . PHE A 1 49  ? 9.783   -6.382  8.421   1.00 39.93 ? 101 PHE A CE2 1 
ATOM   413 C  CZ  . PHE A 1 49  ? 9.965   -7.759  8.611   1.00 36.89 ? 101 PHE A CZ  1 
ATOM   414 N  N   . GLY A 1 50  ? 12.022  -5.846  4.551   1.00 36.25 ? 102 GLY A N   1 
ATOM   415 C  CA  . GLY A 1 50  ? 13.269  -6.621  4.391   1.00 35.71 ? 102 GLY A CA  1 
ATOM   416 C  C   . GLY A 1 50  ? 13.602  -6.837  2.914   1.00 37.73 ? 102 GLY A C   1 
ATOM   417 O  O   . GLY A 1 50  ? 13.581  -5.901  2.088   1.00 36.73 ? 102 GLY A O   1 
ATOM   418 N  N   . ASN A 1 51  ? 13.853  -8.071  2.521   1.00 36.93 ? 103 ASN A N   1 
ATOM   419 C  CA  . ASN A 1 51  ? 14.144  -8.276  1.099   1.00 38.20 ? 103 ASN A CA  1 
ATOM   420 C  C   . ASN A 1 51  ? 12.899  -8.623  0.270   1.00 36.51 ? 103 ASN A C   1 
ATOM   421 O  O   . ASN A 1 51  ? 12.973  -8.991  -0.945  1.00 37.75 ? 103 ASN A O   1 
ATOM   422 C  CB  . ASN A 1 51  ? 15.303  -9.269  0.938   1.00 39.66 ? 103 ASN A CB  1 
ATOM   423 C  CG  . ASN A 1 51  ? 16.601  -8.758  1.607   1.00 45.00 ? 103 ASN A CG  1 
ATOM   424 O  OD1 . ASN A 1 51  ? 16.967  -7.556  1.498   1.00 48.87 ? 103 ASN A OD1 1 
ATOM   425 N  ND2 . ASN A 1 51  ? 17.269  -9.649  2.328   1.00 49.20 ? 103 ASN A ND2 1 
ATOM   426 N  N   A ASP A 1 52  ? 11.755  -8.444  0.882   0.50 35.29 ? 104 ASP A N   1 
ATOM   427 N  N   B ASP A 1 52  ? 11.740  -8.509  0.895   0.50 34.96 ? 104 ASP A N   1 
ATOM   428 C  CA  A ASP A 1 52  ? 10.520  -8.814  0.268   0.50 33.77 ? 104 ASP A CA  1 
ATOM   429 C  CA  B ASP A 1 52  ? 10.506  -8.820  0.213   0.50 33.10 ? 104 ASP A CA  1 
ATOM   430 C  C   A ASP A 1 52  ? 9.659   -7.587  -0.029  0.50 31.75 ? 104 ASP A C   1 
ATOM   431 C  C   B ASP A 1 52  ? 9.666   -7.583  -0.049  0.50 31.20 ? 104 ASP A C   1 
ATOM   432 O  O   A ASP A 1 52  ? 9.917   -6.543  0.496   0.50 31.27 ? 104 ASP A O   1 
ATOM   433 O  O   B ASP A 1 52  ? 9.929   -6.549  0.491   0.50 30.54 ? 104 ASP A O   1 
ATOM   434 C  CB  A ASP A 1 52  ? 9.819   -9.732  1.237   0.50 35.00 ? 104 ASP A CB  1 
ATOM   435 C  CB  B ASP A 1 52  ? 9.667   -9.811  1.010   0.50 34.09 ? 104 ASP A CB  1 
ATOM   436 C  CG  A ASP A 1 52  ? 8.791   -10.542 0.602   0.50 37.42 ? 104 ASP A CG  1 
ATOM   437 C  CG  B ASP A 1 52  ? 10.380  -11.095 1.285   0.50 35.88 ? 104 ASP A CG  1 
ATOM   438 O  OD1 A ASP A 1 52  ? 8.983   -10.922 -0.559  0.50 41.02 ? 104 ASP A OD1 1 
ATOM   439 O  OD1 B ASP A 1 52  ? 11.034  -11.623 0.380   0.50 37.54 ? 104 ASP A OD1 1 
ATOM   440 O  OD2 A ASP A 1 52  ? 7.770   -10.828 1.258   0.50 41.54 ? 104 ASP A OD2 1 
ATOM   441 O  OD2 B ASP A 1 52  ? 10.271  -11.592 2.412   0.50 36.44 ? 104 ASP A OD2 1 
ATOM   442 N  N   . VAL A 1 53  ? 8.640   -7.744  -0.859  1.00 29.36 ? 105 VAL A N   1 
ATOM   443 C  CA  . VAL A 1 53  ? 7.614   -6.692  -1.044  1.00 27.24 ? 105 VAL A CA  1 
ATOM   444 C  C   . VAL A 1 53  ? 6.322   -7.426  -0.806  1.00 26.30 ? 105 VAL A C   1 
ATOM   445 O  O   . VAL A 1 53  ? 6.063   -8.484  -1.440  1.00 28.43 ? 105 VAL A O   1 
ATOM   446 C  CB  . VAL A 1 53  ? 7.685   -5.980  -2.446  1.00 24.81 ? 105 VAL A CB  1 
ATOM   447 C  CG1 . VAL A 1 53  ? 6.490   -5.109  -2.657  1.00 25.39 ? 105 VAL A CG1 1 
ATOM   448 C  CG2 . VAL A 1 53  ? 8.913   -5.138  -2.512  1.00 27.76 ? 105 VAL A CG2 1 
ATOM   449 N  N   . GLN A 1 54  ? 5.522   -6.939  0.127   1.00 24.44 ? 106 GLN A N   1 
ATOM   450 C  CA  . GLN A 1 54  ? 4.270   -7.584  0.410   1.00 25.67 ? 106 GLN A CA  1 
ATOM   451 C  C   . GLN A 1 54  ? 3.140   -6.826  -0.283  1.00 24.08 ? 106 GLN A C   1 
ATOM   452 O  O   . GLN A 1 54  ? 3.174   -5.587  -0.402  1.00 24.33 ? 106 GLN A O   1 
ATOM   453 C  CB  . GLN A 1 54  ? 4.021   -7.487  1.931   1.00 25.53 ? 106 GLN A CB  1 
ATOM   454 C  CG  . GLN A 1 54  ? 4.996   -8.371  2.714   1.00 29.28 ? 106 GLN A CG  1 
ATOM   455 C  CD  . GLN A 1 54  ? 4.815   -8.367  4.213   1.00 36.26 ? 106 GLN A CD  1 
ATOM   456 O  OE1 . GLN A 1 54  ? 5.694   -8.850  4.952   1.00 43.34 ? 106 GLN A OE1 1 
ATOM   457 N  NE2 . GLN A 1 54  ? 3.688   -7.899  4.676   1.00 31.67 ? 106 GLN A NE2 1 
ATOM   458 N  N   . HIS A 1 55  ? 2.111   -7.549  -0.691  1.00 24.44 ? 107 HIS A N   1 
ATOM   459 C  CA  . HIS A 1 55  ? 0.960   -6.926  -1.374  1.00 22.78 ? 107 HIS A CA  1 
ATOM   460 C  C   . HIS A 1 55  ? -0.304  -7.207  -0.607  1.00 22.96 ? 107 HIS A C   1 
ATOM   461 O  O   . HIS A 1 55  ? -0.500  -8.307  -0.125  1.00 23.36 ? 107 HIS A O   1 
ATOM   462 C  CB  . HIS A 1 55  ? 0.786   -7.498  -2.831  1.00 24.41 ? 107 HIS A CB  1 
ATOM   463 C  CG  . HIS A 1 55  ? 2.027   -7.371  -3.650  1.00 25.30 ? 107 HIS A CG  1 
ATOM   464 N  ND1 . HIS A 1 55  ? 2.337   -6.218  -4.337  1.00 26.89 ? 107 HIS A ND1 1 
ATOM   465 C  CD2 . HIS A 1 55  ? 3.063   -8.211  -3.832  1.00 24.16 ? 107 HIS A CD2 1 
ATOM   466 C  CE1 . HIS A 1 55  ? 3.486   -6.388  -4.963  1.00 22.52 ? 107 HIS A CE1 1 
ATOM   467 N  NE2 . HIS A 1 55  ? 3.968   -7.564  -4.625  1.00 26.30 ? 107 HIS A NE2 1 
ATOM   468 N  N   . PHE A 1 56  ? -1.183  -6.225  -0.511  1.00 23.86 ? 108 PHE A N   1 
ATOM   469 C  CA  . PHE A 1 56  ? -2.443  -6.334  0.239   1.00 22.71 ? 108 PHE A CA  1 
ATOM   470 C  C   . PHE A 1 56  ? -3.546  -5.904  -0.712  1.00 22.65 ? 108 PHE A C   1 
ATOM   471 O  O   . PHE A 1 56  ? -3.414  -4.882  -1.419  1.00 23.49 ? 108 PHE A O   1 
ATOM   472 C  CB  . PHE A 1 56  ? -2.478  -5.375  1.454   1.00 24.67 ? 108 PHE A CB  1 
ATOM   473 C  CG  . PHE A 1 56  ? -1.388  -5.652  2.443   1.00 23.14 ? 108 PHE A CG  1 
ATOM   474 C  CD1 . PHE A 1 56  ? -0.066  -5.213  2.188   1.00 25.78 ? 108 PHE A CD1 1 
ATOM   475 C  CD2 . PHE A 1 56  ? -1.648  -6.370  3.599   1.00 25.85 ? 108 PHE A CD2 1 
ATOM   476 C  CE1 . PHE A 1 56  ? 0.993   -5.528  3.097   1.00 26.69 ? 108 PHE A CE1 1 
ATOM   477 C  CE2 . PHE A 1 56  ? -0.610  -6.716  4.455   1.00 24.91 ? 108 PHE A CE2 1 
ATOM   478 C  CZ  . PHE A 1 56  ? 0.659   -6.300  4.221   1.00 25.26 ? 108 PHE A CZ  1 
ATOM   479 N  N   . LYS A 1 57  ? -4.620  -6.694  -0.796  1.00 22.45 ? 109 LYS A N   1 
ATOM   480 C  CA  . LYS A 1 57  ? -5.836  -6.207  -1.501  1.00 22.30 ? 109 LYS A CA  1 
ATOM   481 C  C   . LYS A 1 57  ? -6.487  -5.046  -0.741  1.00 24.07 ? 109 LYS A C   1 
ATOM   482 O  O   . LYS A 1 57  ? -6.650  -5.153  0.505   1.00 23.58 ? 109 LYS A O   1 
ATOM   483 C  CB  . LYS A 1 57  ? -6.895  -7.308  -1.578  1.00 22.80 ? 109 LYS A CB  1 
ATOM   484 C  CG  . LYS A 1 57  ? -6.371  -8.539  -2.164  1.00 25.38 ? 109 LYS A CG  1 
ATOM   485 C  CD  . LYS A 1 57  ? -7.528  -9.528  -2.359  1.00 25.40 ? 109 LYS A CD  1 
ATOM   486 C  CE  . LYS A 1 57  ? -7.739  -10.312 -1.058  1.00 30.13 ? 109 LYS A CE  1 
ATOM   487 N  NZ  . LYS A 1 57  ? -8.699  -11.493 -1.244  1.00 29.82 ? 109 LYS A NZ  1 
ATOM   488 N  N   . VAL A 1 58  ? -6.878  -3.989  -1.438  1.00 22.45 ? 110 VAL A N   1 
ATOM   489 C  CA  . VAL A 1 58  ? -7.744  -2.995  -0.800  1.00 23.76 ? 110 VAL A CA  1 
ATOM   490 C  C   . VAL A 1 58  ? -9.158  -3.499  -1.016  1.00 24.20 ? 110 VAL A C   1 
ATOM   491 O  O   . VAL A 1 58  ? -9.691  -3.517  -2.141  1.00 25.09 ? 110 VAL A O   1 
ATOM   492 C  CB  . VAL A 1 58  ? -7.513  -1.536  -1.329  1.00 23.45 ? 110 VAL A CB  1 
ATOM   493 C  CG1 . VAL A 1 58  ? -8.474  -0.518  -0.664  1.00 22.18 ? 110 VAL A CG1 1 
ATOM   494 C  CG2 . VAL A 1 58  ? -6.073  -1.145  -1.093  1.00 24.30 ? 110 VAL A CG2 1 
ATOM   495 N  N   . LEU A 1 59  ? -9.760  -3.916  0.079   1.00 24.08 ? 111 LEU A N   1 
ATOM   496 C  CA  . LEU A 1 59  ? -11.098 -4.462  0.064   1.00 25.63 ? 111 LEU A CA  1 
ATOM   497 C  C   . LEU A 1 59  ? -12.178 -3.398  0.246   1.00 25.79 ? 111 LEU A C   1 
ATOM   498 O  O   . LEU A 1 59  ? -11.933 -2.341  0.801   1.00 25.39 ? 111 LEU A O   1 
ATOM   499 C  CB  . LEU A 1 59  ? -11.218 -5.562  1.141   1.00 25.16 ? 111 LEU A CB  1 
ATOM   500 C  CG  . LEU A 1 59  ? -10.168 -6.641  1.049   1.00 26.44 ? 111 LEU A CG  1 
ATOM   501 C  CD1 . LEU A 1 59  ? -10.273 -7.505  2.261   1.00 28.74 ? 111 LEU A CD1 1 
ATOM   502 C  CD2 . LEU A 1 59  ? -10.332 -7.514  -0.222  1.00 26.50 ? 111 LEU A CD2 1 
ATOM   503 N  N   . ARG A 1 60  ? -13.388 -3.708  -0.228  1.00 26.08 ? 112 ARG A N   1 
ATOM   504 C  CA  . ARG A 1 60  ? -14.518 -2.774  -0.148  1.00 26.52 ? 112 ARG A CA  1 
ATOM   505 C  C   . ARG A 1 60  ? -15.695 -3.429  0.543   1.00 27.55 ? 112 ARG A C   1 
ATOM   506 O  O   . ARG A 1 60  ? -16.010 -4.606  0.280   1.00 29.35 ? 112 ARG A O   1 
ATOM   507 C  CB  . ARG A 1 60  ? -15.043 -2.407  -1.550  1.00 28.40 ? 112 ARG A CB  1 
ATOM   508 C  CG  . ARG A 1 60  ? -14.006 -1.875  -2.485  1.00 28.56 ? 112 ARG A CG  1 
ATOM   509 C  CD  . ARG A 1 60  ? -13.292 -0.731  -1.921  1.00 30.27 ? 112 ARG A CD  1 
ATOM   510 N  NE  . ARG A 1 60  ? -14.078 0.506   -2.026  1.00 32.58 ? 112 ARG A NE  1 
ATOM   511 C  CZ  . ARG A 1 60  ? -14.273 1.200   -3.165  1.00 37.61 ? 112 ARG A CZ  1 
ATOM   512 N  NH1 . ARG A 1 60  ? -13.780 0.758   -4.329  1.00 37.91 ? 112 ARG A NH1 1 
ATOM   513 N  NH2 . ARG A 1 60  ? -14.993 2.329   -3.139  1.00 32.19 ? 112 ARG A NH2 1 
ATOM   514 N  N   . ASP A 1 61  ? -16.408 -2.641  1.340   1.00 26.13 ? 113 ASP A N   1 
ATOM   515 C  CA  . ASP A 1 61  ? -17.641 -3.171  1.890   1.00 28.04 ? 113 ASP A CA  1 
ATOM   516 C  C   . ASP A 1 61  ? -18.788 -2.882  0.911   1.00 30.44 ? 113 ASP A C   1 
ATOM   517 O  O   . ASP A 1 61  ? -18.579 -2.458  -0.267  1.00 31.52 ? 113 ASP A O   1 
ATOM   518 C  CB  . ASP A 1 61  ? -17.872 -2.593  3.321   1.00 27.15 ? 113 ASP A CB  1 
ATOM   519 C  CG  . ASP A 1 61  ? -18.326 -1.143  3.319   1.00 27.80 ? 113 ASP A CG  1 
ATOM   520 O  OD1 . ASP A 1 61  ? -18.422 -0.484  2.236   1.00 28.72 ? 113 ASP A OD1 1 
ATOM   521 O  OD2 . ASP A 1 61  ? -18.669 -0.598  4.420   1.00 29.51 ? 113 ASP A OD2 1 
ATOM   522 N  N   . GLY A 1 62  ? -20.033 -3.099  1.361   1.00 32.70 ? 114 GLY A N   1 
ATOM   523 C  CA  . GLY A 1 62  ? -21.188 -2.812  0.472   1.00 34.95 ? 114 GLY A CA  1 
ATOM   524 C  C   . GLY A 1 62  ? -21.423 -1.354  0.082   1.00 35.46 ? 114 GLY A C   1 
ATOM   525 O  O   . GLY A 1 62  ? -22.036 -1.052  -0.965  1.00 37.04 ? 114 GLY A O   1 
ATOM   526 N  N   . ALA A 1 63  ? -20.938 -0.445  0.921   1.00 35.36 ? 115 ALA A N   1 
ATOM   527 C  CA  . ALA A 1 63  ? -21.197 0.963   0.846   1.00 35.75 ? 115 ALA A CA  1 
ATOM   528 C  C   . ALA A 1 63  ? -20.039 1.682   0.152   1.00 36.36 ? 115 ALA A C   1 
ATOM   529 O  O   . ALA A 1 63  ? -20.080 2.920   0.013   1.00 39.72 ? 115 ALA A O   1 
ATOM   530 C  CB  . ALA A 1 63  ? -21.389 1.511   2.245   1.00 35.61 ? 115 ALA A CB  1 
ATOM   531 N  N   . GLY A 1 64  ? -19.015 0.915   -0.272  1.00 34.74 ? 116 GLY A N   1 
ATOM   532 C  CA  . GLY A 1 64  ? -17.780 1.448   -0.909  1.00 33.60 ? 116 GLY A CA  1 
ATOM   533 C  C   . GLY A 1 64  ? -16.717 2.005   0.039   1.00 32.90 ? 116 GLY A C   1 
ATOM   534 O  O   . GLY A 1 64  ? -15.925 2.848   -0.357  1.00 34.15 ? 116 GLY A O   1 
ATOM   535 N  N   . LYS A 1 65  ? -16.727 1.592   1.306   1.00 30.90 ? 117 LYS A N   1 
ATOM   536 C  CA  . LYS A 1 65  ? -15.630 1.909   2.214   1.00 27.17 ? 117 LYS A CA  1 
ATOM   537 C  C   . LYS A 1 65  ? -14.508 0.986   1.873   1.00 26.73 ? 117 LYS A C   1 
ATOM   538 O  O   . LYS A 1 65  ? -14.709 -0.094  1.305   1.00 27.84 ? 117 LYS A O   1 
ATOM   539 C  CB  . LYS A 1 65  ? -16.077 1.749   3.692   1.00 29.81 ? 117 LYS A CB  1 
ATOM   540 C  CG  . LYS A 1 65  ? -17.168 2.827   3.958   1.00 32.16 ? 117 LYS A CG  1 
ATOM   541 C  CD  . LYS A 1 65  ? -17.440 3.118   5.387   1.00 39.02 ? 117 LYS A CD  1 
ATOM   542 C  CE  . LYS A 1 65  ? -18.577 4.119   5.426   1.00 40.75 ? 117 LYS A CE  1 
ATOM   543 N  NZ  . LYS A 1 65  ? -18.359 5.046   6.594   1.00 47.88 ? 117 LYS A NZ  1 
ATOM   544 N  N   . TYR A 1 66  ? -13.289 1.383   2.233   1.00 25.37 ? 118 TYR A N   1 
ATOM   545 C  CA  . TYR A 1 66  ? -12.086 0.625   1.955   1.00 24.49 ? 118 TYR A CA  1 
ATOM   546 C  C   . TYR A 1 66  ? -11.483 0.058   3.224   1.00 24.85 ? 118 TYR A C   1 
ATOM   547 O  O   . TYR A 1 66  ? -11.500 0.760   4.272   1.00 25.34 ? 118 TYR A O   1 
ATOM   548 C  CB  . TYR A 1 66  ? -11.049 1.605   1.481   1.00 25.23 ? 118 TYR A CB  1 
ATOM   549 C  CG  . TYR A 1 66  ? -11.448 2.316   0.185   1.00 23.92 ? 118 TYR A CG  1 
ATOM   550 C  CD1 . TYR A 1 66  ? -11.945 3.611   0.221   1.00 24.09 ? 118 TYR A CD1 1 
ATOM   551 C  CD2 . TYR A 1 66  ? -11.166 1.706   -1.067  1.00 24.29 ? 118 TYR A CD2 1 
ATOM   552 C  CE1 . TYR A 1 66  ? -12.242 4.306   -0.943  1.00 24.65 ? 118 TYR A CE1 1 
ATOM   553 C  CE2 . TYR A 1 66  ? -11.467 2.400   -2.259  1.00 26.41 ? 118 TYR A CE2 1 
ATOM   554 C  CZ  . TYR A 1 66  ? -11.980 3.665   -2.186  1.00 23.68 ? 118 TYR A CZ  1 
ATOM   555 O  OH  . TYR A 1 66  ? -12.342 4.353   -3.365  1.00 26.00 ? 118 TYR A OH  1 
ATOM   556 N  N   . PHE A 1 67  ? -10.902 -1.136  3.108   1.00 22.97 ? 119 PHE A N   1 
ATOM   557 C  CA  . PHE A 1 67  ? -10.215 -1.763  4.266   1.00 23.71 ? 119 PHE A CA  1 
ATOM   558 C  C   . PHE A 1 67  ? -9.176  -2.796  3.894   1.00 23.25 ? 119 PHE A C   1 
ATOM   559 O  O   . PHE A 1 67  ? -9.196  -3.347  2.752   1.00 22.95 ? 119 PHE A O   1 
ATOM   560 C  CB  . PHE A 1 67  ? -11.256 -2.358  5.275   1.00 24.12 ? 119 PHE A CB  1 
ATOM   561 C  CG  . PHE A 1 67  ? -12.046 -3.551  4.779   1.00 24.51 ? 119 PHE A CG  1 
ATOM   562 C  CD1 . PHE A 1 67  ? -11.675 -4.859  5.165   1.00 23.62 ? 119 PHE A CD1 1 
ATOM   563 C  CD2 . PHE A 1 67  ? -13.198 -3.375  4.002   1.00 25.35 ? 119 PHE A CD2 1 
ATOM   564 C  CE1 . PHE A 1 67  ? -12.400 -5.988  4.694   1.00 21.95 ? 119 PHE A CE1 1 
ATOM   565 C  CE2 . PHE A 1 67  ? -13.942 -4.483  3.567   1.00 25.59 ? 119 PHE A CE2 1 
ATOM   566 C  CZ  . PHE A 1 67  ? -13.531 -5.778  3.932   1.00 25.89 ? 119 PHE A CZ  1 
ATOM   567 N  N   . LEU A 1 68  ? -8.255  -3.072  4.837   1.00 22.76 ? 120 LEU A N   1 
ATOM   568 C  CA  . LEU A 1 68  ? -7.326  -4.199  4.614   1.00 22.73 ? 120 LEU A CA  1 
ATOM   569 C  C   . LEU A 1 68  ? -7.756  -5.411  5.412   1.00 23.81 ? 120 LEU A C   1 
ATOM   570 O  O   . LEU A 1 68  ? -7.735  -6.536  4.888   1.00 24.13 ? 120 LEU A O   1 
ATOM   571 C  CB  . LEU A 1 68  ? -5.901  -3.795  4.989   1.00 23.28 ? 120 LEU A CB  1 
ATOM   572 C  CG  . LEU A 1 68  ? -5.244  -2.566  4.329   1.00 21.37 ? 120 LEU A CG  1 
ATOM   573 C  CD1 . LEU A 1 68  ? -3.817  -2.449  4.771   1.00 22.53 ? 120 LEU A CD1 1 
ATOM   574 C  CD2 . LEU A 1 68  ? -5.332  -2.688  2.743   1.00 26.45 ? 120 LEU A CD2 1 
ATOM   575 N  N   . TRP A 1 69  ? -8.144  -5.183  6.693   1.00 24.77 ? 121 TRP A N   1 
ATOM   576 C  CA  . TRP A 1 69  ? -8.448  -6.297  7.585   1.00 24.96 ? 121 TRP A CA  1 
ATOM   577 C  C   . TRP A 1 69  ? -9.831  -6.100  8.219   1.00 26.57 ? 121 TRP A C   1 
ATOM   578 O  O   . TRP A 1 69  ? -10.734 -6.814  7.864   1.00 26.34 ? 121 TRP A O   1 
ATOM   579 C  CB  . TRP A 1 69  ? -7.392  -6.413  8.658   1.00 25.86 ? 121 TRP A CB  1 
ATOM   580 C  CG  . TRP A 1 69  ? -5.997  -6.734  8.126   1.00 25.04 ? 121 TRP A CG  1 
ATOM   581 C  CD1 . TRP A 1 69  ? -4.979  -5.848  7.968   1.00 26.23 ? 121 TRP A CD1 1 
ATOM   582 C  CD2 . TRP A 1 69  ? -5.511  -8.003  7.659   1.00 25.39 ? 121 TRP A CD2 1 
ATOM   583 N  NE1 . TRP A 1 69  ? -3.850  -6.491  7.509   1.00 26.56 ? 121 TRP A NE1 1 
ATOM   584 C  CE2 . TRP A 1 69  ? -4.146  -7.805  7.283   1.00 26.15 ? 121 TRP A CE2 1 
ATOM   585 C  CE3 . TRP A 1 69  ? -6.061  -9.274  7.558   1.00 27.72 ? 121 TRP A CE3 1 
ATOM   586 C  CZ2 . TRP A 1 69  ? -3.348  -8.824  6.809   1.00 26.50 ? 121 TRP A CZ2 1 
ATOM   587 C  CZ3 . TRP A 1 69  ? -5.229  -10.329 7.063   1.00 29.25 ? 121 TRP A CZ3 1 
ATOM   588 C  CH2 . TRP A 1 69  ? -3.890  -10.069 6.711   1.00 29.29 ? 121 TRP A CH2 1 
ATOM   589 N  N   . VAL A 1 70  ? -9.934  -5.158  9.155   1.00 26.21 ? 122 VAL A N   1 
ATOM   590 C  CA  . VAL A 1 70  ? -11.208 -4.947  9.941   1.00 27.96 ? 122 VAL A CA  1 
ATOM   591 C  C   . VAL A 1 70  ? -11.673 -3.470  9.951   1.00 26.91 ? 122 VAL A C   1 
ATOM   592 O  O   . VAL A 1 70  ? -12.883 -3.183  9.686   1.00 27.17 ? 122 VAL A O   1 
ATOM   593 C  CB  . VAL A 1 70  ? -11.075 -5.548  11.438  1.00 28.31 ? 122 VAL A CB  1 
ATOM   594 C  CG1 . VAL A 1 70  ? -12.330 -5.225  12.266  1.00 29.07 ? 122 VAL A CG1 1 
ATOM   595 C  CG2 . VAL A 1 70  ? -10.835 -7.052  11.417  1.00 31.96 ? 122 VAL A CG2 1 
ATOM   596 N  N   . VAL A 1 71  ? -10.787 -2.522  10.298  1.00 26.79 ? 123 VAL A N   1 
ATOM   597 C  CA  . VAL A 1 71  ? -11.146 -1.088  10.355  1.00 26.24 ? 123 VAL A CA  1 
ATOM   598 C  C   . VAL A 1 71  ? -11.313 -0.578  8.935   1.00 26.96 ? 123 VAL A C   1 
ATOM   599 O  O   . VAL A 1 71  ? -10.486 -0.874  8.113   1.00 28.14 ? 123 VAL A O   1 
ATOM   600 C  CB  . VAL A 1 71  ? -10.083 -0.302  11.147  1.00 26.83 ? 123 VAL A CB  1 
ATOM   601 C  CG1 . VAL A 1 71  ? -10.451 1.179   11.240  1.00 26.71 ? 123 VAL A CG1 1 
ATOM   602 C  CG2 . VAL A 1 71  ? -10.035 -0.898  12.564  1.00 29.01 ? 123 VAL A CG2 1 
ATOM   603 N  N   . LYS A 1 72  ? -12.389 0.141   8.657   1.00 25.97 ? 124 LYS A N   1 
ATOM   604 C  CA  . LYS A 1 72  ? -12.639 0.616   7.258   1.00 25.92 ? 124 LYS A CA  1 
ATOM   605 C  C   . LYS A 1 72  ? -12.767 2.115   7.179   1.00 26.85 ? 124 LYS A C   1 
ATOM   606 O  O   . LYS A 1 72  ? -13.044 2.816   8.191   1.00 26.75 ? 124 LYS A O   1 
ATOM   607 C  CB  . LYS A 1 72  ? -13.817 -0.135  6.644   1.00 24.91 ? 124 LYS A CB  1 
ATOM   608 C  CG  . LYS A 1 72  ? -15.140 0.227   7.196   1.00 24.82 ? 124 LYS A CG  1 
ATOM   609 C  CD  . LYS A 1 72  ? -16.208 -0.788  6.767   1.00 23.64 ? 124 LYS A CD  1 
ATOM   610 C  CE  . LYS A 1 72  ? -17.550 -0.496  7.460   1.00 23.60 ? 124 LYS A CE  1 
ATOM   611 N  NZ  . LYS A 1 72  ? -18.627 -1.443  7.011   1.00 23.29 ? 124 LYS A NZ  1 
ATOM   612 N  N   . PHE A 1 73  ? -12.645 2.657   5.967   1.00 26.07 ? 125 PHE A N   1 
ATOM   613 C  CA  . PHE A 1 73  ? -12.360 4.087   5.841   1.00 26.13 ? 125 PHE A CA  1 
ATOM   614 C  C   . PHE A 1 73  ? -13.146 4.640   4.655   1.00 25.33 ? 125 PHE A C   1 
ATOM   615 O  O   . PHE A 1 73  ? -13.380 3.905   3.713   1.00 25.52 ? 125 PHE A O   1 
ATOM   616 C  CB  . PHE A 1 73  ? -10.807 4.308   5.565   1.00 27.50 ? 125 PHE A CB  1 
ATOM   617 C  CG  . PHE A 1 73  ? -9.909  3.565   6.589   1.00 27.15 ? 125 PHE A CG  1 
ATOM   618 C  CD1 . PHE A 1 73  ? -9.629  4.155   7.772   1.00 30.95 ? 125 PHE A CD1 1 
ATOM   619 C  CD2 . PHE A 1 73  ? -9.541  2.257   6.380   1.00 30.12 ? 125 PHE A CD2 1 
ATOM   620 C  CE1 . PHE A 1 73  ? -8.894  3.482   8.750   1.00 29.55 ? 125 PHE A CE1 1 
ATOM   621 C  CE2 . PHE A 1 73  ? -8.792  1.544   7.350   1.00 30.96 ? 125 PHE A CE2 1 
ATOM   622 C  CZ  . PHE A 1 73  ? -8.476  2.183   8.533   1.00 30.02 ? 125 PHE A CZ  1 
ATOM   623 N  N   . ASN A 1 74  ? -13.508 5.922   4.712   1.00 25.19 ? 126 ASN A N   1 
ATOM   624 C  CA  . ASN A 1 74  ? -14.232 6.566   3.642   1.00 26.82 ? 126 ASN A CA  1 
ATOM   625 C  C   . ASN A 1 74  ? -13.364 6.875   2.434   1.00 26.28 ? 126 ASN A C   1 
ATOM   626 O  O   . ASN A 1 74  ? -13.880 7.300   1.402   1.00 26.33 ? 126 ASN A O   1 
ATOM   627 C  CB  . ASN A 1 74  ? -14.822 7.877   4.144   1.00 28.81 ? 126 ASN A CB  1 
ATOM   628 C  CG  . ASN A 1 74  ? -16.076 7.634   4.983   1.00 33.27 ? 126 ASN A CG  1 
ATOM   629 O  OD1 . ASN A 1 74  ? -16.259 6.542   5.521   1.00 40.29 ? 126 ASN A OD1 1 
ATOM   630 N  ND2 . ASN A 1 74  ? -16.931 8.624   5.075   1.00 41.92 ? 126 ASN A ND2 1 
ATOM   631 N  N   . SER A 1 75  ? -12.066 6.648   2.533   1.00 25.29 ? 127 SER A N   1 
ATOM   632 C  CA  . SER A 1 75  ? -11.128 6.970   1.442   1.00 23.91 ? 127 SER A CA  1 
ATOM   633 C  C   . SER A 1 75  ? -9.885  6.128   1.511   1.00 24.43 ? 127 SER A C   1 
ATOM   634 O  O   . SER A 1 75  ? -9.486  5.623   2.602   1.00 22.45 ? 127 SER A O   1 
ATOM   635 C  CB  . SER A 1 75  ? -10.704 8.486   1.495   1.00 24.39 ? 127 SER A CB  1 
ATOM   636 O  OG  . SER A 1 75  ? -10.011 8.831   2.724   1.00 25.61 ? 127 SER A OG  1 
ATOM   637 N  N   . LEU A 1 76  ? -9.241  5.930   0.347   1.00 21.62 ? 128 LEU A N   1 
ATOM   638 C  CA  . LEU A 1 76  ? -7.900  5.374   0.357   1.00 22.16 ? 128 LEU A CA  1 
ATOM   639 C  C   . LEU A 1 76  ? -6.960  6.230   1.220   1.00 23.04 ? 128 LEU A C   1 
ATOM   640 O  O   . LEU A 1 76  ? -6.080  5.688   1.907   1.00 22.69 ? 128 LEU A O   1 
ATOM   641 C  CB  . LEU A 1 76  ? -7.332  5.391   -1.073  1.00 22.65 ? 128 LEU A CB  1 
ATOM   642 C  CG  . LEU A 1 76  ? -7.985  4.424   -2.068  1.00 23.36 ? 128 LEU A CG  1 
ATOM   643 C  CD1 . LEU A 1 76  ? -7.477  4.774   -3.500  1.00 21.26 ? 128 LEU A CD1 1 
ATOM   644 C  CD2 . LEU A 1 76  ? -7.591  3.003   -1.678  1.00 23.20 ? 128 LEU A CD2 1 
ATOM   645 N  N   . ASN A 1 77  ? -7.144  7.560   1.165   1.00 21.86 ? 129 ASN A N   1 
ATOM   646 C  CA  . ASN A 1 77  ? -6.262  8.502   1.848   1.00 21.70 ? 129 ASN A CA  1 
ATOM   647 C  C   . ASN A 1 77  ? -6.325  8.161   3.386   1.00 21.55 ? 129 ASN A C   1 
ATOM   648 O  O   . ASN A 1 77  ? -5.260  8.114   4.021   1.00 21.74 ? 129 ASN A O   1 
ATOM   649 C  CB  . ASN A 1 77  ? -6.781  9.907   1.616   1.00 21.24 ? 129 ASN A CB  1 
ATOM   650 C  CG  . ASN A 1 77  ? -5.759  11.007  1.979   1.00 22.10 ? 129 ASN A CG  1 
ATOM   651 O  OD1 . ASN A 1 77  ? -4.775  10.810  2.739   1.00 26.91 ? 129 ASN A OD1 1 
ATOM   652 N  ND2 . ASN A 1 77  ? -6.002  12.171  1.482   1.00 21.19 ? 129 ASN A ND2 1 
ATOM   653 N  N   . GLU A 1 78  ? -7.536  7.915   3.903   1.00 22.42 ? 130 GLU A N   1 
ATOM   654 C  CA  . GLU A 1 78  ? -7.699  7.614   5.351   1.00 23.03 ? 130 GLU A CA  1 
ATOM   655 C  C   . GLU A 1 78  ? -7.160  6.231   5.708   1.00 23.04 ? 130 GLU A C   1 
ATOM   656 O  O   . GLU A 1 78  ? -6.557  6.072   6.778   1.00 22.78 ? 130 GLU A O   1 
ATOM   657 C  CB  . GLU A 1 78  ? -9.158  7.778   5.779   1.00 23.18 ? 130 GLU A CB  1 
ATOM   658 C  CG  . GLU A 1 78  ? -9.602  9.233   5.837   1.00 25.05 ? 130 GLU A CG  1 
ATOM   659 C  CD  . GLU A 1 78  ? -11.106 9.376   5.802   1.00 31.80 ? 130 GLU A CD  1 
ATOM   660 O  OE1 . GLU A 1 78  ? -11.731 9.641   6.866   1.00 30.70 ? 130 GLU A OE1 1 
ATOM   661 O  OE2 . GLU A 1 78  ? -11.689 9.164   4.731   1.00 26.59 ? 130 GLU A OE2 1 
ATOM   662 N  N   A LEU A 1 79  ? -7.342  5.267   4.818   0.50 21.93 ? 131 LEU A N   1 
ATOM   663 N  N   B LEU A 1 79  ? -7.345  5.270   4.817   0.50 22.01 ? 131 LEU A N   1 
ATOM   664 C  CA  A LEU A 1 79  ? -6.788  3.948   4.997   0.50 22.21 ? 131 LEU A CA  1 
ATOM   665 C  CA  B LEU A 1 79  ? -6.791  3.950   4.986   0.50 22.47 ? 131 LEU A CA  1 
ATOM   666 C  C   A LEU A 1 79  ? -5.263  3.985   5.078   0.50 22.75 ? 131 LEU A C   1 
ATOM   667 C  C   B LEU A 1 79  ? -5.266  3.987   5.077   0.50 22.78 ? 131 LEU A C   1 
ATOM   668 O  O   A LEU A 1 79  ? -4.687  3.390   5.925   0.50 22.86 ? 131 LEU A O   1 
ATOM   669 O  O   B LEU A 1 79  ? -4.692  3.392   5.926   0.50 22.02 ? 131 LEU A O   1 
ATOM   670 C  CB  A LEU A 1 79  ? -7.222  3.016   3.872   0.50 22.29 ? 131 LEU A CB  1 
ATOM   671 C  CB  B LEU A 1 79  ? -7.212  3.041   3.836   0.50 22.80 ? 131 LEU A CB  1 
ATOM   672 C  CG  A LEU A 1 79  ? -6.760  1.564   3.889   0.50 21.02 ? 131 LEU A CG  1 
ATOM   673 C  CG  B LEU A 1 79  ? -6.753  1.594   3.868   0.50 23.23 ? 131 LEU A CG  1 
ATOM   674 C  CD1 A LEU A 1 79  ? -7.482  0.757   2.949   0.50 17.87 ? 131 LEU A CD1 1 
ATOM   675 C  CD1 B LEU A 1 79  ? -7.167  1.053   5.157   0.50 23.03 ? 131 LEU A CD1 1 
ATOM   676 C  CD2 A LEU A 1 79  ? -5.325  1.482   3.525   0.50 22.30 ? 131 LEU A CD2 1 
ATOM   677 C  CD2 B LEU A 1 79  ? -7.367  0.790   2.848   0.50 24.28 ? 131 LEU A CD2 1 
ATOM   678 N  N   . VAL A 1 80  ? -4.652  4.692   4.142   1.00 22.05 ? 132 VAL A N   1 
ATOM   679 C  CA  . VAL A 1 80  ? -3.193  4.847   4.123   1.00 22.75 ? 132 VAL A CA  1 
ATOM   680 C  C   . VAL A 1 80  ? -2.790  5.493   5.457   1.00 21.65 ? 132 VAL A C   1 
ATOM   681 O  O   . VAL A 1 80  ? -1.883  4.996   6.152   1.00 21.56 ? 132 VAL A O   1 
ATOM   682 C  CB  . VAL A 1 80  ? -2.701  5.696   2.897   1.00 21.58 ? 132 VAL A CB  1 
ATOM   683 C  CG1 . VAL A 1 80  ? -1.242  6.205   3.095   1.00 23.93 ? 132 VAL A CG1 1 
ATOM   684 C  CG2 . VAL A 1 80  ? -2.795  4.867   1.642   1.00 22.57 ? 132 VAL A CG2 1 
ATOM   685 N  N   . ASP A 1 81  ? -3.424  6.585   5.823   1.00 21.93 ? 133 ASP A N   1 
ATOM   686 C  CA  . ASP A 1 81  ? -2.929  7.333   7.012   1.00 23.63 ? 133 ASP A CA  1 
ATOM   687 C  C   . ASP A 1 81  ? -3.093  6.535   8.313   1.00 23.66 ? 133 ASP A C   1 
ATOM   688 O  O   . ASP A 1 81  ? -2.220  6.565   9.210   1.00 23.10 ? 133 ASP A O   1 
ATOM   689 C  CB  . ASP A 1 81  ? -3.628  8.671   7.113   1.00 22.91 ? 133 ASP A CB  1 
ATOM   690 C  CG  . ASP A 1 81  ? -3.081  9.727   6.092   1.00 24.65 ? 133 ASP A CG  1 
ATOM   691 O  OD1 . ASP A 1 81  ? -2.060  9.492   5.383   1.00 28.49 ? 133 ASP A OD1 1 
ATOM   692 O  OD2 . ASP A 1 81  ? -3.696  10.797  5.985   1.00 27.03 ? 133 ASP A OD2 1 
ATOM   693 N  N   . TYR A 1 82  ? -4.207  5.807   8.401   1.00 22.82 ? 134 TYR A N   1 
ATOM   694 C  CA  . TYR A 1 82  ? -4.439  4.908   9.530   1.00 22.22 ? 134 TYR A CA  1 
ATOM   695 C  C   . TYR A 1 82  ? -3.282  3.934   9.676   1.00 21.99 ? 134 TYR A C   1 
ATOM   696 O  O   . TYR A 1 82  ? -2.742  3.692   10.767  1.00 23.79 ? 134 TYR A O   1 
ATOM   697 C  CB  . TYR A 1 82  ? -5.781  4.205   9.401   1.00 21.96 ? 134 TYR A CB  1 
ATOM   698 C  CG  . TYR A 1 82  ? -6.057  3.183   10.524  1.00 21.47 ? 134 TYR A CG  1 
ATOM   699 C  CD1 . TYR A 1 82  ? -6.647  3.589   11.701  1.00 30.04 ? 134 TYR A CD1 1 
ATOM   700 C  CD2 . TYR A 1 82  ? -5.662  1.835   10.383  1.00 26.86 ? 134 TYR A CD2 1 
ATOM   701 C  CE1 . TYR A 1 82  ? -6.929  2.683   12.686  1.00 30.90 ? 134 TYR A CE1 1 
ATOM   702 C  CE2 . TYR A 1 82  ? -5.925  0.887   11.401  1.00 27.33 ? 134 TYR A CE2 1 
ATOM   703 C  CZ  . TYR A 1 82  ? -6.568  1.349   12.541  1.00 29.26 ? 134 TYR A CZ  1 
ATOM   704 O  OH  . TYR A 1 82  ? -6.823  0.444   13.568  1.00 29.58 ? 134 TYR A OH  1 
ATOM   705 N  N   . HIS A 1 83  ? -2.816  3.385   8.560   1.00 21.64 ? 135 HIS A N   1 
ATOM   706 C  CA  . HIS A 1 83  ? -1.797  2.395   8.633   1.00 21.95 ? 135 HIS A CA  1 
ATOM   707 C  C   . HIS A 1 83  ? -0.331  2.902   8.681   1.00 21.48 ? 135 HIS A C   1 
ATOM   708 O  O   . HIS A 1 83  ? 0.629   2.082   8.608   1.00 23.29 ? 135 HIS A O   1 
ATOM   709 C  CB  . HIS A 1 83  ? -2.050  1.388   7.483   1.00 21.78 ? 135 HIS A CB  1 
ATOM   710 C  CG  . HIS A 1 83  ? -3.144  0.429   7.784   1.00 21.38 ? 135 HIS A CG  1 
ATOM   711 N  ND1 . HIS A 1 83  ? -4.404  0.522   7.238   1.00 26.03 ? 135 HIS A ND1 1 
ATOM   712 C  CD2 . HIS A 1 83  ? -3.182  -0.609  8.654   1.00 20.44 ? 135 HIS A CD2 1 
ATOM   713 C  CE1 . HIS A 1 83  ? -5.163  -0.433  7.745   1.00 20.81 ? 135 HIS A CE1 1 
ATOM   714 N  NE2 . HIS A 1 83  ? -4.444  -1.131  8.591   1.00 23.67 ? 135 HIS A NE2 1 
ATOM   715 N  N   . ARG A 1 84  ? -0.156  4.208   8.895   1.00 22.37 ? 136 ARG A N   1 
ATOM   716 C  CA  . ARG A 1 84  ? 1.120   4.816   9.262   1.00 21.93 ? 136 ARG A CA  1 
ATOM   717 C  C   . ARG A 1 84  ? 1.390   4.556   10.739  1.00 23.84 ? 136 ARG A C   1 
ATOM   718 O  O   . ARG A 1 84  ? 2.513   4.580   11.140  1.00 23.54 ? 136 ARG A O   1 
ATOM   719 C  CB  . ARG A 1 84  ? 1.096   6.317   9.018   1.00 22.76 ? 136 ARG A CB  1 
ATOM   720 C  CG  . ARG A 1 84  ? 0.988   6.614   7.479   1.00 20.73 ? 136 ARG A CG  1 
ATOM   721 C  CD  . ARG A 1 84  ? 0.962   8.090   7.345   1.00 23.63 ? 136 ARG A CD  1 
ATOM   722 N  NE  . ARG A 1 84  ? 0.761   8.501   5.912   1.00 23.40 ? 136 ARG A NE  1 
ATOM   723 C  CZ  . ARG A 1 84  ? 1.745   8.598   5.037   1.00 26.34 ? 136 ARG A CZ  1 
ATOM   724 N  NH1 . ARG A 1 84  ? 2.968   8.274   5.381   1.00 27.43 ? 136 ARG A NH1 1 
ATOM   725 N  NH2 . ARG A 1 84  ? 1.497   9.003   3.781   1.00 27.17 ? 136 ARG A NH2 1 
ATOM   726 N  N   . SER A 1 85  ? 0.330   4.297   11.471  1.00 25.21 ? 137 SER A N   1 
ATOM   727 C  CA  . SER A 1 85  ? 0.540   4.024   12.922  1.00 26.76 ? 137 SER A CA  1 
ATOM   728 C  C   . SER A 1 85  ? -0.109  2.779   13.490  1.00 25.92 ? 137 SER A C   1 
ATOM   729 O  O   . SER A 1 85  ? 0.025   2.529   14.735  1.00 27.70 ? 137 SER A O   1 
ATOM   730 C  CB  . SER A 1 85  ? 0.176   5.260   13.729  1.00 26.97 ? 137 SER A CB  1 
ATOM   731 O  OG  . SER A 1 85  ? -1.195  5.582   13.671  1.00 26.47 ? 137 SER A OG  1 
ATOM   732 N  N   . THR A 1 86  ? -0.786  1.981   12.651  1.00 26.21 ? 138 THR A N   1 
ATOM   733 C  CA  . THR A 1 86  ? -1.237  0.661   13.012  1.00 24.81 ? 138 THR A CA  1 
ATOM   734 C  C   . THR A 1 86  ? -0.681  -0.258  11.916  1.00 25.77 ? 138 THR A C   1 
ATOM   735 O  O   . THR A 1 86  ? -0.804  0.068   10.737  1.00 24.62 ? 138 THR A O   1 
ATOM   736 C  CB  . THR A 1 86  ? -2.751  0.609   13.049  1.00 25.86 ? 138 THR A CB  1 
ATOM   737 O  OG1 . THR A 1 86  ? -3.207  1.438   14.124  1.00 26.79 ? 138 THR A OG1 1 
ATOM   738 C  CG2 . THR A 1 86  ? -3.257  -0.776  13.245  1.00 25.74 ? 138 THR A CG2 1 
ATOM   739 N  N   . SER A 1 87  ? -0.067  -1.369  12.315  1.00 24.91 ? 139 SER A N   1 
ATOM   740 C  CA  . SER A 1 87  ? 0.585   -2.268  11.325  1.00 23.57 ? 139 SER A CA  1 
ATOM   741 C  C   . SER A 1 87  ? -0.338  -2.719  10.181  1.00 23.95 ? 139 SER A C   1 
ATOM   742 O  O   . SER A 1 87  ? -1.523  -3.030  10.389  1.00 23.27 ? 139 SER A O   1 
ATOM   743 C  CB  . SER A 1 87  ? 1.151   -3.545  12.023  1.00 22.72 ? 139 SER A CB  1 
ATOM   744 O  OG  . SER A 1 87  ? 1.993   -4.252  11.097  1.00 23.34 ? 139 SER A OG  1 
ATOM   745 N  N   . VAL A 1 88  ? 0.204   -2.752  8.958   1.00 24.27 ? 140 VAL A N   1 
ATOM   746 C  CA  . VAL A 1 88  ? -0.537  -3.357  7.886   1.00 25.44 ? 140 VAL A CA  1 
ATOM   747 C  C   . VAL A 1 88  ? -0.527  -4.875  7.954   1.00 25.14 ? 140 VAL A C   1 
ATOM   748 O  O   . VAL A 1 88  ? -1.336  -5.534  7.244   1.00 25.22 ? 140 VAL A O   1 
ATOM   749 C  CB  . VAL A 1 88  ? 0.048   -2.948  6.462   1.00 24.96 ? 140 VAL A CB  1 
ATOM   750 C  CG1 . VAL A 1 88  ? -0.241  -1.476  6.217   1.00 26.98 ? 140 VAL A CG1 1 
ATOM   751 C  CG2 . VAL A 1 88  ? 1.551   -3.320  6.324   1.00 26.84 ? 140 VAL A CG2 1 
ATOM   752 N  N   . SER A 1 89  ? 0.422   -5.465  8.730   1.00 23.76 ? 141 SER A N   1 
ATOM   753 C  CA  . SER A 1 89  ? 0.686   -6.910  8.667   1.00 23.86 ? 141 SER A CA  1 
ATOM   754 C  C   . SER A 1 89  ? 0.226   -7.579  9.970   1.00 25.36 ? 141 SER A C   1 
ATOM   755 O  O   . SER A 1 89  ? 0.243   -6.922  11.039  1.00 26.54 ? 141 SER A O   1 
ATOM   756 C  CB  . SER A 1 89  ? 2.183   -7.162  8.436   1.00 24.75 ? 141 SER A CB  1 
ATOM   757 O  OG  . SER A 1 89  ? 2.552   -8.520  8.609   1.00 24.30 ? 141 SER A OG  1 
ATOM   758 N  N   . ARG A 1 90  ? -0.226  -8.832  9.828   1.00 26.21 ? 142 ARG A N   1 
ATOM   759 C  CA  . ARG A 1 90  ? -0.565  -9.689  10.986  1.00 27.05 ? 142 ARG A CA  1 
ATOM   760 C  C   . ARG A 1 90  ? 0.634   -10.541 11.397  1.00 26.45 ? 142 ARG A C   1 
ATOM   761 O  O   . ARG A 1 90  ? 0.573   -11.266 12.369  1.00 25.63 ? 142 ARG A O   1 
ATOM   762 C  CB  . ARG A 1 90  ? -1.754  -10.546 10.637  1.00 25.12 ? 142 ARG A CB  1 
ATOM   763 C  CG  . ARG A 1 90  ? -3.003  -9.715  10.638  1.00 31.75 ? 142 ARG A CG  1 
ATOM   764 C  CD  . ARG A 1 90  ? -4.235  -10.592 10.554  1.00 38.17 ? 142 ARG A CD  1 
ATOM   765 N  NE  . ARG A 1 90  ? -5.424  -9.820  10.948  1.00 45.58 ? 142 ARG A NE  1 
ATOM   766 C  CZ  . ARG A 1 90  ? -6.683  -10.241 10.777  1.00 44.73 ? 142 ARG A CZ  1 
ATOM   767 N  NH1 . ARG A 1 90  ? -6.911  -11.424 10.204  1.00 41.56 ? 142 ARG A NH1 1 
ATOM   768 N  NH2 . ARG A 1 90  ? -7.702  -9.466  11.147  1.00 43.34 ? 142 ARG A NH2 1 
ATOM   769 N  N   . ASN A 1 91  ? 1.734   -10.412 10.653  1.00 26.53 ? 143 ASN A N   1 
ATOM   770 C  CA  . ASN A 1 91  ? 2.975   -11.151 10.936  1.00 26.66 ? 143 ASN A CA  1 
ATOM   771 C  C   . ASN A 1 91  ? 4.172   -10.348 11.446  1.00 25.92 ? 143 ASN A C   1 
ATOM   772 O  O   . ASN A 1 91  ? 5.116   -10.910 12.031  1.00 26.15 ? 143 ASN A O   1 
ATOM   773 C  CB  . ASN A 1 91  ? 3.465   -11.807 9.647   1.00 27.83 ? 143 ASN A CB  1 
ATOM   774 C  CG  . ASN A 1 91  ? 2.546   -12.855 9.152   1.00 33.28 ? 143 ASN A CG  1 
ATOM   775 O  OD1 . ASN A 1 91  ? 1.931   -13.553 9.930   1.00 35.91 ? 143 ASN A OD1 1 
ATOM   776 N  ND2 . ASN A 1 91  ? 2.488   -13.026 7.819   1.00 39.40 ? 143 ASN A ND2 1 
ATOM   777 N  N   . GLN A 1 92  ? 4.223   -9.066  11.104  1.00 25.87 ? 144 GLN A N   1 
ATOM   778 C  CA  . GLN A 1 92  ? 5.288   -8.178  11.528  1.00 25.22 ? 144 GLN A CA  1 
ATOM   779 C  C   . GLN A 1 92  ? 4.654   -6.814  11.792  1.00 24.06 ? 144 GLN A C   1 
ATOM   780 O  O   . GLN A 1 92  ? 3.525   -6.501  11.332  1.00 23.48 ? 144 GLN A O   1 
ATOM   781 C  CB  . GLN A 1 92  ? 6.354   -7.967  10.390  1.00 26.58 ? 144 GLN A CB  1 
ATOM   782 C  CG  . GLN A 1 92  ? 7.054   -9.241  9.875   1.00 28.53 ? 144 GLN A CG  1 
ATOM   783 C  CD  . GLN A 1 92  ? 6.319   -9.922  8.660   1.00 36.93 ? 144 GLN A CD  1 
ATOM   784 O  OE1 . GLN A 1 92  ? 5.428   -9.322  8.028   1.00 41.31 ? 144 GLN A OE1 1 
ATOM   785 N  NE2 . GLN A 1 92  ? 6.701   -11.176 8.347   1.00 38.42 ? 144 GLN A NE2 1 
ATOM   786 N  N   . GLN A 1 93  ? 5.378   -5.990  12.541  1.00 23.88 ? 145 GLN A N   1 
ATOM   787 C  CA  . GLN A 1 93  ? 5.006   -4.617  12.772  1.00 24.75 ? 145 GLN A CA  1 
ATOM   788 C  C   . GLN A 1 93  ? 5.597   -3.841  11.632  1.00 26.27 ? 145 GLN A C   1 
ATOM   789 O  O   . GLN A 1 93  ? 6.805   -3.523  11.638  1.00 26.90 ? 145 GLN A O   1 
ATOM   790 C  CB  . GLN A 1 93  ? 5.582   -4.114  14.115  1.00 25.54 ? 145 GLN A CB  1 
ATOM   791 C  CG  . GLN A 1 93  ? 4.877   -4.745  15.319  1.00 26.73 ? 145 GLN A CG  1 
ATOM   792 C  CD  . GLN A 1 93  ? 3.409   -4.386  15.379  1.00 25.13 ? 145 GLN A CD  1 
ATOM   793 O  OE1 . GLN A 1 93  ? 2.597   -4.958  14.685  1.00 28.06 ? 145 GLN A OE1 1 
ATOM   794 N  NE2 . GLN A 1 93  ? 3.066   -3.393  16.201  1.00 27.94 ? 145 GLN A NE2 1 
ATOM   795 N  N   A ILE A 1 94  ? 4.768   -3.537  10.653  0.50 24.80 ? 146 ILE A N   1 
ATOM   796 N  N   B ILE A 1 94  ? 4.767   -3.541  10.651  0.50 24.97 ? 146 ILE A N   1 
ATOM   797 C  CA  A ILE A 1 94  ? 5.141   -2.745  9.512   0.50 25.51 ? 146 ILE A CA  1 
ATOM   798 C  CA  B ILE A 1 94  ? 5.134   -2.751  9.503   0.50 25.96 ? 146 ILE A CA  1 
ATOM   799 C  C   A ILE A 1 94  ? 4.220   -1.554  9.367   0.50 24.91 ? 146 ILE A C   1 
ATOM   800 C  C   B ILE A 1 94  ? 4.217   -1.555  9.366   0.50 25.21 ? 146 ILE A C   1 
ATOM   801 O  O   A ILE A 1 94  ? 3.055   -1.708  9.214   0.50 24.60 ? 146 ILE A O   1 
ATOM   802 O  O   B ILE A 1 94  ? 3.052   -1.705  9.214   0.50 25.02 ? 146 ILE A O   1 
ATOM   803 C  CB  A ILE A 1 94  ? 5.038   -3.530  8.235   0.50 25.94 ? 146 ILE A CB  1 
ATOM   804 C  CB  B ILE A 1 94  ? 5.010   -3.535  8.220   0.50 26.42 ? 146 ILE A CB  1 
ATOM   805 C  CG1 A ILE A 1 94  ? 5.840   -4.805  8.325   0.50 25.69 ? 146 ILE A CG1 1 
ATOM   806 C  CG1 B ILE A 1 94  ? 5.806   -4.813  8.301   0.50 27.49 ? 146 ILE A CG1 1 
ATOM   807 C  CG2 A ILE A 1 94  ? 5.526   -2.717  7.102   0.50 24.74 ? 146 ILE A CG2 1 
ATOM   808 C  CG2 B ILE A 1 94  ? 5.511   -2.725  7.092   0.50 25.30 ? 146 ILE A CG2 1 
ATOM   809 C  CD1 A ILE A 1 94  ? 5.737   -5.619  7.097   0.50 23.86 ? 146 ILE A CD1 1 
ATOM   810 C  CD1 B ILE A 1 94  ? 7.235   -4.555  8.560   0.50 28.01 ? 146 ILE A CD1 1 
ATOM   811 N  N   . PHE A 1 95  ? 4.793   -0.374  9.397   1.00 24.57 ? 147 PHE A N   1 
ATOM   812 C  CA  . PHE A 1 95  ? 4.033   0.863   9.319   1.00 24.66 ? 147 PHE A CA  1 
ATOM   813 C  C   . PHE A 1 95  ? 4.358   1.625   8.073   1.00 24.09 ? 147 PHE A C   1 
ATOM   814 O  O   . PHE A 1 95  ? 5.529   1.870   7.761   1.00 25.18 ? 147 PHE A O   1 
ATOM   815 C  CB  . PHE A 1 95  ? 4.327   1.750   10.521  1.00 25.79 ? 147 PHE A CB  1 
ATOM   816 C  CG  . PHE A 1 95  ? 4.037   1.081   11.826  1.00 25.42 ? 147 PHE A CG  1 
ATOM   817 C  CD1 . PHE A 1 95  ? 5.026   0.371   12.501  1.00 30.93 ? 147 PHE A CD1 1 
ATOM   818 C  CD2 . PHE A 1 95  ? 2.728   1.051   12.305  1.00 28.29 ? 147 PHE A CD2 1 
ATOM   819 C  CE1 . PHE A 1 95  ? 4.741   -0.324  13.696  1.00 29.82 ? 147 PHE A CE1 1 
ATOM   820 C  CE2 . PHE A 1 95  ? 2.439   0.345   13.557  1.00 27.08 ? 147 PHE A CE2 1 
ATOM   821 C  CZ  . PHE A 1 95  ? 3.458   -0.330  14.199  1.00 27.38 ? 147 PHE A CZ  1 
ATOM   822 N  N   . LEU A 1 96  ? 3.289   2.068   7.431   1.00 23.84 ? 148 LEU A N   1 
ATOM   823 C  CA  . LEU A 1 96  ? 3.464   2.795   6.161   1.00 22.84 ? 148 LEU A CA  1 
ATOM   824 C  C   . LEU A 1 96  ? 4.277   4.092   6.349   1.00 24.62 ? 148 LEU A C   1 
ATOM   825 O  O   . LEU A 1 96  ? 4.037   4.913   7.284   1.00 24.08 ? 148 LEU A O   1 
ATOM   826 C  CB  . LEU A 1 96  ? 2.116   3.120   5.507   1.00 21.01 ? 148 LEU A CB  1 
ATOM   827 C  CG  . LEU A 1 96  ? 1.253   1.899   5.163   1.00 19.92 ? 148 LEU A CG  1 
ATOM   828 C  CD1 . LEU A 1 96  ? 0.000   2.321   4.564   1.00 19.55 ? 148 LEU A CD1 1 
ATOM   829 C  CD2 . LEU A 1 96  ? 1.977   0.761   4.327   1.00 22.11 ? 148 LEU A CD2 1 
ATOM   830 N  N   . ARG A 1 97  ? 5.228   4.277   5.436   1.00 23.74 ? 149 ARG A N   1 
ATOM   831 C  CA  . ARG A 1 97  ? 5.958   5.515   5.398   1.00 24.80 ? 149 ARG A CA  1 
ATOM   832 C  C   . ARG A 1 97  ? 6.214   5.881   3.970   1.00 24.83 ? 149 ARG A C   1 
ATOM   833 O  O   . ARG A 1 97  ? 6.392   5.002   3.130   1.00 25.88 ? 149 ARG A O   1 
ATOM   834 C  CB  . ARG A 1 97  ? 7.283   5.367   6.163   1.00 26.97 ? 149 ARG A CB  1 
ATOM   835 C  CG  . ARG A 1 97  ? 8.046   4.155   5.786   1.00 26.38 ? 149 ARG A CG  1 
ATOM   836 C  CD  . ARG A 1 97  ? 9.472   4.153   6.436   1.00 30.17 ? 149 ARG A CD  1 
ATOM   837 N  NE  . ARG A 1 97  ? 10.239  5.330   6.061   1.00 35.26 ? 149 ARG A NE  1 
ATOM   838 C  CZ  . ARG A 1 97  ? 10.977  6.023   6.933   1.00 43.66 ? 149 ARG A CZ  1 
ATOM   839 N  NH1 . ARG A 1 97  ? 11.027  5.653   8.206   1.00 46.31 ? 149 ARG A NH1 1 
ATOM   840 N  NH2 . ARG A 1 97  ? 11.678  7.069   6.538   1.00 48.41 ? 149 ARG A NH2 1 
ATOM   841 N  N   . ASP A 1 98  ? 6.240   7.175   3.675   1.00 27.05 ? 150 ASP A N   1 
ATOM   842 C  CA  . ASP A 1 98  ? 6.373   7.585   2.270   1.00 28.81 ? 150 ASP A CA  1 
ATOM   843 C  C   . ASP A 1 98  ? 7.692   7.141   1.633   1.00 28.26 ? 150 ASP A C   1 
ATOM   844 O  O   . ASP A 1 98  ? 8.740   7.153   2.279   1.00 27.96 ? 150 ASP A O   1 
ATOM   845 C  CB  . ASP A 1 98  ? 6.275   9.105   2.147   1.00 31.46 ? 150 ASP A CB  1 
ATOM   846 C  CG  . ASP A 1 98  ? 4.863   9.642   2.512   1.00 34.04 ? 150 ASP A CG  1 
ATOM   847 O  OD1 . ASP A 1 98  ? 3.908   8.864   2.459   1.00 35.19 ? 150 ASP A OD1 1 
ATOM   848 O  OD2 . ASP A 1 98  ? 4.766   10.846  2.845   1.00 38.72 ? 150 ASP A OD2 1 
ATOM   849 N  N   . ILE A 1 99  ? 7.640   6.791   0.351   1.00 28.08 ? 151 ILE A N   1 
ATOM   850 C  CA  . ILE A 1 99  ? 8.848   6.510   -0.394  1.00 29.12 ? 151 ILE A CA  1 
ATOM   851 C  C   . ILE A 1 99  ? 9.837   7.707   -0.280  1.00 31.02 ? 151 ILE A C   1 
ATOM   852 O  O   . ILE A 1 99  ? 9.424   8.852   -0.119  1.00 30.31 ? 151 ILE A O   1 
ATOM   853 C  CB  . ILE A 1 99  ? 8.521   6.286   -1.868  1.00 28.12 ? 151 ILE A CB  1 
ATOM   854 C  CG1 . ILE A 1 99  ? 7.644   7.458   -2.406  1.00 31.23 ? 151 ILE A CG1 1 
ATOM   855 C  CG2 . ILE A 1 99  ? 7.926   4.915   -2.005  1.00 27.97 ? 151 ILE A CG2 1 
ATOM   856 C  CD1 . ILE A 1 99  ? 7.495   7.554   -3.944  1.00 37.35 ? 151 ILE A CD1 1 
ATOM   857 N  N   . GLU A 1 100 ? 11.113  7.392   -0.240  1.00 34.57 ? 152 GLU A N   1 
ATOM   858 C  CA  . GLU A 1 100 ? 12.161  8.351   -0.560  1.00 40.30 ? 152 GLU A CA  1 
ATOM   859 C  C   . GLU A 1 100 ? 12.080  8.625   -2.078  1.00 44.24 ? 152 GLU A C   1 
ATOM   860 O  O   . GLU A 1 100 ? 12.295  7.715   -2.938  1.00 44.91 ? 152 GLU A O   1 
ATOM   861 C  CB  . GLU A 1 100 ? 13.533  7.760   -0.236  1.00 40.32 ? 152 GLU A CB  1 
ATOM   862 C  CG  . GLU A 1 100 ? 13.858  7.574   1.260   1.00 42.10 ? 152 GLU A CG  1 
ATOM   863 C  CD  . GLU A 1 100 ? 15.302  7.983   1.574   0.50 43.24 ? 152 GLU A CD  1 
ATOM   864 O  OE1 . GLU A 1 100 ? 16.074  7.143   2.129   0.50 39.76 ? 152 GLU A OE1 1 
ATOM   865 O  OE2 . GLU A 1 100 ? 15.647  9.159   1.274   0.50 43.26 ? 152 GLU A OE2 1 
ATOM   866 N  N   . GLN A 1 101 ? 11.819  9.880   -2.375  1.00 48.39 ? 153 GLN A N   1 
ATOM   867 C  CA  . GLN A 1 101 ? 11.672  10.382  -3.717  1.00 52.71 ? 153 GLN A CA  1 
ATOM   868 C  C   . GLN A 1 101 ? 13.004  10.801  -4.411  1.00 55.00 ? 153 GLN A C   1 
ATOM   869 O  O   . GLN A 1 101 ? 13.809  11.555  -3.875  1.00 55.92 ? 153 GLN A O   1 
ATOM   870 C  CB  . GLN A 1 101 ? 10.671  11.552  -3.686  1.00 53.03 ? 153 GLN A CB  1 
ATOM   871 C  CG  . GLN A 1 101 ? 9.276   11.112  -3.324  1.00 55.37 ? 153 GLN A CG  1 
ATOM   872 C  CD  . GLN A 1 101 ? 8.533   12.003  -2.345  1.00 59.50 ? 153 GLN A CD  1 
ATOM   873 O  OE1 . GLN A 1 101 ? 8.291   13.176  -2.606  1.00 60.62 ? 153 GLN A OE1 1 
ATOM   874 N  NE2 . GLN A 1 101 ? 8.119   11.420  -1.218  1.00 59.17 ? 153 GLN A NE2 1 
ATOM   875 N  N   . VAL A 1 102 ? 13.206  10.329  -5.640  1.00 56.70 ? 154 VAL A N   1 
ATOM   876 C  CA  . VAL A 1 102 ? 14.273  10.835  -6.478  1.00 58.15 ? 154 VAL A CA  1 
ATOM   877 C  C   . VAL A 1 102 ? 14.162  12.334  -6.668  1.00 58.94 ? 154 VAL A C   1 
ATOM   878 O  O   . VAL A 1 102 ? 15.024  13.096  -6.266  1.00 59.30 ? 154 VAL A O   1 
ATOM   879 C  CB  . VAL A 1 102 ? 14.174  10.297  -7.852  1.00 58.23 ? 154 VAL A CB  1 
ATOM   880 C  CG1 . VAL A 1 102 ? 14.515  8.814   -7.881  1.00 59.51 ? 154 VAL A CG1 1 
ATOM   881 C  CG2 . VAL A 1 102 ? 12.802  10.621  -8.393  1.00 58.46 ? 154 VAL A CG2 1 
HETATM 882 C  C   . ACE B 2 1   ? -0.732  -12.211 -2.880  1.00 26.84 ? 1   ACE B C   1 
HETATM 883 O  O   . ACE B 2 1   ? 0.057   -11.338 -3.047  1.00 30.60 ? 1   ACE B O   1 
HETATM 884 C  CH3 . ACE B 2 1   ? -0.652  -13.437 -3.758  1.00 30.78 ? 1   ACE B CH3 1 
HETATM 885 N  N   . PTR B 2 2   ? -1.684  -12.202 -1.992  1.00 27.03 ? 2   PTR B N   1 
HETATM 886 C  CA  . PTR B 2 2   ? -1.944  -11.086 -1.092  1.00 24.56 ? 2   PTR B CA  1 
HETATM 887 C  C   . PTR B 2 2   ? -1.925  -11.553 0.368   1.00 27.80 ? 2   PTR B C   1 
HETATM 888 O  O   . PTR B 2 2   ? -2.471  -12.571 0.688   1.00 27.73 ? 2   PTR B O   1 
HETATM 889 C  CB  . PTR B 2 2   ? -3.279  -10.411 -1.452  1.00 24.21 ? 2   PTR B CB  1 
HETATM 890 C  CG  . PTR B 2 2   ? -3.285  -10.008 -2.928  1.00 25.80 ? 2   PTR B CG  1 
HETATM 891 C  CD1 . PTR B 2 2   ? -3.777  -10.868 -3.852  1.00 25.75 ? 2   PTR B CD1 1 
HETATM 892 C  CD2 . PTR B 2 2   ? -2.760  -8.812  -3.351  1.00 25.25 ? 2   PTR B CD2 1 
HETATM 893 C  CE1 . PTR B 2 2   ? -3.745  -10.525 -5.171  1.00 28.55 ? 2   PTR B CE1 1 
HETATM 894 C  CE2 . PTR B 2 2   ? -2.728  -8.471  -4.686  1.00 25.86 ? 2   PTR B CE2 1 
HETATM 895 C  CZ  . PTR B 2 2   ? -3.229  -9.334  -5.627  1.00 23.55 ? 2   PTR B CZ  1 
HETATM 896 O  OH  . PTR B 2 2   ? -3.248  -9.145  -6.947  1.00 23.33 ? 2   PTR B OH  1 
HETATM 897 P  P   . PTR B 2 2   ? -2.595  -7.963  -7.713  1.00 24.98 ? 2   PTR B P   1 
HETATM 898 O  O1P . PTR B 2 2   ? -2.469  -8.393  -9.128  1.00 25.96 ? 2   PTR B O1P 1 
HETATM 899 O  O2P . PTR B 2 2   ? -3.326  -6.764  -7.566  1.00 24.36 ? 2   PTR B O2P 1 
HETATM 900 O  O3P . PTR B 2 2   ? -1.339  -7.789  -7.319  1.00 23.37 ? 2   PTR B O3P 1 
HETATM 901 N  N   . AC5 B 2 3   ? -1.319  -10.746 1.183   1.00 26.31 ? 3   AC5 B N   1 
HETATM 902 O  O   . AC5 B 2 3   ? -2.726  -12.002 4.143   1.00 25.07 ? 3   AC5 B O   1 
HETATM 903 C  CA  . AC5 B 2 3   ? -1.206  -10.996 2.590   1.00 23.49 ? 3   AC5 B CA  1 
HETATM 904 C  C   . AC5 B 2 3   ? -2.585  -11.217 3.239   1.00 26.76 ? 3   AC5 B C   1 
HETATM 905 C  CB1 . AC5 B 2 3   ? -0.280  -12.172 2.748   1.00 25.94 ? 3   AC5 B CB1 1 
HETATM 906 C  CB2 . AC5 B 2 3   ? -0.493  -9.860  3.274   1.00 24.26 ? 3   AC5 B CB2 1 
HETATM 907 C  CG1 . AC5 B 2 3   ? 1.095   -11.652 3.084   1.00 29.35 ? 3   AC5 B CG1 1 
HETATM 908 C  CG2 . AC5 B 2 3   ? 0.977   -10.148 3.038   1.00 27.44 ? 3   AC5 B CG2 1 
ATOM   909 N  N   . ASN B 2 4   ? -3.544  -10.457 2.794   1.00 23.75 ? 4   ASN B N   1 
ATOM   910 C  CA  . ASN B 2 4   ? -4.889  -10.481 3.326   1.00 25.95 ? 4   ASN B CA  1 
ATOM   911 C  C   . ASN B 2 4   ? -5.865  -11.167 2.391   1.00 27.48 ? 4   ASN B C   1 
ATOM   912 O  O   . ASN B 2 4   ? -7.037  -10.978 2.486   1.00 29.34 ? 4   ASN B O   1 
ATOM   913 C  CB  . ASN B 2 4   ? -5.334  -9.062  3.643   1.00 25.63 ? 4   ASN B CB  1 
ATOM   914 C  CG  . ASN B 2 4   ? -5.501  -8.130  2.460   1.00 25.46 ? 4   ASN B CG  1 
ATOM   915 O  OD1 . ASN B 2 4   ? -4.839  -8.416  1.385   1.00 23.35 ? 4   ASN B OD1 1 
ATOM   916 N  ND2 . ASN B 2 4   ? -6.237  -7.077  2.619   1.00 23.96 ? 4   ASN B ND2 1 
HETATM 917 N  N   . NH2 B 2 5   ? -5.355  -12.019 1.567   1.00 28.49 ? 5   NH2 B N   1 
HETATM 918 C  C1  . GOL C 3 .   ? -13.503 -5.996  -3.142  1.00 41.63 ? 1   GOL A C1  1 
HETATM 919 O  O1  . GOL C 3 .   ? -13.781 -5.741  -1.823  1.00 41.28 ? 1   GOL A O1  1 
HETATM 920 C  C2  . GOL C 3 .   ? -13.560 -7.521  -3.322  1.00 45.34 ? 1   GOL A C2  1 
HETATM 921 O  O2  . GOL C 3 .   ? -14.913 -8.035  -3.423  1.00 48.47 ? 1   GOL A O2  1 
HETATM 922 C  C3  . GOL C 3 .   ? -12.968 -7.806  -4.668  1.00 41.52 ? 1   GOL A C3  1 
HETATM 923 O  O3  . GOL C 3 .   ? -13.269 -6.737  -5.518  1.00 40.70 ? 1   GOL A O3  1 
HETATM 924 C  C1  . GOL D 3 .   ? -4.800  14.945  7.451   1.00 58.99 ? 3   GOL A C1  1 
HETATM 925 O  O1  . GOL D 3 .   ? -3.945  16.014  7.880   1.00 59.98 ? 3   GOL A O1  1 
HETATM 926 C  C2  . GOL D 3 .   ? -5.416  15.272  6.089   1.00 60.32 ? 3   GOL A C2  1 
HETATM 927 O  O2  . GOL D 3 .   ? -4.425  15.180  5.019   1.00 59.83 ? 3   GOL A O2  1 
HETATM 928 C  C3  . GOL D 3 .   ? -6.574  14.297  5.815   1.00 59.83 ? 3   GOL A C3  1 
HETATM 929 O  O3  . GOL D 3 .   ? -7.343  14.048  6.986   1.00 59.61 ? 3   GOL A O3  1 
HETATM 930 CL CL  . CL  E 4 .   ? -0.095  -1.993  15.559  1.00 37.46 ? 4   CL  A CL  1 
HETATM 931 CL CL  . CL  F 4 .   ? 4.217   8.773   8.430   1.00 54.48 ? 5   CL  A CL  1 
HETATM 932 C  C1  . GOL G 3 .   ? -1.726  -12.752 -7.938  1.00 52.19 ? 6   GOL B C1  1 
HETATM 933 O  O1  . GOL G 3 .   ? -0.842  -13.873 -7.748  1.00 55.81 ? 6   GOL B O1  1 
HETATM 934 C  C2  . GOL G 3 .   ? -0.877  -11.745 -8.700  1.00 51.73 ? 6   GOL B C2  1 
HETATM 935 O  O2  . GOL G 3 .   ? 0.299   -12.431 -9.142  1.00 53.00 ? 6   GOL B O2  1 
HETATM 936 C  C3  . GOL G 3 .   ? -1.601  -11.266 -9.913  1.00 48.66 ? 6   GOL B C3  1 
HETATM 937 O  O3  . GOL G 3 .   ? -0.943  -10.115 -10.403 1.00 39.32 ? 6   GOL B O3  1 
HETATM 938 O  O   . HOH H 5 .   ? 0.016   -10.033 7.185   1.00 27.09 ? 6   HOH A O   1 
HETATM 939 O  O   . HOH H 5 .   ? 2.730   -9.803  6.262   1.00 28.97 ? 7   HOH A O   1 
HETATM 940 O  O   . HOH H 5 .   ? -9.308  -5.670  -3.774  1.00 28.57 ? 9   HOH A O   1 
HETATM 941 O  O   . HOH H 5 .   ? -10.111 -1.615  -4.121  1.00 26.71 ? 10  HOH A O   1 
HETATM 942 O  O   . HOH H 5 .   ? -12.590 -1.334  -5.534  1.00 34.10 ? 11  HOH A O   1 
HETATM 943 O  O   . HOH H 5 .   ? -15.062 -7.081  0.576   1.00 38.68 ? 12  HOH A O   1 
HETATM 944 O  O   . HOH H 5 .   ? -6.405  -10.256 -7.962  1.00 25.55 ? 13  HOH A O   1 
HETATM 945 O  O   . HOH H 5 .   ? 5.006   6.534   -0.915  1.00 32.29 ? 14  HOH A O   1 
HETATM 946 O  O   . HOH H 5 .   ? 6.367   9.112   5.942   1.00 32.01 ? 15  HOH A O   1 
HETATM 947 O  O   . HOH H 5 .   ? 11.003  5.788   3.326   1.00 34.00 ? 16  HOH A O   1 
HETATM 948 O  O   . HOH H 5 .   ? 12.426  8.577   4.296   1.00 49.39 ? 17  HOH A O   1 
HETATM 949 O  O   . HOH H 5 .   ? 12.749  4.018   2.002   1.00 27.59 ? 18  HOH A O   1 
HETATM 950 O  O   . HOH H 5 .   ? -1.068  10.374  3.138   1.00 26.67 ? 19  HOH A O   1 
HETATM 951 O  O   . HOH H 5 .   ? -12.890 7.045   7.268   1.00 41.21 ? 20  HOH A O   1 
HETATM 952 O  O   . HOH H 5 .   ? -13.052 3.755   10.818  1.00 39.43 ? 21  HOH A O   1 
HETATM 953 O  O   . HOH H 5 .   ? -17.790 6.469   8.669   1.00 55.01 ? 22  HOH A O   1 
HETATM 954 O  O   . HOH H 5 .   ? -8.084  -2.170  7.540   1.00 28.77 ? 23  HOH A O   1 
HETATM 955 O  O   . HOH H 5 .   ? -7.876  -3.414  11.179  1.00 34.63 ? 24  HOH A O   1 
HETATM 956 O  O   . HOH H 5 .   ? -5.889  -3.962  -16.655 0.50 31.74 ? 25  HOH A O   1 
HETATM 957 O  O   . HOH H 5 .   ? -6.519  -1.980  -13.987 0.50 12.34 ? 26  HOH A O   1 
HETATM 958 O  O   . HOH H 5 .   ? 14.015  -1.107  -14.925 0.50 24.38 ? 27  HOH A O   1 
HETATM 959 O  O   . HOH H 5 .   ? 15.332  -0.610  -10.997 0.50 30.81 ? 28  HOH A O   1 
HETATM 960 O  O   . HOH H 5 .   ? 11.642  2.272   -10.331 1.00 41.18 ? 29  HOH A O   1 
HETATM 961 O  O   . HOH H 5 .   ? 12.708  3.271   -5.155  1.00 35.08 ? 30  HOH A O   1 
HETATM 962 O  O   . HOH H 5 .   ? 13.966  -0.590  7.807   1.00 31.90 ? 31  HOH A O   1 
HETATM 963 O  O   . HOH H 5 .   ? 11.528  -3.084  10.148  1.00 37.53 ? 32  HOH A O   1 
HETATM 964 O  O   . HOH H 5 .   ? 7.841   2.354   8.669   1.00 38.80 ? 33  HOH A O   1 
HETATM 965 O  O   . HOH H 5 .   ? 7.770   -0.171  9.611   1.00 32.12 ? 34  HOH A O   1 
HETATM 966 O  O   . HOH H 5 .   ? 11.045  1.807   8.656   0.50 24.68 ? 35  HOH A O   1 
HETATM 967 O  O   . HOH H 5 .   ? -8.555  1.072   -9.812  1.00 24.88 ? 36  HOH A O   1 
HETATM 968 O  O   . HOH H 5 .   ? -7.665  -1.353  -11.092 1.00 33.58 ? 37  HOH A O   1 
HETATM 969 O  O   . HOH H 5 .   ? -13.569 -3.823  -9.356  1.00 36.44 ? 38  HOH A O   1 
HETATM 970 O  O   . HOH H 5 .   ? -21.474 -3.447  4.110   1.00 45.05 ? 39  HOH A O   1 
HETATM 971 O  O   . HOH H 5 .   ? -20.309 1.207   5.629   1.00 33.72 ? 40  HOH A O   1 
HETATM 972 O  O   . HOH H 5 .   ? -10.308 -9.812  7.010   1.00 41.37 ? 41  HOH A O   1 
HETATM 973 O  O   . HOH H 5 .   ? -3.547  3.999   13.348  1.00 29.46 ? 42  HOH A O   1 
HETATM 974 O  O   . HOH H 5 .   ? -5.328  -13.455 9.380   1.00 47.57 ? 43  HOH A O   1 
HETATM 975 O  O   . HOH H 5 .   ? 5.287   -1.462  17.106  0.50 21.45 ? 44  HOH A O   1 
HETATM 976 O  O   . HOH H 5 .   ? 9.738   10.670  2.175   0.50 30.16 ? 45  HOH A O   1 
HETATM 977 O  O   . HOH H 5 .   ? -0.065  10.997  -6.430  0.50 32.59 ? 48  HOH A O   1 
HETATM 978 O  O   . HOH H 5 .   ? 7.699   -10.552 4.015   0.50 28.86 ? 49  HOH A O   1 
HETATM 979 O  O   . HOH H 5 .   ? -9.150  -9.133  5.072   1.00 44.23 ? 50  HOH A O   1 
HETATM 980 O  O   . HOH H 5 .   ? -7.194  7.840   9.250   0.50 30.80 ? 51  HOH A O   1 
HETATM 981 O  O   . HOH H 5 .   ? -6.919  -7.147  12.554  0.50 42.71 ? 52  HOH A O   1 
HETATM 982 O  O   . HOH H 5 .   ? 0.165   -6.486  -12.408 1.00 26.62 ? 170 HOH A O   1 
HETATM 983 O  O   . HOH H 5 .   ? 3.248   -7.659  -12.925 1.00 31.19 ? 171 HOH A O   1 
HETATM 984 O  O   . HOH H 5 .   ? -1.175  -2.937  -10.519 1.00 23.05 ? 172 HOH A O   1 
HETATM 985 O  O   . HOH H 5 .   ? 4.083   -12.263 6.093   1.00 39.01 ? 173 HOH A O   1 
HETATM 986 O  O   . HOH H 5 .   ? 15.858  8.564   4.066   1.00 39.25 ? 174 HOH A O   1 
HETATM 987 O  O   . HOH H 5 .   ? -21.769 -1.772  6.136   1.00 53.49 ? 175 HOH A O   1 
HETATM 988 O  O   . HOH H 5 .   ? -13.098 -8.192  8.066   0.50 34.43 ? 176 HOH A O   1 
HETATM 989 O  O   . HOH H 5 .   ? 15.300  4.889   0.500   1.00 22.18 ? 177 HOH A O   1 
HETATM 990 O  O   . HOH H 5 .   ? 9.603   -4.560  -13.109 1.00 35.59 ? 178 HOH A O   1 
HETATM 991 O  O   . HOH H 5 .   ? 0.459   15.033  0.182   1.00 44.97 ? 179 HOH A O   1 
HETATM 992 O  O   . HOH H 5 .   ? -2.996  12.773  4.208   1.00 26.72 ? 180 HOH A O   1 
HETATM 993 O  O   . HOH H 5 .   ? -7.842  12.590  4.757   1.00 39.14 ? 181 HOH A O   1 
HETATM 994 O  O   . HOH I 5 .   ? 2.197   -10.578 -1.105  1.00 32.66 ? 7   HOH B O   1 
HETATM 995 O  O   . HOH I 5 .   ? -1.059  -12.606 6.547   1.00 31.30 ? 8   HOH B O   1 
HETATM 996 O  O   . HOH I 5 .   ? -1.959  -6.243  -10.720 1.00 25.69 ? 9   HOH B O   1 
HETATM 997 O  O   . HOH I 5 .   ? -6.025  -13.546 -0.841  1.00 41.09 ? 46  HOH B O   1 
HETATM 998 O  O   . HOH I 5 .   ? -3.510  -14.528 -2.357  0.50 23.64 ? 47  HOH B O   1 
HETATM 999 O  O   . HOH I 5 .   ? 1.344   -16.275 -8.191  1.00 50.41 ? 59  HOH B O   1 
# 
